data_1VPZ
# 
_entry.id   1VPZ 
# 
_audit_conform.dict_name       mmcif_pdbx.dic 
_audit_conform.dict_version    5.398 
_audit_conform.dict_location   http://mmcif.pdb.org/dictionaries/ascii/mmcif_pdbx.dic 
# 
loop_
_database_2.database_id 
_database_2.database_code 
_database_2.pdbx_database_accession 
_database_2.pdbx_DOI 
PDB   1VPZ         pdb_00001vpz 10.2210/pdb1vpz/pdb 
RCSB  RCSB002047   ?            ?                   
WWPDB D_1000002047 ?            ?                   
# 
loop_
_pdbx_audit_revision_history.ordinal 
_pdbx_audit_revision_history.data_content_type 
_pdbx_audit_revision_history.major_revision 
_pdbx_audit_revision_history.minor_revision 
_pdbx_audit_revision_history.revision_date 
1 'Structure model' 1 0 2004-12-14 
2 'Structure model' 1 1 2008-04-26 
3 'Structure model' 1 2 2011-07-13 
4 'Structure model' 1 3 2017-10-04 
5 'Structure model' 1 4 2023-01-25 
6 'Structure model' 1 5 2024-11-13 
# 
_pdbx_audit_revision_details.ordinal             1 
_pdbx_audit_revision_details.revision_ordinal    1 
_pdbx_audit_revision_details.data_content_type   'Structure model' 
_pdbx_audit_revision_details.provider            repository 
_pdbx_audit_revision_details.type                'Initial release' 
_pdbx_audit_revision_details.description         ? 
_pdbx_audit_revision_details.details             ? 
# 
loop_
_pdbx_audit_revision_group.ordinal 
_pdbx_audit_revision_group.revision_ordinal 
_pdbx_audit_revision_group.data_content_type 
_pdbx_audit_revision_group.group 
1 2 'Structure model' 'Version format compliance' 
2 3 'Structure model' Advisory                    
3 3 'Structure model' 'Version format compliance' 
4 4 'Structure model' 'Refinement description'    
5 5 'Structure model' 'Database references'       
6 5 'Structure model' 'Derived calculations'      
7 6 'Structure model' 'Data collection'           
8 6 'Structure model' 'Refinement description'    
9 6 'Structure model' 'Structure summary'         
# 
loop_
_pdbx_audit_revision_category.ordinal 
_pdbx_audit_revision_category.revision_ordinal 
_pdbx_audit_revision_category.data_content_type 
_pdbx_audit_revision_category.category 
1  4 'Structure model' software                  
2  5 'Structure model' database_2                
3  5 'Structure model' pdbx_database_related     
4  5 'Structure model' struct_conn               
5  5 'Structure model' struct_ref_seq_dif        
6  6 'Structure model' chem_comp_atom            
7  6 'Structure model' chem_comp_bond            
8  6 'Structure model' pdbx_entry_details        
9  6 'Structure model' pdbx_modification_feature 
10 6 'Structure model' struct_ncs_dom_lim        
# 
loop_
_pdbx_audit_revision_item.ordinal 
_pdbx_audit_revision_item.revision_ordinal 
_pdbx_audit_revision_item.data_content_type 
_pdbx_audit_revision_item.item 
1 5 'Structure model' '_database_2.pdbx_DOI'                 
2 5 'Structure model' '_database_2.pdbx_database_accession'  
3 5 'Structure model' '_pdbx_database_related.db_name'       
4 5 'Structure model' '_struct_conn.pdbx_leaving_atom_flag'  
5 5 'Structure model' '_struct_ref_seq_dif.details'          
6 6 'Structure model' '_struct_ncs_dom_lim.beg_auth_comp_id' 
7 6 'Structure model' '_struct_ncs_dom_lim.end_auth_comp_id' 
# 
_pdbx_database_status.entry_id                        1VPZ 
_pdbx_database_status.status_code                     REL 
_pdbx_database_status.deposit_site                    RCSB 
_pdbx_database_status.process_site                    RCSB 
_pdbx_database_status.recvd_initial_deposition_date   2004-11-24 
_pdbx_database_status.SG_entry                        Y 
_pdbx_database_status.status_code_sf                  REL 
_pdbx_database_status.status_code_cs                  ? 
_pdbx_database_status.pdb_format_compatible           Y 
_pdbx_database_status.status_code_mr                  ? 
_pdbx_database_status.methods_development_category    ? 
_pdbx_database_status.status_code_nmr_data            ? 
# 
loop_
_pdbx_database_related.db_name 
_pdbx_database_related.db_id 
_pdbx_database_related.details 
_pdbx_database_related.content_type 
TargetDB 9946807 . unspecified 
TargetDB 357779  . unspecified 
# 
_audit_author.name           'Joint Center for Structural Genomics (JCSG)' 
_audit_author.pdbx_ordinal   1 
# 
_citation.id                        primary 
_citation.title                     
'Crystal structure of the global regulatory protein CsrA from Pseudomonas putida at 2.05 A resolution reveals a new fold.' 
_citation.journal_abbrev            Proteins 
_citation.journal_volume            61 
_citation.page_first                449 
_citation.page_last                 453 
_citation.year                      2005 
_citation.journal_id_ASTM           PSFGEY 
_citation.country                   US 
_citation.journal_id_ISSN           0887-3585 
_citation.journal_id_CSD            0867 
_citation.book_publisher            ? 
_citation.pdbx_database_id_PubMed   16104018 
_citation.pdbx_database_id_DOI      10.1002/prot.20502 
# 
loop_
_citation_author.citation_id 
_citation_author.name 
_citation_author.ordinal 
_citation_author.identifier_ORCID 
primary 'Rife, C.'            1  ? 
primary 'Schwarzenbacher, R.' 2  ? 
primary 'McMullan, D.'        3  ? 
primary 'Abdubek, P.'         4  ? 
primary 'Ambing, E.'          5  ? 
primary 'Axelrod, H.'         6  ? 
primary 'Biorac, T.'          7  ? 
primary 'Canaves, J.M.'       8  ? 
primary 'Chiu, H.J.'          9  ? 
primary 'Deacon, A.M.'        10 ? 
primary 'DiDonato, M.'        11 ? 
primary 'Elsliger, M.A.'      12 ? 
primary 'Godzik, A.'          13 ? 
primary 'Grittini, C.'        14 ? 
primary 'Grzechnik, S.K.'     15 ? 
primary 'Hale, J.'            16 ? 
primary 'Hampton, E.'         17 ? 
primary 'Han, G.W.'           18 ? 
primary 'Haugen, J.'          19 ? 
primary 'Hornsby, M.'         20 ? 
primary 'Jaroszewski, L.'     21 ? 
primary 'Klock, H.E.'         22 ? 
primary 'Koesema, E.'         23 ? 
primary 'Kreusch, A.'         24 ? 
primary 'Kuhn, P.'            25 ? 
primary 'Lesley, S.A.'        26 ? 
primary 'Miller, M.D.'        27 ? 
primary 'Moy, K.'             28 ? 
primary 'Nigoghossian, E.'    29 ? 
primary 'Paulsen, J.'         30 ? 
primary 'Quijano, K.'         31 ? 
primary 'Reyes, R.'           32 ? 
primary 'Sims, E.'            33 ? 
primary 'Spraggon, G.'        34 ? 
primary 'Stevens, R.C.'       35 ? 
primary 'van den Bedem, H.'   36 ? 
primary 'Velasquez, J.'       37 ? 
primary 'Vincent, J.'         38 ? 
primary 'White, A.'           39 ? 
primary 'Wolf, G.'            40 ? 
primary 'Xu, Q.'              41 ? 
primary 'Hodgson, K.O.'       42 ? 
primary 'Wooley, J.'          43 ? 
primary 'Wilson, I.A.'        44 ? 
# 
loop_
_entity.id 
_entity.type 
_entity.src_method 
_entity.pdbx_description 
_entity.formula_weight 
_entity.pdbx_number_of_molecules 
_entity.pdbx_ec 
_entity.pdbx_mutation 
_entity.pdbx_fragment 
_entity.details 
1 polymer man 'Carbon storage regulator homolog' 8522.276 2  ? ? ? ? 
2 water   nat water                              18.015   23 ? ? ? ? 
# 
_entity_poly.entity_id                      1 
_entity_poly.type                           'polypeptide(L)' 
_entity_poly.nstd_linkage                   no 
_entity_poly.nstd_monomer                   yes 
_entity_poly.pdbx_seq_one_letter_code       
;(MSE)GSDKIHHHHHH(MSE)LILTRRVGETL(MSE)VGDDVTVTVLGVKGNQVRIGVNAPKEVAVHREEIYQRIQKEKD
QEPNH
;
_entity_poly.pdbx_seq_one_letter_code_can   MGSDKIHHHHHHMLILTRRVGETLMVGDDVTVTVLGVKGNQVRIGVNAPKEVAVHREEIYQRIQKEKDQEPNH 
_entity_poly.pdbx_strand_id                 A,B 
_entity_poly.pdbx_target_identifier         357779 
# 
_pdbx_entity_nonpoly.entity_id   2 
_pdbx_entity_nonpoly.name        water 
_pdbx_entity_nonpoly.comp_id     HOH 
# 
loop_
_entity_poly_seq.entity_id 
_entity_poly_seq.num 
_entity_poly_seq.mon_id 
_entity_poly_seq.hetero 
1 1  MSE n 
1 2  GLY n 
1 3  SER n 
1 4  ASP n 
1 5  LYS n 
1 6  ILE n 
1 7  HIS n 
1 8  HIS n 
1 9  HIS n 
1 10 HIS n 
1 11 HIS n 
1 12 HIS n 
1 13 MSE n 
1 14 LEU n 
1 15 ILE n 
1 16 LEU n 
1 17 THR n 
1 18 ARG n 
1 19 ARG n 
1 20 VAL n 
1 21 GLY n 
1 22 GLU n 
1 23 THR n 
1 24 LEU n 
1 25 MSE n 
1 26 VAL n 
1 27 GLY n 
1 28 ASP n 
1 29 ASP n 
1 30 VAL n 
1 31 THR n 
1 32 VAL n 
1 33 THR n 
1 34 VAL n 
1 35 LEU n 
1 36 GLY n 
1 37 VAL n 
1 38 LYS n 
1 39 GLY n 
1 40 ASN n 
1 41 GLN n 
1 42 VAL n 
1 43 ARG n 
1 44 ILE n 
1 45 GLY n 
1 46 VAL n 
1 47 ASN n 
1 48 ALA n 
1 49 PRO n 
1 50 LYS n 
1 51 GLU n 
1 52 VAL n 
1 53 ALA n 
1 54 VAL n 
1 55 HIS n 
1 56 ARG n 
1 57 GLU n 
1 58 GLU n 
1 59 ILE n 
1 60 TYR n 
1 61 GLN n 
1 62 ARG n 
1 63 ILE n 
1 64 GLN n 
1 65 LYS n 
1 66 GLU n 
1 67 LYS n 
1 68 ASP n 
1 69 GLN n 
1 70 GLU n 
1 71 PRO n 
1 72 ASN n 
1 73 HIS n 
# 
_entity_src_gen.entity_id                          1 
_entity_src_gen.pdbx_src_id                        1 
_entity_src_gen.pdbx_alt_source_flag               sample 
_entity_src_gen.pdbx_seq_type                      ? 
_entity_src_gen.pdbx_beg_seq_num                   ? 
_entity_src_gen.pdbx_end_seq_num                   ? 
_entity_src_gen.gene_src_common_name               ? 
_entity_src_gen.gene_src_genus                     Pseudomonas 
_entity_src_gen.pdbx_gene_src_gene                 csrA 
_entity_src_gen.gene_src_species                   ? 
_entity_src_gen.gene_src_strain                    ? 
_entity_src_gen.gene_src_tissue                    ? 
_entity_src_gen.gene_src_tissue_fraction           ? 
_entity_src_gen.gene_src_details                   ? 
_entity_src_gen.pdbx_gene_src_fragment             ? 
_entity_src_gen.pdbx_gene_src_scientific_name      'Pseudomonas aeruginosa' 
_entity_src_gen.pdbx_gene_src_ncbi_taxonomy_id     287 
_entity_src_gen.pdbx_gene_src_variant              ? 
_entity_src_gen.pdbx_gene_src_cell_line            ? 
_entity_src_gen.pdbx_gene_src_atcc                 ? 
_entity_src_gen.pdbx_gene_src_organ                ? 
_entity_src_gen.pdbx_gene_src_organelle            ? 
_entity_src_gen.pdbx_gene_src_cell                 ? 
_entity_src_gen.pdbx_gene_src_cellular_location    ? 
_entity_src_gen.host_org_common_name               ? 
_entity_src_gen.pdbx_host_org_scientific_name      'Escherichia coli' 
_entity_src_gen.pdbx_host_org_ncbi_taxonomy_id     562 
_entity_src_gen.host_org_genus                     Escherichia 
_entity_src_gen.pdbx_host_org_gene                 ? 
_entity_src_gen.pdbx_host_org_organ                ? 
_entity_src_gen.host_org_species                   ? 
_entity_src_gen.pdbx_host_org_tissue               ? 
_entity_src_gen.pdbx_host_org_tissue_fraction      ? 
_entity_src_gen.pdbx_host_org_strain               ? 
_entity_src_gen.pdbx_host_org_variant              ? 
_entity_src_gen.pdbx_host_org_cell_line            ? 
_entity_src_gen.pdbx_host_org_atcc                 ? 
_entity_src_gen.pdbx_host_org_culture_collection   ? 
_entity_src_gen.pdbx_host_org_cell                 ? 
_entity_src_gen.pdbx_host_org_organelle            ? 
_entity_src_gen.pdbx_host_org_cellular_location    ? 
_entity_src_gen.pdbx_host_org_vector_type          Plasmid 
_entity_src_gen.pdbx_host_org_vector               ? 
_entity_src_gen.host_org_details                   ? 
_entity_src_gen.expression_system_id               ? 
_entity_src_gen.plasmid_name                       ? 
_entity_src_gen.plasmid_details                    ? 
_entity_src_gen.pdbx_description                   ? 
# 
loop_
_chem_comp.id 
_chem_comp.type 
_chem_comp.mon_nstd_flag 
_chem_comp.name 
_chem_comp.pdbx_synonyms 
_chem_comp.formula 
_chem_comp.formula_weight 
ALA 'L-peptide linking' y ALANINE          ? 'C3 H7 N O2'     89.093  
ARG 'L-peptide linking' y ARGININE         ? 'C6 H15 N4 O2 1' 175.209 
ASN 'L-peptide linking' y ASPARAGINE       ? 'C4 H8 N2 O3'    132.118 
ASP 'L-peptide linking' y 'ASPARTIC ACID'  ? 'C4 H7 N O4'     133.103 
GLN 'L-peptide linking' y GLUTAMINE        ? 'C5 H10 N2 O3'   146.144 
GLU 'L-peptide linking' y 'GLUTAMIC ACID'  ? 'C5 H9 N O4'     147.129 
GLY 'peptide linking'   y GLYCINE          ? 'C2 H5 N O2'     75.067  
HIS 'L-peptide linking' y HISTIDINE        ? 'C6 H10 N3 O2 1' 156.162 
HOH non-polymer         . WATER            ? 'H2 O'           18.015  
ILE 'L-peptide linking' y ISOLEUCINE       ? 'C6 H13 N O2'    131.173 
LEU 'L-peptide linking' y LEUCINE          ? 'C6 H13 N O2'    131.173 
LYS 'L-peptide linking' y LYSINE           ? 'C6 H15 N2 O2 1' 147.195 
MET 'L-peptide linking' y METHIONINE       ? 'C5 H11 N O2 S'  149.211 
MSE 'L-peptide linking' n SELENOMETHIONINE ? 'C5 H11 N O2 Se' 196.106 
PRO 'L-peptide linking' y PROLINE          ? 'C5 H9 N O2'     115.130 
SER 'L-peptide linking' y SERINE           ? 'C3 H7 N O3'     105.093 
THR 'L-peptide linking' y THREONINE        ? 'C4 H9 N O3'     119.119 
TYR 'L-peptide linking' y TYROSINE         ? 'C9 H11 N O3'    181.189 
VAL 'L-peptide linking' y VALINE           ? 'C5 H11 N O2'    117.146 
# 
loop_
_pdbx_poly_seq_scheme.asym_id 
_pdbx_poly_seq_scheme.entity_id 
_pdbx_poly_seq_scheme.seq_id 
_pdbx_poly_seq_scheme.mon_id 
_pdbx_poly_seq_scheme.ndb_seq_num 
_pdbx_poly_seq_scheme.pdb_seq_num 
_pdbx_poly_seq_scheme.auth_seq_num 
_pdbx_poly_seq_scheme.pdb_mon_id 
_pdbx_poly_seq_scheme.auth_mon_id 
_pdbx_poly_seq_scheme.pdb_strand_id 
_pdbx_poly_seq_scheme.pdb_ins_code 
_pdbx_poly_seq_scheme.hetero 
A 1 1  MSE 1  -11 ?  ?   ?   A . n 
A 1 2  GLY 2  -10 ?  ?   ?   A . n 
A 1 3  SER 3  -9  ?  ?   ?   A . n 
A 1 4  ASP 4  -8  ?  ?   ?   A . n 
A 1 5  LYS 5  -7  ?  ?   ?   A . n 
A 1 6  ILE 6  -6  ?  ?   ?   A . n 
A 1 7  HIS 7  -5  ?  ?   ?   A . n 
A 1 8  HIS 8  -4  ?  ?   ?   A . n 
A 1 9  HIS 9  -3  ?  ?   ?   A . n 
A 1 10 HIS 10 -2  ?  ?   ?   A . n 
A 1 11 HIS 11 -1  -1 HIS HIS A . n 
A 1 12 HIS 12 0   0  HIS HIS A . n 
A 1 13 MSE 13 1   1  MSE MSE A . n 
A 1 14 LEU 14 2   2  LEU LEU A . n 
A 1 15 ILE 15 3   3  ILE ILE A . n 
A 1 16 LEU 16 4   4  LEU LEU A . n 
A 1 17 THR 17 5   5  THR THR A . n 
A 1 18 ARG 18 6   6  ARG ARG A . n 
A 1 19 ARG 19 7   7  ARG ARG A . n 
A 1 20 VAL 20 8   8  VAL VAL A . n 
A 1 21 GLY 21 9   9  GLY GLY A . n 
A 1 22 GLU 22 10  10 GLU GLU A . n 
A 1 23 THR 23 11  11 THR THR A . n 
A 1 24 LEU 24 12  12 LEU LEU A . n 
A 1 25 MSE 25 13  13 MSE MSE A . n 
A 1 26 VAL 26 14  14 VAL VAL A . n 
A 1 27 GLY 27 15  15 GLY GLY A . n 
A 1 28 ASP 28 16  16 ASP ASP A . n 
A 1 29 ASP 29 17  17 ASP ASP A . n 
A 1 30 VAL 30 18  18 VAL VAL A . n 
A 1 31 THR 31 19  19 THR THR A . n 
A 1 32 VAL 32 20  20 VAL VAL A . n 
A 1 33 THR 33 21  21 THR THR A . n 
A 1 34 VAL 34 22  22 VAL VAL A . n 
A 1 35 LEU 35 23  23 LEU LEU A . n 
A 1 36 GLY 36 24  24 GLY GLY A . n 
A 1 37 VAL 37 25  25 VAL VAL A . n 
A 1 38 LYS 38 26  26 LYS LYS A . n 
A 1 39 GLY 39 27  27 GLY GLY A . n 
A 1 40 ASN 40 28  28 ASN ASN A . n 
A 1 41 GLN 41 29  29 GLN GLN A . n 
A 1 42 VAL 42 30  30 VAL VAL A . n 
A 1 43 ARG 43 31  31 ARG ARG A . n 
A 1 44 ILE 44 32  32 ILE ILE A . n 
A 1 45 GLY 45 33  33 GLY GLY A . n 
A 1 46 VAL 46 34  34 VAL VAL A . n 
A 1 47 ASN 47 35  35 ASN ASN A . n 
A 1 48 ALA 48 36  36 ALA ALA A . n 
A 1 49 PRO 49 37  37 PRO PRO A . n 
A 1 50 LYS 50 38  38 LYS LYS A . n 
A 1 51 GLU 51 39  39 GLU GLU A . n 
A 1 52 VAL 52 40  40 VAL VAL A . n 
A 1 53 ALA 53 41  41 ALA ALA A . n 
A 1 54 VAL 54 42  42 VAL VAL A . n 
A 1 55 HIS 55 43  43 HIS HIS A . n 
A 1 56 ARG 56 44  44 ARG ARG A . n 
A 1 57 GLU 57 45  45 GLU GLU A . n 
A 1 58 GLU 58 46  46 GLU GLU A . n 
A 1 59 ILE 59 47  47 ILE ILE A . n 
A 1 60 TYR 60 48  48 TYR TYR A . n 
A 1 61 GLN 61 49  49 GLN GLN A . n 
A 1 62 ARG 62 50  50 ARG ARG A . n 
A 1 63 ILE 63 51  51 ILE ILE A . n 
A 1 64 GLN 64 52  52 GLN GLN A . n 
A 1 65 LYS 65 53  53 LYS LYS A . n 
A 1 66 GLU 66 54  54 GLU GLU A . n 
A 1 67 LYS 67 55  55 LYS LYS A . n 
A 1 68 ASP 68 56  ?  ?   ?   A . n 
A 1 69 GLN 69 57  ?  ?   ?   A . n 
A 1 70 GLU 70 58  ?  ?   ?   A . n 
A 1 71 PRO 71 59  ?  ?   ?   A . n 
A 1 72 ASN 72 60  ?  ?   ?   A . n 
A 1 73 HIS 73 61  ?  ?   ?   A . n 
B 1 1  MSE 1  -11 ?  ?   ?   B . n 
B 1 2  GLY 2  -10 ?  ?   ?   B . n 
B 1 3  SER 3  -9  ?  ?   ?   B . n 
B 1 4  ASP 4  -8  ?  ?   ?   B . n 
B 1 5  LYS 5  -7  ?  ?   ?   B . n 
B 1 6  ILE 6  -6  ?  ?   ?   B . n 
B 1 7  HIS 7  -5  ?  ?   ?   B . n 
B 1 8  HIS 8  -4  ?  ?   ?   B . n 
B 1 9  HIS 9  -3  ?  ?   ?   B . n 
B 1 10 HIS 10 -2  -2 HIS HIS B . n 
B 1 11 HIS 11 -1  -1 HIS HIS B . n 
B 1 12 HIS 12 0   0  HIS HIS B . n 
B 1 13 MSE 13 1   1  MSE MSE B . n 
B 1 14 LEU 14 2   2  LEU LEU B . n 
B 1 15 ILE 15 3   3  ILE ILE B . n 
B 1 16 LEU 16 4   4  LEU LEU B . n 
B 1 17 THR 17 5   5  THR THR B . n 
B 1 18 ARG 18 6   6  ARG ARG B . n 
B 1 19 ARG 19 7   7  ARG ARG B . n 
B 1 20 VAL 20 8   8  VAL VAL B . n 
B 1 21 GLY 21 9   9  GLY GLY B . n 
B 1 22 GLU 22 10  10 GLU GLU B . n 
B 1 23 THR 23 11  11 THR THR B . n 
B 1 24 LEU 24 12  12 LEU LEU B . n 
B 1 25 MSE 25 13  13 MSE MSE B . n 
B 1 26 VAL 26 14  14 VAL VAL B . n 
B 1 27 GLY 27 15  15 GLY GLY B . n 
B 1 28 ASP 28 16  16 ASP ASP B . n 
B 1 29 ASP 29 17  17 ASP ASP B . n 
B 1 30 VAL 30 18  18 VAL VAL B . n 
B 1 31 THR 31 19  19 THR THR B . n 
B 1 32 VAL 32 20  20 VAL VAL B . n 
B 1 33 THR 33 21  21 THR THR B . n 
B 1 34 VAL 34 22  22 VAL VAL B . n 
B 1 35 LEU 35 23  23 LEU LEU B . n 
B 1 36 GLY 36 24  24 GLY GLY B . n 
B 1 37 VAL 37 25  25 VAL VAL B . n 
B 1 38 LYS 38 26  26 LYS LYS B . n 
B 1 39 GLY 39 27  27 GLY GLY B . n 
B 1 40 ASN 40 28  28 ASN ASN B . n 
B 1 41 GLN 41 29  29 GLN GLN B . n 
B 1 42 VAL 42 30  30 VAL VAL B . n 
B 1 43 ARG 43 31  31 ARG ARG B . n 
B 1 44 ILE 44 32  32 ILE ILE B . n 
B 1 45 GLY 45 33  33 GLY GLY B . n 
B 1 46 VAL 46 34  34 VAL VAL B . n 
B 1 47 ASN 47 35  35 ASN ASN B . n 
B 1 48 ALA 48 36  36 ALA ALA B . n 
B 1 49 PRO 49 37  37 PRO PRO B . n 
B 1 50 LYS 50 38  38 LYS LYS B . n 
B 1 51 GLU 51 39  39 GLU GLU B . n 
B 1 52 VAL 52 40  40 VAL VAL B . n 
B 1 53 ALA 53 41  41 ALA ALA B . n 
B 1 54 VAL 54 42  42 VAL VAL B . n 
B 1 55 HIS 55 43  43 HIS HIS B . n 
B 1 56 ARG 56 44  44 ARG ARG B . n 
B 1 57 GLU 57 45  45 GLU GLU B . n 
B 1 58 GLU 58 46  46 GLU GLU B . n 
B 1 59 ILE 59 47  47 ILE ILE B . n 
B 1 60 TYR 60 48  48 TYR TYR B . n 
B 1 61 GLN 61 49  49 GLN GLN B . n 
B 1 62 ARG 62 50  50 ARG ARG B . n 
B 1 63 ILE 63 51  51 ILE ILE B . n 
B 1 64 GLN 64 52  52 GLN GLN B . n 
B 1 65 LYS 65 53  53 LYS LYS B . n 
B 1 66 GLU 66 54  ?  ?   ?   B . n 
B 1 67 LYS 67 55  ?  ?   ?   B . n 
B 1 68 ASP 68 56  ?  ?   ?   B . n 
B 1 69 GLN 69 57  ?  ?   ?   B . n 
B 1 70 GLU 70 58  ?  ?   ?   B . n 
B 1 71 PRO 71 59  ?  ?   ?   B . n 
B 1 72 ASN 72 60  ?  ?   ?   B . n 
B 1 73 HIS 73 61  ?  ?   ?   B . n 
# 
loop_
_pdbx_nonpoly_scheme.asym_id 
_pdbx_nonpoly_scheme.entity_id 
_pdbx_nonpoly_scheme.mon_id 
_pdbx_nonpoly_scheme.ndb_seq_num 
_pdbx_nonpoly_scheme.pdb_seq_num 
_pdbx_nonpoly_scheme.auth_seq_num 
_pdbx_nonpoly_scheme.pdb_mon_id 
_pdbx_nonpoly_scheme.auth_mon_id 
_pdbx_nonpoly_scheme.pdb_strand_id 
_pdbx_nonpoly_scheme.pdb_ins_code 
C 2 HOH 1  62 2  HOH HOH A . 
C 2 HOH 2  63 4  HOH HOH A . 
C 2 HOH 3  64 5  HOH HOH A . 
C 2 HOH 4  65 11 HOH HOH A . 
C 2 HOH 5  66 13 HOH HOH A . 
C 2 HOH 6  67 16 HOH HOH A . 
C 2 HOH 7  68 17 HOH HOH A . 
C 2 HOH 8  69 18 HOH HOH A . 
C 2 HOH 9  70 22 HOH HOH A . 
C 2 HOH 10 71 23 HOH HOH A . 
C 2 HOH 11 72 24 HOH HOH A . 
D 2 HOH 1  62 1  HOH HOH B . 
D 2 HOH 2  63 3  HOH HOH B . 
D 2 HOH 3  64 6  HOH HOH B . 
D 2 HOH 4  65 7  HOH HOH B . 
D 2 HOH 5  66 8  HOH HOH B . 
D 2 HOH 6  67 9  HOH HOH B . 
D 2 HOH 7  68 10 HOH HOH B . 
D 2 HOH 8  69 12 HOH HOH B . 
D 2 HOH 9  70 14 HOH HOH B . 
D 2 HOH 10 71 15 HOH HOH B . 
D 2 HOH 11 72 19 HOH HOH B . 
D 2 HOH 12 73 20 HOH HOH B . 
# 
loop_
_pdbx_unobs_or_zero_occ_atoms.id 
_pdbx_unobs_or_zero_occ_atoms.PDB_model_num 
_pdbx_unobs_or_zero_occ_atoms.polymer_flag 
_pdbx_unobs_or_zero_occ_atoms.occupancy_flag 
_pdbx_unobs_or_zero_occ_atoms.auth_asym_id 
_pdbx_unobs_or_zero_occ_atoms.auth_comp_id 
_pdbx_unobs_or_zero_occ_atoms.auth_seq_id 
_pdbx_unobs_or_zero_occ_atoms.PDB_ins_code 
_pdbx_unobs_or_zero_occ_atoms.auth_atom_id 
_pdbx_unobs_or_zero_occ_atoms.label_alt_id 
_pdbx_unobs_or_zero_occ_atoms.label_asym_id 
_pdbx_unobs_or_zero_occ_atoms.label_comp_id 
_pdbx_unobs_or_zero_occ_atoms.label_seq_id 
_pdbx_unobs_or_zero_occ_atoms.label_atom_id 
1  1 Y 1 A HIS -1 ? CG  ? A HIS 11 CG  
2  1 Y 1 A HIS -1 ? ND1 ? A HIS 11 ND1 
3  1 Y 1 A HIS -1 ? CD2 ? A HIS 11 CD2 
4  1 Y 1 A HIS -1 ? CE1 ? A HIS 11 CE1 
5  1 Y 1 A HIS -1 ? NE2 ? A HIS 11 NE2 
6  1 Y 1 A LEU 2  ? CD1 ? A LEU 14 CD1 
7  1 Y 1 A LEU 2  ? CD2 ? A LEU 14 CD2 
8  1 Y 1 A ASP 16 ? OD1 ? A ASP 28 OD1 
9  1 Y 1 A ASP 16 ? OD2 ? A ASP 28 OD2 
10 1 Y 1 A ASP 17 ? CG  ? A ASP 29 CG  
11 1 Y 1 A ASP 17 ? OD1 ? A ASP 29 OD1 
12 1 Y 1 A ASP 17 ? OD2 ? A ASP 29 OD2 
13 1 Y 1 A LYS 26 ? CE  ? A LYS 38 CE  
14 1 Y 1 A LYS 26 ? NZ  ? A LYS 38 NZ  
15 1 Y 1 A LYS 38 ? CG  ? A LYS 50 CG  
16 1 Y 1 A LYS 38 ? CD  ? A LYS 50 CD  
17 1 Y 1 A LYS 38 ? CE  ? A LYS 50 CE  
18 1 Y 1 A LYS 38 ? NZ  ? A LYS 50 NZ  
19 1 Y 1 A LYS 53 ? CE  ? A LYS 65 CE  
20 1 Y 1 A LYS 53 ? NZ  ? A LYS 65 NZ  
21 1 Y 1 B LYS 26 ? CG  ? B LYS 38 CG  
22 1 Y 1 B LYS 26 ? CD  ? B LYS 38 CD  
23 1 Y 1 B LYS 26 ? CE  ? B LYS 38 CE  
24 1 Y 1 B LYS 26 ? NZ  ? B LYS 38 NZ  
25 1 Y 1 B LYS 38 ? CG  ? B LYS 50 CG  
26 1 Y 1 B LYS 38 ? CD  ? B LYS 50 CD  
27 1 Y 1 B LYS 38 ? CE  ? B LYS 50 CE  
28 1 Y 1 B LYS 38 ? NZ  ? B LYS 50 NZ  
# 
loop_
_software.name 
_software.classification 
_software.version 
_software.citation_id 
_software.pdbx_ordinal 
MOSFLM 'data reduction' .         ? 1 
SCALA  'data scaling'   '4.2)'    ? 2 
SOLVE  phasing          .         ? 3 
REFMAC refinement       .         ? 4 
CCP4   'data scaling'   '(SCALA)' ? 5 
# 
_cell.length_a           49.066 
_cell.length_b           56.669 
_cell.length_c           98.533 
_cell.angle_alpha        90.00 
_cell.angle_beta         90.00 
_cell.angle_gamma        90.00 
_cell.entry_id           1VPZ 
_cell.pdbx_unique_axis   ? 
_cell.Z_PDB              16 
# 
_symmetry.space_group_name_H-M             'C 2 2 21' 
_symmetry.entry_id                         1VPZ 
_symmetry.pdbx_full_space_group_name_H-M   ? 
_symmetry.Int_Tables_number                20 
_symmetry.cell_setting                     ? 
_symmetry.space_group_name_Hall            ? 
# 
_exptl.crystals_number   1 
_exptl.method            'X-RAY DIFFRACTION' 
_exptl.entry_id          1VPZ 
# 
_exptl_crystal.id                    1 
_exptl_crystal.density_percent_sol   54.29 
_exptl_crystal.density_Matthews      2.71 
_exptl_crystal.description           ? 
_exptl_crystal.density_meas          ? 
_exptl_crystal.F_000                 ? 
_exptl_crystal.preparation           ? 
# 
_exptl_crystal_grow.crystal_id      1 
_exptl_crystal_grow.method          'VAPOR DIFFUSION,SITTING DROP,NANODROP' 
_exptl_crystal_grow.pH              3.7 
_exptl_crystal_grow.temp            277 
_exptl_crystal_grow.pdbx_details    
'30.0% MPD, 0.1M Phosphate Citrate pH 3.7, VAPOR DIFFUSION,SITTING DROP,NANODROP, temperature 277K' 
_exptl_crystal_grow.temp_details    ? 
_exptl_crystal_grow.pdbx_pH_range   . 
# 
loop_
_diffrn.id 
_diffrn.ambient_temp 
_diffrn.ambient_temp_details 
_diffrn.crystal_id 
1 100 ? 1 
2 ?   ? 1 
# 
_diffrn_detector.diffrn_id              1 
_diffrn_detector.detector               CCD 
_diffrn_detector.type                   ADSC 
_diffrn_detector.details                'fixed-height exit beam, toroidal focusing mirror' 
_diffrn_detector.pdbx_collection_date   2004-11-10 
# 
_diffrn_radiation.diffrn_id                        1 
_diffrn_radiation.pdbx_monochromatic_or_laue_m_l   M 
_diffrn_radiation.monochromator                    'Double-crystal Si(111)' 
_diffrn_radiation.pdbx_diffrn_protocol             MAD 
_diffrn_radiation.wavelength_id                    1 
_diffrn_radiation.pdbx_scattering_type             x-ray 
# 
loop_
_diffrn_radiation_wavelength.id 
_diffrn_radiation_wavelength.wavelength 
_diffrn_radiation_wavelength.wt 
1 0.979508 1.0 
2 0.961114 1.0 
# 
loop_
_diffrn_source.diffrn_id 
_diffrn_source.source 
_diffrn_source.pdbx_synchrotron_beamline 
_diffrn_source.type 
_diffrn_source.pdbx_wavelength 
_diffrn_source.pdbx_synchrotron_site 
_diffrn_source.pdbx_wavelength_list 
1 SYNCHROTRON 5.0.2 'ALS BEAMLINE 5.0.2' 0.979508 ALS ?                 
2 SYNCHROTRON 5.0.2 'ALS BEAMLINE 5.0.2' ?        ALS 0.979508,0.961114 
# 
_reflns.observed_criterion_sigma_F   ? 
_reflns.observed_criterion_sigma_I   ? 
_reflns.d_resolution_high            2.050 
_reflns.d_resolution_low             27.23 
_reflns.number_obs                   8735 
_reflns.percent_possible_obs         97.8 
_reflns.pdbx_Rmerge_I_obs            ? 
_reflns.pdbx_netI_over_sigmaI        11.4 
_reflns.B_iso_Wilson_estimate        47.80 
_reflns.pdbx_redundancy              3.5 
_reflns.pdbx_Rsym_value              0.075 
_reflns.entry_id                     1VPZ 
_reflns.number_all                   ? 
_reflns.R_free_details               ? 
_reflns.limit_h_max                  ? 
_reflns.limit_h_min                  ? 
_reflns.limit_k_max                  ? 
_reflns.limit_k_min                  ? 
_reflns.limit_l_max                  ? 
_reflns.limit_l_min                  ? 
_reflns.observed_criterion_F_max     ? 
_reflns.observed_criterion_F_min     ? 
_reflns.pdbx_chi_squared             ? 
_reflns.pdbx_scaling_rejects         ? 
_reflns.pdbx_ordinal                 1 
_reflns.pdbx_diffrn_id               1 
# 
_reflns_shell.d_res_high             2.05 
_reflns_shell.d_res_low              2.10 
_reflns_shell.percent_possible_all   85.4 
_reflns_shell.pdbx_Rsym_value        0.365 
_reflns_shell.pdbx_redundancy        2.8 
_reflns_shell.number_unique_all      562 
_reflns_shell.meanI_over_sigI_obs    1.7 
_reflns_shell.Rmerge_I_obs           ? 
_reflns_shell.percent_possible_obs   ? 
_reflns_shell.number_measured_all    ? 
_reflns_shell.number_measured_obs    ? 
_reflns_shell.number_unique_obs      ? 
_reflns_shell.pdbx_chi_squared       ? 
_reflns_shell.pdbx_ordinal           1 
_reflns_shell.pdbx_diffrn_id         1 
# 
_refine.ls_d_res_high                            2.05 
_refine.ls_d_res_low                             24.59 
_refine.pdbx_ls_sigma_F                          ? 
_refine.pdbx_ls_sigma_I                          ? 
_refine.ls_number_reflns_obs                     8281 
_refine.ls_number_reflns_R_free                  422 
_refine.ls_percent_reflns_R_free                 4.8 
_refine.ls_percent_reflns_obs                    97.47 
_refine.ls_R_factor_obs                          0.22092 
_refine.ls_R_factor_R_work                       0.21848 
_refine.ls_R_factor_R_free                       0.27545 
_refine.pdbx_R_Free_selection_details            RANDOM 
_refine.pdbx_stereochemistry_target_values       'MAXIMUM LIKELIHOOD WITH PHASES' 
_refine.pdbx_method_to_determine_struct          MAD 
_refine.pdbx_starting_model                      ? 
_refine.pdbx_ls_cross_valid_method               THROUGHOUT 
_refine.B_iso_mean                               43.776 
_refine.aniso_B[1][1]                            4.76 
_refine.aniso_B[2][2]                            -1.02 
_refine.aniso_B[3][3]                            -3.74 
_refine.aniso_B[1][2]                            0.00 
_refine.aniso_B[1][3]                            0.00 
_refine.aniso_B[2][3]                            0.00 
_refine.details                                  
'NO DENSITY FOR RESIDUES A56-62, B54-62.  HYDROGENS HAVE BEEN ADDED IN THE RIDING POSITIONS.' 
_refine.pdbx_overall_ESU_R                       0.202 
_refine.pdbx_overall_ESU_R_Free                  0.191 
_refine.overall_SU_ML                            0.170 
_refine.overall_SU_B                             13.773 
_refine.correlation_coeff_Fo_to_Fc               0.950 
_refine.correlation_coeff_Fo_to_Fc_free          0.930 
_refine.solvent_model_details                    MASK 
_refine.pdbx_solvent_vdw_probe_radii             1.20 
_refine.pdbx_solvent_ion_probe_radii             0.80 
_refine.pdbx_solvent_shrinkage_radii             0.80 
_refine.entry_id                                 1VPZ 
_refine.ls_R_factor_all                          ? 
_refine.ls_number_reflns_all                     ? 
_refine.ls_redundancy_reflns_obs                 ? 
_refine.pdbx_data_cutoff_high_absF               ? 
_refine.pdbx_data_cutoff_low_absF                ? 
_refine.ls_number_parameters                     ? 
_refine.ls_number_restraints                     ? 
_refine.ls_R_factor_R_free_error                 ? 
_refine.ls_R_factor_R_free_error_details         ? 
_refine.pdbx_isotropic_thermal_model             ? 
_refine.pdbx_stereochem_target_val_spec_case     ? 
_refine.solvent_model_param_bsol                 ? 
_refine.solvent_model_param_ksol                 ? 
_refine.occupancy_max                            ? 
_refine.occupancy_min                            ? 
_refine.pdbx_data_cutoff_high_rms_absF           ? 
_refine.B_iso_min                                ? 
_refine.B_iso_max                                ? 
_refine.overall_SU_R_Cruickshank_DPI             ? 
_refine.overall_SU_R_free                        ? 
_refine.ls_wR_factor_R_free                      ? 
_refine.ls_wR_factor_R_work                      ? 
_refine.overall_FOM_free_R_set                   ? 
_refine.overall_FOM_work_R_set                   ? 
_refine.pdbx_refine_id                           'X-RAY DIFFRACTION' 
_refine.pdbx_TLS_residual_ADP_flag               'LIKELY RESIDUAL' 
_refine.pdbx_diffrn_id                           1 
_refine.pdbx_overall_phase_error                 ? 
_refine.pdbx_overall_SU_R_free_Cruickshank_DPI   ? 
_refine.pdbx_overall_SU_R_Blow_DPI               ? 
_refine.pdbx_overall_SU_R_free_Blow_DPI          ? 
# 
_refine_hist.pdbx_refine_id                   'X-RAY DIFFRACTION' 
_refine_hist.cycle_id                         LAST 
_refine_hist.pdbx_number_atoms_protein        868 
_refine_hist.pdbx_number_atoms_nucleic_acid   0 
_refine_hist.pdbx_number_atoms_ligand         0 
_refine_hist.number_atoms_solvent             23 
_refine_hist.number_atoms_total               891 
_refine_hist.d_res_high                       2.05 
_refine_hist.d_res_low                        24.59 
# 
loop_
_refine_ls_restr.type 
_refine_ls_restr.number 
_refine_ls_restr.dev_ideal 
_refine_ls_restr.dev_ideal_target 
_refine_ls_restr.weight 
_refine_ls_restr.pdbx_refine_id 
_refine_ls_restr.pdbx_restraint_function 
r_bond_refined_d         887  0.017  0.022  ? 'X-RAY DIFFRACTION' ? 
r_bond_other_d           876  0.002  0.020  ? 'X-RAY DIFFRACTION' ? 
r_angle_refined_deg      1198 1.568  1.943  ? 'X-RAY DIFFRACTION' ? 
r_angle_other_deg        2002 0.775  3.000  ? 'X-RAY DIFFRACTION' ? 
r_dihedral_angle_1_deg   111  7.227  5.000  ? 'X-RAY DIFFRACTION' ? 
r_dihedral_angle_2_deg   40   37.225 22.500 ? 'X-RAY DIFFRACTION' ? 
r_dihedral_angle_3_deg   164  15.803 15.000 ? 'X-RAY DIFFRACTION' ? 
r_dihedral_angle_4_deg   11   21.452 15.000 ? 'X-RAY DIFFRACTION' ? 
r_chiral_restr           148  0.090  0.200  ? 'X-RAY DIFFRACTION' ? 
r_gen_planes_refined     970  0.005  0.020  ? 'X-RAY DIFFRACTION' ? 
r_gen_planes_other       173  0.001  0.020  ? 'X-RAY DIFFRACTION' ? 
r_nbd_refined            126  0.192  0.200  ? 'X-RAY DIFFRACTION' ? 
r_nbd_other              837  0.199  0.200  ? 'X-RAY DIFFRACTION' ? 
r_nbtor_other            593  0.090  0.200  ? 'X-RAY DIFFRACTION' ? 
r_xyhbond_nbd_refined    28   0.138  0.200  ? 'X-RAY DIFFRACTION' ? 
r_symmetry_vdw_refined   5    0.235  0.200  ? 'X-RAY DIFFRACTION' ? 
r_symmetry_vdw_other     25   0.209  0.200  ? 'X-RAY DIFFRACTION' ? 
r_symmetry_hbond_refined 2    0.090  0.200  ? 'X-RAY DIFFRACTION' ? 
r_mcbond_it              569  2.230  3.000  ? 'X-RAY DIFFRACTION' ? 
r_mcbond_other           238  0.615  3.000  ? 'X-RAY DIFFRACTION' ? 
r_mcangle_it             907  3.085  5.000  ? 'X-RAY DIFFRACTION' ? 
r_scbond_it              336  5.515  8.000  ? 'X-RAY DIFFRACTION' ? 
r_scangle_it             291  8.061  11.000 ? 'X-RAY DIFFRACTION' ? 
r_nbtor_refined          397  0.170  0.200  ? 'X-RAY DIFFRACTION' ? 
# 
loop_
_refine_ls_restr_ncs.dom_id 
_refine_ls_restr_ncs.pdbx_type 
_refine_ls_restr_ncs.pdbx_auth_asym_id 
_refine_ls_restr_ncs.pdbx_number 
_refine_ls_restr_ncs.rms_dev_position 
_refine_ls_restr_ncs.weight_position 
_refine_ls_restr_ncs.pdbx_ens_id 
_refine_ls_restr_ncs.pdbx_refine_id 
_refine_ls_restr_ncs.pdbx_ordinal 
_refine_ls_restr_ncs.ncs_model_details 
_refine_ls_restr_ncs.rms_dev_B_iso 
_refine_ls_restr_ncs.weight_B_iso 
_refine_ls_restr_ncs.pdbx_asym_id 
_refine_ls_restr_ncs.pdbx_rms 
_refine_ls_restr_ncs.pdbx_weight 
1 'medium  positional' B 767 0.63 0.50 1 'X-RAY DIFFRACTION' 1 ? ? ? ? ? ? 
1 'medium  thermal'    B 767 0.99 2.00 1 'X-RAY DIFFRACTION' 2 ? ? ? ? ? ? 
# 
_refine_ls_shell.pdbx_total_number_of_bins_used   20 
_refine_ls_shell.d_res_high                       2.051 
_refine_ls_shell.d_res_low                        2.104 
_refine_ls_shell.percent_reflns_obs               84.89 
_refine_ls_shell.number_reflns_R_work             519 
_refine_ls_shell.R_factor_R_work                  0.302 
_refine_ls_shell.percent_reflns_R_free            6.65 
_refine_ls_shell.number_reflns_R_free             37 
_refine_ls_shell.R_factor_R_free                  0.4 
_refine_ls_shell.R_factor_R_free_error            ? 
_refine_ls_shell.redundancy_reflns_obs            ? 
_refine_ls_shell.number_reflns_all                ? 
_refine_ls_shell.number_reflns_obs                ? 
_refine_ls_shell.pdbx_refine_id                   'X-RAY DIFFRACTION' 
_refine_ls_shell.R_factor_all                     ? 
# 
loop_
_struct_ncs_dom.pdbx_ens_id 
_struct_ncs_dom.id 
_struct_ncs_dom.details 
1 1 B 
1 2 A 
# 
loop_
_struct_ncs_dom_lim.pdbx_ens_id 
_struct_ncs_dom_lim.dom_id 
_struct_ncs_dom_lim.pdbx_component_id 
_struct_ncs_dom_lim.beg_label_asym_id 
_struct_ncs_dom_lim.beg_label_comp_id 
_struct_ncs_dom_lim.beg_label_seq_id 
_struct_ncs_dom_lim.beg_label_alt_id 
_struct_ncs_dom_lim.end_label_asym_id 
_struct_ncs_dom_lim.end_label_comp_id 
_struct_ncs_dom_lim.end_label_seq_id 
_struct_ncs_dom_lim.end_label_alt_id 
_struct_ncs_dom_lim.beg_auth_asym_id 
_struct_ncs_dom_lim.beg_auth_comp_id 
_struct_ncs_dom_lim.beg_auth_seq_id 
_struct_ncs_dom_lim.end_auth_asym_id 
_struct_ncs_dom_lim.end_auth_comp_id 
_struct_ncs_dom_lim.end_auth_seq_id 
_struct_ncs_dom_lim.pdbx_refine_code 
_struct_ncs_dom_lim.selection_details 
1 1 1 B MSE 13 . B LYS 65 . B MSE 1 B LYS 53 4 ? 
1 2 1 A MSE 13 . A LYS 65 . A MSE 1 A LYS 53 4 ? 
# 
_struct_ncs_ens.id            1 
_struct_ncs_ens.details       ? 
_struct_ncs_ens.point_group   ? 
# 
_struct.entry_id                  1VPZ 
_struct.title                     
'Crystal structure of a putative carbon storage regulator protein (csra, pa0905) from pseudomonas aeruginosa at 2.05 A resolution' 
_struct.pdbx_model_details        ? 
_struct.pdbx_CASP_flag            ? 
_struct.pdbx_model_type_details   ? 
# 
_struct_keywords.text            
;Csra-like fold, structural genomics, Joint Center for Structural Genomics, JCSG, Protein Structure Initiative, PSI, rna binding protein
;
_struct_keywords.pdbx_keywords   'RNA BINDING PROTEIN' 
_struct_keywords.entry_id        1VPZ 
# 
loop_
_struct_asym.id 
_struct_asym.pdbx_blank_PDB_chainid_flag 
_struct_asym.pdbx_modified 
_struct_asym.entity_id 
_struct_asym.details 
A N N 1 ? 
B N N 1 ? 
C N N 2 ? 
D N N 2 ? 
# 
_struct_ref.id                         1 
_struct_ref.db_name                    UNP 
_struct_ref.db_code                    CSRA_PSEAE 
_struct_ref.pdbx_db_accession          O69078 
_struct_ref.entity_id                  1 
_struct_ref.pdbx_seq_one_letter_code   MLILTRRVGETLMVGDDVTVTVLGVKGNQVRIGVNAPKEVAVHREEIYQRIQKEKDQEPNH 
_struct_ref.pdbx_align_begin           1 
_struct_ref.pdbx_db_isoform            ? 
# 
loop_
_struct_ref_seq.align_id 
_struct_ref_seq.ref_id 
_struct_ref_seq.pdbx_PDB_id_code 
_struct_ref_seq.pdbx_strand_id 
_struct_ref_seq.seq_align_beg 
_struct_ref_seq.pdbx_seq_align_beg_ins_code 
_struct_ref_seq.seq_align_end 
_struct_ref_seq.pdbx_seq_align_end_ins_code 
_struct_ref_seq.pdbx_db_accession 
_struct_ref_seq.db_align_beg 
_struct_ref_seq.pdbx_db_align_beg_ins_code 
_struct_ref_seq.db_align_end 
_struct_ref_seq.pdbx_db_align_end_ins_code 
_struct_ref_seq.pdbx_auth_seq_align_beg 
_struct_ref_seq.pdbx_auth_seq_align_end 
1 1 1VPZ A 13 ? 73 ? O69078 1 ? 61 ? 1 61 
2 1 1VPZ B 13 ? 73 ? O69078 1 ? 61 ? 1 61 
# 
loop_
_struct_ref_seq_dif.align_id 
_struct_ref_seq_dif.pdbx_pdb_id_code 
_struct_ref_seq_dif.mon_id 
_struct_ref_seq_dif.pdbx_pdb_strand_id 
_struct_ref_seq_dif.seq_num 
_struct_ref_seq_dif.pdbx_pdb_ins_code 
_struct_ref_seq_dif.pdbx_seq_db_name 
_struct_ref_seq_dif.pdbx_seq_db_accession_code 
_struct_ref_seq_dif.db_mon_id 
_struct_ref_seq_dif.pdbx_seq_db_seq_num 
_struct_ref_seq_dif.details 
_struct_ref_seq_dif.pdbx_auth_seq_num 
_struct_ref_seq_dif.pdbx_ordinal 
1 1VPZ MSE A 1  ? UNP O69078 ?   ?  'expression tag'   -11 1  
1 1VPZ GLY A 2  ? UNP O69078 ?   ?  'expression tag'   -10 2  
1 1VPZ SER A 3  ? UNP O69078 ?   ?  'expression tag'   -9  3  
1 1VPZ ASP A 4  ? UNP O69078 ?   ?  'expression tag'   -8  4  
1 1VPZ LYS A 5  ? UNP O69078 ?   ?  'expression tag'   -7  5  
1 1VPZ ILE A 6  ? UNP O69078 ?   ?  'expression tag'   -6  6  
1 1VPZ HIS A 7  ? UNP O69078 ?   ?  'expression tag'   -5  7  
1 1VPZ HIS A 8  ? UNP O69078 ?   ?  'expression tag'   -4  8  
1 1VPZ HIS A 9  ? UNP O69078 ?   ?  'expression tag'   -3  9  
1 1VPZ HIS A 10 ? UNP O69078 ?   ?  'expression tag'   -2  10 
1 1VPZ HIS A 11 ? UNP O69078 ?   ?  'expression tag'   -1  11 
1 1VPZ HIS A 12 ? UNP O69078 ?   ?  'expression tag'   0   12 
1 1VPZ MSE A 13 ? UNP O69078 MET 1  'modified residue' 1   13 
1 1VPZ MSE A 25 ? UNP O69078 MET 13 'modified residue' 13  14 
2 1VPZ MSE B 1  ? UNP O69078 ?   ?  'expression tag'   -11 15 
2 1VPZ GLY B 2  ? UNP O69078 ?   ?  'expression tag'   -10 16 
2 1VPZ SER B 3  ? UNP O69078 ?   ?  'expression tag'   -9  17 
2 1VPZ ASP B 4  ? UNP O69078 ?   ?  'expression tag'   -8  18 
2 1VPZ LYS B 5  ? UNP O69078 ?   ?  'expression tag'   -7  19 
2 1VPZ ILE B 6  ? UNP O69078 ?   ?  'expression tag'   -6  20 
2 1VPZ HIS B 7  ? UNP O69078 ?   ?  'expression tag'   -5  21 
2 1VPZ HIS B 8  ? UNP O69078 ?   ?  'expression tag'   -4  22 
2 1VPZ HIS B 9  ? UNP O69078 ?   ?  'expression tag'   -3  23 
2 1VPZ HIS B 10 ? UNP O69078 ?   ?  'expression tag'   -2  24 
2 1VPZ HIS B 11 ? UNP O69078 ?   ?  'expression tag'   -1  25 
2 1VPZ HIS B 12 ? UNP O69078 ?   ?  'expression tag'   0   26 
2 1VPZ MSE B 13 ? UNP O69078 MET 1  'modified residue' 1   27 
2 1VPZ MSE B 25 ? UNP O69078 MET 13 'modified residue' 13  28 
# 
_pdbx_struct_assembly.id                   1 
_pdbx_struct_assembly.details              author_and_software_defined_assembly 
_pdbx_struct_assembly.method_details       PISA 
_pdbx_struct_assembly.oligomeric_details   dimeric 
_pdbx_struct_assembly.oligomeric_count     2 
# 
loop_
_pdbx_struct_assembly_prop.biol_id 
_pdbx_struct_assembly_prop.type 
_pdbx_struct_assembly_prop.value 
_pdbx_struct_assembly_prop.details 
1 'ABSA (A^2)' 4080 ? 
1 MORE         -25  ? 
1 'SSA (A^2)'  6850 ? 
# 
_pdbx_struct_assembly_gen.assembly_id       1 
_pdbx_struct_assembly_gen.oper_expression   1 
_pdbx_struct_assembly_gen.asym_id_list      A,B,C,D 
# 
_pdbx_struct_oper_list.id                   1 
_pdbx_struct_oper_list.type                 'identity operation' 
_pdbx_struct_oper_list.name                 1_555 
_pdbx_struct_oper_list.symmetry_operation   x,y,z 
_pdbx_struct_oper_list.matrix[1][1]         1.0000000000 
_pdbx_struct_oper_list.matrix[1][2]         0.0000000000 
_pdbx_struct_oper_list.matrix[1][3]         0.0000000000 
_pdbx_struct_oper_list.vector[1]            0.0000000000 
_pdbx_struct_oper_list.matrix[2][1]         0.0000000000 
_pdbx_struct_oper_list.matrix[2][2]         1.0000000000 
_pdbx_struct_oper_list.matrix[2][3]         0.0000000000 
_pdbx_struct_oper_list.vector[2]            0.0000000000 
_pdbx_struct_oper_list.matrix[3][1]         0.0000000000 
_pdbx_struct_oper_list.matrix[3][2]         0.0000000000 
_pdbx_struct_oper_list.matrix[3][3]         1.0000000000 
_pdbx_struct_oper_list.vector[3]            0.0000000000 
# 
_struct_biol.id   1 
# 
loop_
_struct_conf.conf_type_id 
_struct_conf.id 
_struct_conf.pdbx_PDB_helix_id 
_struct_conf.beg_label_comp_id 
_struct_conf.beg_label_asym_id 
_struct_conf.beg_label_seq_id 
_struct_conf.pdbx_beg_PDB_ins_code 
_struct_conf.end_label_comp_id 
_struct_conf.end_label_asym_id 
_struct_conf.end_label_seq_id 
_struct_conf.pdbx_end_PDB_ins_code 
_struct_conf.beg_auth_comp_id 
_struct_conf.beg_auth_asym_id 
_struct_conf.beg_auth_seq_id 
_struct_conf.end_auth_comp_id 
_struct_conf.end_auth_asym_id 
_struct_conf.end_auth_seq_id 
_struct_conf.pdbx_PDB_helix_class 
_struct_conf.details 
_struct_conf.pdbx_PDB_helix_length 
HELX_P HELX_P1 1 GLU A 57 ? LYS A 67 ? GLU A 45 LYS A 55 1 ? 11 
HELX_P HELX_P2 2 GLU B 57 ? GLN B 64 ? GLU B 45 GLN B 52 1 ? 8  
# 
_struct_conf_type.id          HELX_P 
_struct_conf_type.criteria    ? 
_struct_conf_type.reference   ? 
# 
loop_
_struct_conn.id 
_struct_conn.conn_type_id 
_struct_conn.pdbx_leaving_atom_flag 
_struct_conn.pdbx_PDB_id 
_struct_conn.ptnr1_label_asym_id 
_struct_conn.ptnr1_label_comp_id 
_struct_conn.ptnr1_label_seq_id 
_struct_conn.ptnr1_label_atom_id 
_struct_conn.pdbx_ptnr1_label_alt_id 
_struct_conn.pdbx_ptnr1_PDB_ins_code 
_struct_conn.pdbx_ptnr1_standard_comp_id 
_struct_conn.ptnr1_symmetry 
_struct_conn.ptnr2_label_asym_id 
_struct_conn.ptnr2_label_comp_id 
_struct_conn.ptnr2_label_seq_id 
_struct_conn.ptnr2_label_atom_id 
_struct_conn.pdbx_ptnr2_label_alt_id 
_struct_conn.pdbx_ptnr2_PDB_ins_code 
_struct_conn.ptnr1_auth_asym_id 
_struct_conn.ptnr1_auth_comp_id 
_struct_conn.ptnr1_auth_seq_id 
_struct_conn.ptnr2_auth_asym_id 
_struct_conn.ptnr2_auth_comp_id 
_struct_conn.ptnr2_auth_seq_id 
_struct_conn.ptnr2_symmetry 
_struct_conn.pdbx_ptnr3_label_atom_id 
_struct_conn.pdbx_ptnr3_label_seq_id 
_struct_conn.pdbx_ptnr3_label_comp_id 
_struct_conn.pdbx_ptnr3_label_asym_id 
_struct_conn.pdbx_ptnr3_label_alt_id 
_struct_conn.pdbx_ptnr3_PDB_ins_code 
_struct_conn.details 
_struct_conn.pdbx_dist_value 
_struct_conn.pdbx_value_order 
_struct_conn.pdbx_role 
covale1 covale both ? A HIS 12 C ? ? ? 1_555 A MSE 13 N ? ? A HIS 0  A MSE 1  1_555 ? ? ? ? ? ? ? 1.319 ? ? 
covale2 covale both ? A MSE 13 C ? ? ? 1_555 A LEU 14 N ? ? A MSE 1  A LEU 2  1_555 ? ? ? ? ? ? ? 1.326 ? ? 
covale3 covale both ? A LEU 24 C ? ? ? 1_555 A MSE 25 N ? ? A LEU 12 A MSE 13 1_555 ? ? ? ? ? ? ? 1.321 ? ? 
covale4 covale both ? A MSE 25 C ? ? ? 1_555 A VAL 26 N ? ? A MSE 13 A VAL 14 1_555 ? ? ? ? ? ? ? 1.318 ? ? 
covale5 covale both ? B HIS 12 C ? ? ? 1_555 B MSE 13 N ? ? B HIS 0  B MSE 1  1_555 ? ? ? ? ? ? ? 1.322 ? ? 
covale6 covale both ? B MSE 13 C ? ? ? 1_555 B LEU 14 N ? ? B MSE 1  B LEU 2  1_555 ? ? ? ? ? ? ? 1.314 ? ? 
covale7 covale both ? B LEU 24 C ? ? ? 1_555 B MSE 25 N ? ? B LEU 12 B MSE 13 1_555 ? ? ? ? ? ? ? 1.319 ? ? 
covale8 covale both ? B MSE 25 C ? ? ? 1_555 B VAL 26 N ? ? B MSE 13 B VAL 14 1_555 ? ? ? ? ? ? ? 1.335 ? ? 
# 
_struct_conn_type.id          covale 
_struct_conn_type.criteria    ? 
_struct_conn_type.reference   ? 
# 
loop_
_pdbx_modification_feature.ordinal 
_pdbx_modification_feature.label_comp_id 
_pdbx_modification_feature.label_asym_id 
_pdbx_modification_feature.label_seq_id 
_pdbx_modification_feature.label_alt_id 
_pdbx_modification_feature.modified_residue_label_comp_id 
_pdbx_modification_feature.modified_residue_label_asym_id 
_pdbx_modification_feature.modified_residue_label_seq_id 
_pdbx_modification_feature.modified_residue_label_alt_id 
_pdbx_modification_feature.auth_comp_id 
_pdbx_modification_feature.auth_asym_id 
_pdbx_modification_feature.auth_seq_id 
_pdbx_modification_feature.PDB_ins_code 
_pdbx_modification_feature.symmetry 
_pdbx_modification_feature.modified_residue_auth_comp_id 
_pdbx_modification_feature.modified_residue_auth_asym_id 
_pdbx_modification_feature.modified_residue_auth_seq_id 
_pdbx_modification_feature.modified_residue_PDB_ins_code 
_pdbx_modification_feature.modified_residue_symmetry 
_pdbx_modification_feature.comp_id_linking_atom 
_pdbx_modification_feature.modified_residue_id_linking_atom 
_pdbx_modification_feature.modified_residue_id 
_pdbx_modification_feature.ref_pcm_id 
_pdbx_modification_feature.ref_comp_id 
_pdbx_modification_feature.type 
_pdbx_modification_feature.category 
1 MSE A 13 ? . . . . MSE A 1  ? 1_555 . . . . . . . MET 1 MSE Selenomethionine 'Named protein modification' 
2 MSE A 25 ? . . . . MSE A 13 ? 1_555 . . . . . . . MET 1 MSE Selenomethionine 'Named protein modification' 
3 MSE B 13 ? . . . . MSE B 1  ? 1_555 . . . . . . . MET 1 MSE Selenomethionine 'Named protein modification' 
4 MSE B 25 ? . . . . MSE B 13 ? 1_555 . . . . . . . MET 1 MSE Selenomethionine 'Named protein modification' 
# 
loop_
_struct_sheet.id 
_struct_sheet.type 
_struct_sheet.number_strands 
_struct_sheet.details 
A ? 5 ? 
B ? 5 ? 
# 
loop_
_struct_sheet_order.sheet_id 
_struct_sheet_order.range_id_1 
_struct_sheet_order.range_id_2 
_struct_sheet_order.offset 
_struct_sheet_order.sense 
A 1 2 ? anti-parallel 
A 2 3 ? anti-parallel 
A 3 4 ? anti-parallel 
A 4 5 ? anti-parallel 
B 1 2 ? anti-parallel 
B 2 3 ? anti-parallel 
B 3 4 ? anti-parallel 
B 4 5 ? anti-parallel 
# 
loop_
_struct_sheet_range.sheet_id 
_struct_sheet_range.id 
_struct_sheet_range.beg_label_comp_id 
_struct_sheet_range.beg_label_asym_id 
_struct_sheet_range.beg_label_seq_id 
_struct_sheet_range.pdbx_beg_PDB_ins_code 
_struct_sheet_range.end_label_comp_id 
_struct_sheet_range.end_label_asym_id 
_struct_sheet_range.end_label_seq_id 
_struct_sheet_range.pdbx_end_PDB_ins_code 
_struct_sheet_range.beg_auth_comp_id 
_struct_sheet_range.beg_auth_asym_id 
_struct_sheet_range.beg_auth_seq_id 
_struct_sheet_range.end_auth_comp_id 
_struct_sheet_range.end_auth_asym_id 
_struct_sheet_range.end_auth_seq_id 
A 1 LEU A 14 ? ARG A 19 ? LEU A 2  ARG A 7  
A 2 GLN B 41 ? ASN B 47 ? GLN B 29 ASN B 35 
A 3 VAL B 30 ? LYS B 38 ? VAL B 18 LYS B 26 
A 4 THR B 23 ? VAL B 26 ? THR B 11 VAL B 14 
A 5 VAL A 54 ? ARG A 56 ? VAL A 42 ARG A 44 
B 1 HIS B 11 ? ARG B 19 ? HIS B -1 ARG B 7  
B 2 GLN A 41 ? PRO A 49 ? GLN A 29 PRO A 37 
B 3 VAL A 30 ? LYS A 38 ? VAL A 18 LYS A 26 
B 4 THR A 23 ? VAL A 26 ? THR A 11 VAL A 14 
B 5 VAL B 54 ? ARG B 56 ? VAL B 42 ARG B 44 
# 
loop_
_pdbx_struct_sheet_hbond.sheet_id 
_pdbx_struct_sheet_hbond.range_id_1 
_pdbx_struct_sheet_hbond.range_id_2 
_pdbx_struct_sheet_hbond.range_1_label_atom_id 
_pdbx_struct_sheet_hbond.range_1_label_comp_id 
_pdbx_struct_sheet_hbond.range_1_label_asym_id 
_pdbx_struct_sheet_hbond.range_1_label_seq_id 
_pdbx_struct_sheet_hbond.range_1_PDB_ins_code 
_pdbx_struct_sheet_hbond.range_1_auth_atom_id 
_pdbx_struct_sheet_hbond.range_1_auth_comp_id 
_pdbx_struct_sheet_hbond.range_1_auth_asym_id 
_pdbx_struct_sheet_hbond.range_1_auth_seq_id 
_pdbx_struct_sheet_hbond.range_2_label_atom_id 
_pdbx_struct_sheet_hbond.range_2_label_comp_id 
_pdbx_struct_sheet_hbond.range_2_label_asym_id 
_pdbx_struct_sheet_hbond.range_2_label_seq_id 
_pdbx_struct_sheet_hbond.range_2_PDB_ins_code 
_pdbx_struct_sheet_hbond.range_2_auth_atom_id 
_pdbx_struct_sheet_hbond.range_2_auth_comp_id 
_pdbx_struct_sheet_hbond.range_2_auth_asym_id 
_pdbx_struct_sheet_hbond.range_2_auth_seq_id 
A 1 2 N LEU A 14 ? N LEU A 2  O VAL B 46 ? O VAL B 34 
A 2 3 O GLN B 41 ? O GLN B 29 N LYS B 38 ? N LYS B 26 
A 3 4 O VAL B 32 ? O VAL B 20 N LEU B 24 ? N LEU B 12 
A 4 5 O MSE B 25 ? O MSE B 13 N HIS A 55 ? N HIS A 43 
B 1 2 O LEU B 14 ? O LEU B 2  N VAL A 46 ? N VAL A 34 
B 2 3 O ARG A 43 ? O ARG A 31 N GLY A 36 ? N GLY A 24 
B 3 4 O VAL A 32 ? O VAL A 20 N LEU A 24 ? N LEU A 12 
B 4 5 N MSE A 25 ? N MSE A 13 O HIS B 55 ? O HIS B 43 
# 
_pdbx_entry_details.entry_id                   1VPZ 
_pdbx_entry_details.compound_details           ? 
_pdbx_entry_details.source_details             ? 
_pdbx_entry_details.nonpolymer_details         ? 
_pdbx_entry_details.sequence_details           ? 
_pdbx_entry_details.has_ligand_of_interest     ? 
_pdbx_entry_details.has_protein_modification   Y 
# 
_pdbx_SG_project.id                    1 
_pdbx_SG_project.project_name          'PSI, Protein Structure Initiative' 
_pdbx_SG_project.full_name_of_center   'Joint Center for Structural Genomics' 
_pdbx_SG_project.initial_of_center     JCSG 
# 
loop_
_pdbx_struct_mod_residue.id 
_pdbx_struct_mod_residue.label_asym_id 
_pdbx_struct_mod_residue.label_comp_id 
_pdbx_struct_mod_residue.label_seq_id 
_pdbx_struct_mod_residue.auth_asym_id 
_pdbx_struct_mod_residue.auth_comp_id 
_pdbx_struct_mod_residue.auth_seq_id 
_pdbx_struct_mod_residue.PDB_ins_code 
_pdbx_struct_mod_residue.parent_comp_id 
_pdbx_struct_mod_residue.details 
1 A MSE 13 A MSE 1  ? MET SELENOMETHIONINE 
2 A MSE 25 A MSE 13 ? MET SELENOMETHIONINE 
3 B MSE 13 B MSE 1  ? MET SELENOMETHIONINE 
4 B MSE 25 B MSE 13 ? MET SELENOMETHIONINE 
# 
loop_
_pdbx_refine_tls.id 
_pdbx_refine_tls.details 
_pdbx_refine_tls.method 
_pdbx_refine_tls.origin_x 
_pdbx_refine_tls.origin_y 
_pdbx_refine_tls.origin_z 
_pdbx_refine_tls.T[1][1] 
_pdbx_refine_tls.T[2][2] 
_pdbx_refine_tls.T[3][3] 
_pdbx_refine_tls.T[1][2] 
_pdbx_refine_tls.T[1][3] 
_pdbx_refine_tls.T[2][3] 
_pdbx_refine_tls.L[1][1] 
_pdbx_refine_tls.L[2][2] 
_pdbx_refine_tls.L[3][3] 
_pdbx_refine_tls.L[1][2] 
_pdbx_refine_tls.L[1][3] 
_pdbx_refine_tls.L[2][3] 
_pdbx_refine_tls.S[1][1] 
_pdbx_refine_tls.S[2][2] 
_pdbx_refine_tls.S[3][3] 
_pdbx_refine_tls.S[1][2] 
_pdbx_refine_tls.S[1][3] 
_pdbx_refine_tls.S[2][3] 
_pdbx_refine_tls.S[2][1] 
_pdbx_refine_tls.S[3][1] 
_pdbx_refine_tls.S[3][2] 
_pdbx_refine_tls.pdbx_refine_id 
1 . refined 0.2527 -0.8234 2.4108  -0.1630 -0.1109 -0.1297 -0.0049 0.0258 -0.0349 3.4329 3.9360 3.2878 1.8053 -0.2933 0.8274 -0.0384 0.1445 -0.1062 0.0669 -0.0642 -0.0324 -0.1031 0.1601  -0.1579 'X-RAY DIFFRACTION' 
2 . refined 0.5941 0.7776  -2.4276 -0.2094 -0.0914 -0.1320 0.0113  0.0653 -0.0587 2.4023 4.7808 3.2758 0.7240 0.2361  0.5269 -0.0902 0.1188 -0.0287 0.0204 0.0256  -0.0640 0.0295  -0.1147 -0.0959 'X-RAY DIFFRACTION' 
# 
loop_
_pdbx_refine_tls_group.id 
_pdbx_refine_tls_group.refine_tls_id 
_pdbx_refine_tls_group.beg_label_asym_id 
_pdbx_refine_tls_group.beg_label_seq_id 
_pdbx_refine_tls_group.end_label_asym_id 
_pdbx_refine_tls_group.end_label_seq_id 
_pdbx_refine_tls_group.selection 
_pdbx_refine_tls_group.beg_auth_asym_id 
_pdbx_refine_tls_group.beg_auth_seq_id 
_pdbx_refine_tls_group.end_auth_asym_id 
_pdbx_refine_tls_group.end_auth_seq_id 
_pdbx_refine_tls_group.pdbx_refine_id 
_pdbx_refine_tls_group.selection_details 
1 1 A 11 A 66 ALL A -1 A 54 'X-RAY DIFFRACTION' ? 
2 2 B 10 B 65 ALL B -2 B 53 'X-RAY DIFFRACTION' ? 
# 
loop_
_pdbx_unobs_or_zero_occ_residues.id 
_pdbx_unobs_or_zero_occ_residues.PDB_model_num 
_pdbx_unobs_or_zero_occ_residues.polymer_flag 
_pdbx_unobs_or_zero_occ_residues.occupancy_flag 
_pdbx_unobs_or_zero_occ_residues.auth_asym_id 
_pdbx_unobs_or_zero_occ_residues.auth_comp_id 
_pdbx_unobs_or_zero_occ_residues.auth_seq_id 
_pdbx_unobs_or_zero_occ_residues.PDB_ins_code 
_pdbx_unobs_or_zero_occ_residues.label_asym_id 
_pdbx_unobs_or_zero_occ_residues.label_comp_id 
_pdbx_unobs_or_zero_occ_residues.label_seq_id 
1  1 Y 1 A MSE -11 ? A MSE 1  
2  1 Y 1 A GLY -10 ? A GLY 2  
3  1 Y 1 A SER -9  ? A SER 3  
4  1 Y 1 A ASP -8  ? A ASP 4  
5  1 Y 1 A LYS -7  ? A LYS 5  
6  1 Y 1 A ILE -6  ? A ILE 6  
7  1 Y 1 A HIS -5  ? A HIS 7  
8  1 Y 1 A HIS -4  ? A HIS 8  
9  1 Y 1 A HIS -3  ? A HIS 9  
10 1 Y 1 A HIS -2  ? A HIS 10 
11 1 Y 1 A ASP 56  ? A ASP 68 
12 1 Y 1 A GLN 57  ? A GLN 69 
13 1 Y 1 A GLU 58  ? A GLU 70 
14 1 Y 1 A PRO 59  ? A PRO 71 
15 1 Y 1 A ASN 60  ? A ASN 72 
16 1 Y 1 A HIS 61  ? A HIS 73 
17 1 Y 1 B MSE -11 ? B MSE 1  
18 1 Y 1 B GLY -10 ? B GLY 2  
19 1 Y 1 B SER -9  ? B SER 3  
20 1 Y 1 B ASP -8  ? B ASP 4  
21 1 Y 1 B LYS -7  ? B LYS 5  
22 1 Y 1 B ILE -6  ? B ILE 6  
23 1 Y 1 B HIS -5  ? B HIS 7  
24 1 Y 1 B HIS -4  ? B HIS 8  
25 1 Y 1 B HIS -3  ? B HIS 9  
26 1 Y 1 B GLU 54  ? B GLU 66 
27 1 Y 1 B LYS 55  ? B LYS 67 
28 1 Y 1 B ASP 56  ? B ASP 68 
29 1 Y 1 B GLN 57  ? B GLN 69 
30 1 Y 1 B GLU 58  ? B GLU 70 
31 1 Y 1 B PRO 59  ? B PRO 71 
32 1 Y 1 B ASN 60  ? B ASN 72 
33 1 Y 1 B HIS 61  ? B HIS 73 
# 
loop_
_chem_comp_atom.comp_id 
_chem_comp_atom.atom_id 
_chem_comp_atom.type_symbol 
_chem_comp_atom.pdbx_aromatic_flag 
_chem_comp_atom.pdbx_stereo_config 
_chem_comp_atom.pdbx_ordinal 
ALA N    N  N N 1   
ALA CA   C  N S 2   
ALA C    C  N N 3   
ALA O    O  N N 4   
ALA CB   C  N N 5   
ALA OXT  O  N N 6   
ALA H    H  N N 7   
ALA H2   H  N N 8   
ALA HA   H  N N 9   
ALA HB1  H  N N 10  
ALA HB2  H  N N 11  
ALA HB3  H  N N 12  
ALA HXT  H  N N 13  
ARG N    N  N N 14  
ARG CA   C  N S 15  
ARG C    C  N N 16  
ARG O    O  N N 17  
ARG CB   C  N N 18  
ARG CG   C  N N 19  
ARG CD   C  N N 20  
ARG NE   N  N N 21  
ARG CZ   C  N N 22  
ARG NH1  N  N N 23  
ARG NH2  N  N N 24  
ARG OXT  O  N N 25  
ARG H    H  N N 26  
ARG H2   H  N N 27  
ARG HA   H  N N 28  
ARG HB2  H  N N 29  
ARG HB3  H  N N 30  
ARG HG2  H  N N 31  
ARG HG3  H  N N 32  
ARG HD2  H  N N 33  
ARG HD3  H  N N 34  
ARG HE   H  N N 35  
ARG HH11 H  N N 36  
ARG HH12 H  N N 37  
ARG HH21 H  N N 38  
ARG HH22 H  N N 39  
ARG HXT  H  N N 40  
ASN N    N  N N 41  
ASN CA   C  N S 42  
ASN C    C  N N 43  
ASN O    O  N N 44  
ASN CB   C  N N 45  
ASN CG   C  N N 46  
ASN OD1  O  N N 47  
ASN ND2  N  N N 48  
ASN OXT  O  N N 49  
ASN H    H  N N 50  
ASN H2   H  N N 51  
ASN HA   H  N N 52  
ASN HB2  H  N N 53  
ASN HB3  H  N N 54  
ASN HD21 H  N N 55  
ASN HD22 H  N N 56  
ASN HXT  H  N N 57  
ASP N    N  N N 58  
ASP CA   C  N S 59  
ASP C    C  N N 60  
ASP O    O  N N 61  
ASP CB   C  N N 62  
ASP CG   C  N N 63  
ASP OD1  O  N N 64  
ASP OD2  O  N N 65  
ASP OXT  O  N N 66  
ASP H    H  N N 67  
ASP H2   H  N N 68  
ASP HA   H  N N 69  
ASP HB2  H  N N 70  
ASP HB3  H  N N 71  
ASP HD2  H  N N 72  
ASP HXT  H  N N 73  
GLN N    N  N N 74  
GLN CA   C  N S 75  
GLN C    C  N N 76  
GLN O    O  N N 77  
GLN CB   C  N N 78  
GLN CG   C  N N 79  
GLN CD   C  N N 80  
GLN OE1  O  N N 81  
GLN NE2  N  N N 82  
GLN OXT  O  N N 83  
GLN H    H  N N 84  
GLN H2   H  N N 85  
GLN HA   H  N N 86  
GLN HB2  H  N N 87  
GLN HB3  H  N N 88  
GLN HG2  H  N N 89  
GLN HG3  H  N N 90  
GLN HE21 H  N N 91  
GLN HE22 H  N N 92  
GLN HXT  H  N N 93  
GLU N    N  N N 94  
GLU CA   C  N S 95  
GLU C    C  N N 96  
GLU O    O  N N 97  
GLU CB   C  N N 98  
GLU CG   C  N N 99  
GLU CD   C  N N 100 
GLU OE1  O  N N 101 
GLU OE2  O  N N 102 
GLU OXT  O  N N 103 
GLU H    H  N N 104 
GLU H2   H  N N 105 
GLU HA   H  N N 106 
GLU HB2  H  N N 107 
GLU HB3  H  N N 108 
GLU HG2  H  N N 109 
GLU HG3  H  N N 110 
GLU HE2  H  N N 111 
GLU HXT  H  N N 112 
GLY N    N  N N 113 
GLY CA   C  N N 114 
GLY C    C  N N 115 
GLY O    O  N N 116 
GLY OXT  O  N N 117 
GLY H    H  N N 118 
GLY H2   H  N N 119 
GLY HA2  H  N N 120 
GLY HA3  H  N N 121 
GLY HXT  H  N N 122 
HIS N    N  N N 123 
HIS CA   C  N S 124 
HIS C    C  N N 125 
HIS O    O  N N 126 
HIS CB   C  N N 127 
HIS CG   C  Y N 128 
HIS ND1  N  Y N 129 
HIS CD2  C  Y N 130 
HIS CE1  C  Y N 131 
HIS NE2  N  Y N 132 
HIS OXT  O  N N 133 
HIS H    H  N N 134 
HIS H2   H  N N 135 
HIS HA   H  N N 136 
HIS HB2  H  N N 137 
HIS HB3  H  N N 138 
HIS HD1  H  N N 139 
HIS HD2  H  N N 140 
HIS HE1  H  N N 141 
HIS HE2  H  N N 142 
HIS HXT  H  N N 143 
HOH O    O  N N 144 
HOH H1   H  N N 145 
HOH H2   H  N N 146 
ILE N    N  N N 147 
ILE CA   C  N S 148 
ILE C    C  N N 149 
ILE O    O  N N 150 
ILE CB   C  N S 151 
ILE CG1  C  N N 152 
ILE CG2  C  N N 153 
ILE CD1  C  N N 154 
ILE OXT  O  N N 155 
ILE H    H  N N 156 
ILE H2   H  N N 157 
ILE HA   H  N N 158 
ILE HB   H  N N 159 
ILE HG12 H  N N 160 
ILE HG13 H  N N 161 
ILE HG21 H  N N 162 
ILE HG22 H  N N 163 
ILE HG23 H  N N 164 
ILE HD11 H  N N 165 
ILE HD12 H  N N 166 
ILE HD13 H  N N 167 
ILE HXT  H  N N 168 
LEU N    N  N N 169 
LEU CA   C  N S 170 
LEU C    C  N N 171 
LEU O    O  N N 172 
LEU CB   C  N N 173 
LEU CG   C  N N 174 
LEU CD1  C  N N 175 
LEU CD2  C  N N 176 
LEU OXT  O  N N 177 
LEU H    H  N N 178 
LEU H2   H  N N 179 
LEU HA   H  N N 180 
LEU HB2  H  N N 181 
LEU HB3  H  N N 182 
LEU HG   H  N N 183 
LEU HD11 H  N N 184 
LEU HD12 H  N N 185 
LEU HD13 H  N N 186 
LEU HD21 H  N N 187 
LEU HD22 H  N N 188 
LEU HD23 H  N N 189 
LEU HXT  H  N N 190 
LYS N    N  N N 191 
LYS CA   C  N S 192 
LYS C    C  N N 193 
LYS O    O  N N 194 
LYS CB   C  N N 195 
LYS CG   C  N N 196 
LYS CD   C  N N 197 
LYS CE   C  N N 198 
LYS NZ   N  N N 199 
LYS OXT  O  N N 200 
LYS H    H  N N 201 
LYS H2   H  N N 202 
LYS HA   H  N N 203 
LYS HB2  H  N N 204 
LYS HB3  H  N N 205 
LYS HG2  H  N N 206 
LYS HG3  H  N N 207 
LYS HD2  H  N N 208 
LYS HD3  H  N N 209 
LYS HE2  H  N N 210 
LYS HE3  H  N N 211 
LYS HZ1  H  N N 212 
LYS HZ2  H  N N 213 
LYS HZ3  H  N N 214 
LYS HXT  H  N N 215 
MET N    N  N N 216 
MET CA   C  N S 217 
MET C    C  N N 218 
MET O    O  N N 219 
MET CB   C  N N 220 
MET CG   C  N N 221 
MET SD   S  N N 222 
MET CE   C  N N 223 
MET OXT  O  N N 224 
MET H    H  N N 225 
MET H2   H  N N 226 
MET HA   H  N N 227 
MET HB2  H  N N 228 
MET HB3  H  N N 229 
MET HG2  H  N N 230 
MET HG3  H  N N 231 
MET HE1  H  N N 232 
MET HE2  H  N N 233 
MET HE3  H  N N 234 
MET HXT  H  N N 235 
MSE N    N  N N 236 
MSE CA   C  N S 237 
MSE C    C  N N 238 
MSE O    O  N N 239 
MSE OXT  O  N N 240 
MSE CB   C  N N 241 
MSE CG   C  N N 242 
MSE SE   SE N N 243 
MSE CE   C  N N 244 
MSE H    H  N N 245 
MSE H2   H  N N 246 
MSE HA   H  N N 247 
MSE HXT  H  N N 248 
MSE HB2  H  N N 249 
MSE HB3  H  N N 250 
MSE HG2  H  N N 251 
MSE HG3  H  N N 252 
MSE HE1  H  N N 253 
MSE HE2  H  N N 254 
MSE HE3  H  N N 255 
PRO N    N  N N 256 
PRO CA   C  N S 257 
PRO C    C  N N 258 
PRO O    O  N N 259 
PRO CB   C  N N 260 
PRO CG   C  N N 261 
PRO CD   C  N N 262 
PRO OXT  O  N N 263 
PRO H    H  N N 264 
PRO HA   H  N N 265 
PRO HB2  H  N N 266 
PRO HB3  H  N N 267 
PRO HG2  H  N N 268 
PRO HG3  H  N N 269 
PRO HD2  H  N N 270 
PRO HD3  H  N N 271 
PRO HXT  H  N N 272 
SER N    N  N N 273 
SER CA   C  N S 274 
SER C    C  N N 275 
SER O    O  N N 276 
SER CB   C  N N 277 
SER OG   O  N N 278 
SER OXT  O  N N 279 
SER H    H  N N 280 
SER H2   H  N N 281 
SER HA   H  N N 282 
SER HB2  H  N N 283 
SER HB3  H  N N 284 
SER HG   H  N N 285 
SER HXT  H  N N 286 
THR N    N  N N 287 
THR CA   C  N S 288 
THR C    C  N N 289 
THR O    O  N N 290 
THR CB   C  N R 291 
THR OG1  O  N N 292 
THR CG2  C  N N 293 
THR OXT  O  N N 294 
THR H    H  N N 295 
THR H2   H  N N 296 
THR HA   H  N N 297 
THR HB   H  N N 298 
THR HG1  H  N N 299 
THR HG21 H  N N 300 
THR HG22 H  N N 301 
THR HG23 H  N N 302 
THR HXT  H  N N 303 
TYR N    N  N N 304 
TYR CA   C  N S 305 
TYR C    C  N N 306 
TYR O    O  N N 307 
TYR CB   C  N N 308 
TYR CG   C  Y N 309 
TYR CD1  C  Y N 310 
TYR CD2  C  Y N 311 
TYR CE1  C  Y N 312 
TYR CE2  C  Y N 313 
TYR CZ   C  Y N 314 
TYR OH   O  N N 315 
TYR OXT  O  N N 316 
TYR H    H  N N 317 
TYR H2   H  N N 318 
TYR HA   H  N N 319 
TYR HB2  H  N N 320 
TYR HB3  H  N N 321 
TYR HD1  H  N N 322 
TYR HD2  H  N N 323 
TYR HE1  H  N N 324 
TYR HE2  H  N N 325 
TYR HH   H  N N 326 
TYR HXT  H  N N 327 
VAL N    N  N N 328 
VAL CA   C  N S 329 
VAL C    C  N N 330 
VAL O    O  N N 331 
VAL CB   C  N N 332 
VAL CG1  C  N N 333 
VAL CG2  C  N N 334 
VAL OXT  O  N N 335 
VAL H    H  N N 336 
VAL H2   H  N N 337 
VAL HA   H  N N 338 
VAL HB   H  N N 339 
VAL HG11 H  N N 340 
VAL HG12 H  N N 341 
VAL HG13 H  N N 342 
VAL HG21 H  N N 343 
VAL HG22 H  N N 344 
VAL HG23 H  N N 345 
VAL HXT  H  N N 346 
# 
loop_
_chem_comp_bond.comp_id 
_chem_comp_bond.atom_id_1 
_chem_comp_bond.atom_id_2 
_chem_comp_bond.value_order 
_chem_comp_bond.pdbx_aromatic_flag 
_chem_comp_bond.pdbx_stereo_config 
_chem_comp_bond.pdbx_ordinal 
ALA N   CA   sing N N 1   
ALA N   H    sing N N 2   
ALA N   H2   sing N N 3   
ALA CA  C    sing N N 4   
ALA CA  CB   sing N N 5   
ALA CA  HA   sing N N 6   
ALA C   O    doub N N 7   
ALA C   OXT  sing N N 8   
ALA CB  HB1  sing N N 9   
ALA CB  HB2  sing N N 10  
ALA CB  HB3  sing N N 11  
ALA OXT HXT  sing N N 12  
ARG N   CA   sing N N 13  
ARG N   H    sing N N 14  
ARG N   H2   sing N N 15  
ARG CA  C    sing N N 16  
ARG CA  CB   sing N N 17  
ARG CA  HA   sing N N 18  
ARG C   O    doub N N 19  
ARG C   OXT  sing N N 20  
ARG CB  CG   sing N N 21  
ARG CB  HB2  sing N N 22  
ARG CB  HB3  sing N N 23  
ARG CG  CD   sing N N 24  
ARG CG  HG2  sing N N 25  
ARG CG  HG3  sing N N 26  
ARG CD  NE   sing N N 27  
ARG CD  HD2  sing N N 28  
ARG CD  HD3  sing N N 29  
ARG NE  CZ   sing N N 30  
ARG NE  HE   sing N N 31  
ARG CZ  NH1  sing N N 32  
ARG CZ  NH2  doub N N 33  
ARG NH1 HH11 sing N N 34  
ARG NH1 HH12 sing N N 35  
ARG NH2 HH21 sing N N 36  
ARG NH2 HH22 sing N N 37  
ARG OXT HXT  sing N N 38  
ASN N   CA   sing N N 39  
ASN N   H    sing N N 40  
ASN N   H2   sing N N 41  
ASN CA  C    sing N N 42  
ASN CA  CB   sing N N 43  
ASN CA  HA   sing N N 44  
ASN C   O    doub N N 45  
ASN C   OXT  sing N N 46  
ASN CB  CG   sing N N 47  
ASN CB  HB2  sing N N 48  
ASN CB  HB3  sing N N 49  
ASN CG  OD1  doub N N 50  
ASN CG  ND2  sing N N 51  
ASN ND2 HD21 sing N N 52  
ASN ND2 HD22 sing N N 53  
ASN OXT HXT  sing N N 54  
ASP N   CA   sing N N 55  
ASP N   H    sing N N 56  
ASP N   H2   sing N N 57  
ASP CA  C    sing N N 58  
ASP CA  CB   sing N N 59  
ASP CA  HA   sing N N 60  
ASP C   O    doub N N 61  
ASP C   OXT  sing N N 62  
ASP CB  CG   sing N N 63  
ASP CB  HB2  sing N N 64  
ASP CB  HB3  sing N N 65  
ASP CG  OD1  doub N N 66  
ASP CG  OD2  sing N N 67  
ASP OD2 HD2  sing N N 68  
ASP OXT HXT  sing N N 69  
GLN N   CA   sing N N 70  
GLN N   H    sing N N 71  
GLN N   H2   sing N N 72  
GLN CA  C    sing N N 73  
GLN CA  CB   sing N N 74  
GLN CA  HA   sing N N 75  
GLN C   O    doub N N 76  
GLN C   OXT  sing N N 77  
GLN CB  CG   sing N N 78  
GLN CB  HB2  sing N N 79  
GLN CB  HB3  sing N N 80  
GLN CG  CD   sing N N 81  
GLN CG  HG2  sing N N 82  
GLN CG  HG3  sing N N 83  
GLN CD  OE1  doub N N 84  
GLN CD  NE2  sing N N 85  
GLN NE2 HE21 sing N N 86  
GLN NE2 HE22 sing N N 87  
GLN OXT HXT  sing N N 88  
GLU N   CA   sing N N 89  
GLU N   H    sing N N 90  
GLU N   H2   sing N N 91  
GLU CA  C    sing N N 92  
GLU CA  CB   sing N N 93  
GLU CA  HA   sing N N 94  
GLU C   O    doub N N 95  
GLU C   OXT  sing N N 96  
GLU CB  CG   sing N N 97  
GLU CB  HB2  sing N N 98  
GLU CB  HB3  sing N N 99  
GLU CG  CD   sing N N 100 
GLU CG  HG2  sing N N 101 
GLU CG  HG3  sing N N 102 
GLU CD  OE1  doub N N 103 
GLU CD  OE2  sing N N 104 
GLU OE2 HE2  sing N N 105 
GLU OXT HXT  sing N N 106 
GLY N   CA   sing N N 107 
GLY N   H    sing N N 108 
GLY N   H2   sing N N 109 
GLY CA  C    sing N N 110 
GLY CA  HA2  sing N N 111 
GLY CA  HA3  sing N N 112 
GLY C   O    doub N N 113 
GLY C   OXT  sing N N 114 
GLY OXT HXT  sing N N 115 
HIS N   CA   sing N N 116 
HIS N   H    sing N N 117 
HIS N   H2   sing N N 118 
HIS CA  C    sing N N 119 
HIS CA  CB   sing N N 120 
HIS CA  HA   sing N N 121 
HIS C   O    doub N N 122 
HIS C   OXT  sing N N 123 
HIS CB  CG   sing N N 124 
HIS CB  HB2  sing N N 125 
HIS CB  HB3  sing N N 126 
HIS CG  ND1  sing Y N 127 
HIS CG  CD2  doub Y N 128 
HIS ND1 CE1  doub Y N 129 
HIS ND1 HD1  sing N N 130 
HIS CD2 NE2  sing Y N 131 
HIS CD2 HD2  sing N N 132 
HIS CE1 NE2  sing Y N 133 
HIS CE1 HE1  sing N N 134 
HIS NE2 HE2  sing N N 135 
HIS OXT HXT  sing N N 136 
HOH O   H1   sing N N 137 
HOH O   H2   sing N N 138 
ILE N   CA   sing N N 139 
ILE N   H    sing N N 140 
ILE N   H2   sing N N 141 
ILE CA  C    sing N N 142 
ILE CA  CB   sing N N 143 
ILE CA  HA   sing N N 144 
ILE C   O    doub N N 145 
ILE C   OXT  sing N N 146 
ILE CB  CG1  sing N N 147 
ILE CB  CG2  sing N N 148 
ILE CB  HB   sing N N 149 
ILE CG1 CD1  sing N N 150 
ILE CG1 HG12 sing N N 151 
ILE CG1 HG13 sing N N 152 
ILE CG2 HG21 sing N N 153 
ILE CG2 HG22 sing N N 154 
ILE CG2 HG23 sing N N 155 
ILE CD1 HD11 sing N N 156 
ILE CD1 HD12 sing N N 157 
ILE CD1 HD13 sing N N 158 
ILE OXT HXT  sing N N 159 
LEU N   CA   sing N N 160 
LEU N   H    sing N N 161 
LEU N   H2   sing N N 162 
LEU CA  C    sing N N 163 
LEU CA  CB   sing N N 164 
LEU CA  HA   sing N N 165 
LEU C   O    doub N N 166 
LEU C   OXT  sing N N 167 
LEU CB  CG   sing N N 168 
LEU CB  HB2  sing N N 169 
LEU CB  HB3  sing N N 170 
LEU CG  CD1  sing N N 171 
LEU CG  CD2  sing N N 172 
LEU CG  HG   sing N N 173 
LEU CD1 HD11 sing N N 174 
LEU CD1 HD12 sing N N 175 
LEU CD1 HD13 sing N N 176 
LEU CD2 HD21 sing N N 177 
LEU CD2 HD22 sing N N 178 
LEU CD2 HD23 sing N N 179 
LEU OXT HXT  sing N N 180 
LYS N   CA   sing N N 181 
LYS N   H    sing N N 182 
LYS N   H2   sing N N 183 
LYS CA  C    sing N N 184 
LYS CA  CB   sing N N 185 
LYS CA  HA   sing N N 186 
LYS C   O    doub N N 187 
LYS C   OXT  sing N N 188 
LYS CB  CG   sing N N 189 
LYS CB  HB2  sing N N 190 
LYS CB  HB3  sing N N 191 
LYS CG  CD   sing N N 192 
LYS CG  HG2  sing N N 193 
LYS CG  HG3  sing N N 194 
LYS CD  CE   sing N N 195 
LYS CD  HD2  sing N N 196 
LYS CD  HD3  sing N N 197 
LYS CE  NZ   sing N N 198 
LYS CE  HE2  sing N N 199 
LYS CE  HE3  sing N N 200 
LYS NZ  HZ1  sing N N 201 
LYS NZ  HZ2  sing N N 202 
LYS NZ  HZ3  sing N N 203 
LYS OXT HXT  sing N N 204 
MET N   CA   sing N N 205 
MET N   H    sing N N 206 
MET N   H2   sing N N 207 
MET CA  C    sing N N 208 
MET CA  CB   sing N N 209 
MET CA  HA   sing N N 210 
MET C   O    doub N N 211 
MET C   OXT  sing N N 212 
MET CB  CG   sing N N 213 
MET CB  HB2  sing N N 214 
MET CB  HB3  sing N N 215 
MET CG  SD   sing N N 216 
MET CG  HG2  sing N N 217 
MET CG  HG3  sing N N 218 
MET SD  CE   sing N N 219 
MET CE  HE1  sing N N 220 
MET CE  HE2  sing N N 221 
MET CE  HE3  sing N N 222 
MET OXT HXT  sing N N 223 
MSE N   CA   sing N N 224 
MSE N   H    sing N N 225 
MSE N   H2   sing N N 226 
MSE CA  C    sing N N 227 
MSE CA  CB   sing N N 228 
MSE CA  HA   sing N N 229 
MSE C   O    doub N N 230 
MSE C   OXT  sing N N 231 
MSE OXT HXT  sing N N 232 
MSE CB  CG   sing N N 233 
MSE CB  HB2  sing N N 234 
MSE CB  HB3  sing N N 235 
MSE CG  SE   sing N N 236 
MSE CG  HG2  sing N N 237 
MSE CG  HG3  sing N N 238 
MSE SE  CE   sing N N 239 
MSE CE  HE1  sing N N 240 
MSE CE  HE2  sing N N 241 
MSE CE  HE3  sing N N 242 
PRO N   CA   sing N N 243 
PRO N   CD   sing N N 244 
PRO N   H    sing N N 245 
PRO CA  C    sing N N 246 
PRO CA  CB   sing N N 247 
PRO CA  HA   sing N N 248 
PRO C   O    doub N N 249 
PRO C   OXT  sing N N 250 
PRO CB  CG   sing N N 251 
PRO CB  HB2  sing N N 252 
PRO CB  HB3  sing N N 253 
PRO CG  CD   sing N N 254 
PRO CG  HG2  sing N N 255 
PRO CG  HG3  sing N N 256 
PRO CD  HD2  sing N N 257 
PRO CD  HD3  sing N N 258 
PRO OXT HXT  sing N N 259 
SER N   CA   sing N N 260 
SER N   H    sing N N 261 
SER N   H2   sing N N 262 
SER CA  C    sing N N 263 
SER CA  CB   sing N N 264 
SER CA  HA   sing N N 265 
SER C   O    doub N N 266 
SER C   OXT  sing N N 267 
SER CB  OG   sing N N 268 
SER CB  HB2  sing N N 269 
SER CB  HB3  sing N N 270 
SER OG  HG   sing N N 271 
SER OXT HXT  sing N N 272 
THR N   CA   sing N N 273 
THR N   H    sing N N 274 
THR N   H2   sing N N 275 
THR CA  C    sing N N 276 
THR CA  CB   sing N N 277 
THR CA  HA   sing N N 278 
THR C   O    doub N N 279 
THR C   OXT  sing N N 280 
THR CB  OG1  sing N N 281 
THR CB  CG2  sing N N 282 
THR CB  HB   sing N N 283 
THR OG1 HG1  sing N N 284 
THR CG2 HG21 sing N N 285 
THR CG2 HG22 sing N N 286 
THR CG2 HG23 sing N N 287 
THR OXT HXT  sing N N 288 
TYR N   CA   sing N N 289 
TYR N   H    sing N N 290 
TYR N   H2   sing N N 291 
TYR CA  C    sing N N 292 
TYR CA  CB   sing N N 293 
TYR CA  HA   sing N N 294 
TYR C   O    doub N N 295 
TYR C   OXT  sing N N 296 
TYR CB  CG   sing N N 297 
TYR CB  HB2  sing N N 298 
TYR CB  HB3  sing N N 299 
TYR CG  CD1  doub Y N 300 
TYR CG  CD2  sing Y N 301 
TYR CD1 CE1  sing Y N 302 
TYR CD1 HD1  sing N N 303 
TYR CD2 CE2  doub Y N 304 
TYR CD2 HD2  sing N N 305 
TYR CE1 CZ   doub Y N 306 
TYR CE1 HE1  sing N N 307 
TYR CE2 CZ   sing Y N 308 
TYR CE2 HE2  sing N N 309 
TYR CZ  OH   sing N N 310 
TYR OH  HH   sing N N 311 
TYR OXT HXT  sing N N 312 
VAL N   CA   sing N N 313 
VAL N   H    sing N N 314 
VAL N   H2   sing N N 315 
VAL CA  C    sing N N 316 
VAL CA  CB   sing N N 317 
VAL CA  HA   sing N N 318 
VAL C   O    doub N N 319 
VAL C   OXT  sing N N 320 
VAL CB  CG1  sing N N 321 
VAL CB  CG2  sing N N 322 
VAL CB  HB   sing N N 323 
VAL CG1 HG11 sing N N 324 
VAL CG1 HG12 sing N N 325 
VAL CG1 HG13 sing N N 326 
VAL CG2 HG21 sing N N 327 
VAL CG2 HG22 sing N N 328 
VAL CG2 HG23 sing N N 329 
VAL OXT HXT  sing N N 330 
# 
_atom_sites.entry_id                    1VPZ 
_atom_sites.fract_transf_matrix[1][1]   -0.01745984 
_atom_sites.fract_transf_matrix[1][2]   0.00411006 
_atom_sites.fract_transf_matrix[1][3]   0.00967711 
_atom_sites.fract_transf_matrix[2][1]   -0.00488048 
_atom_sites.fract_transf_matrix[2][2]   0.01054175 
_atom_sites.fract_transf_matrix[2][3]   -0.01328284 
_atom_sites.fract_transf_matrix[3][1]   -0.00441939 
_atom_sites.fract_transf_matrix[3][2]   -0.00787738 
_atom_sites.fract_transf_matrix[3][3]   -0.00462797 
_atom_sites.fract_transf_vector[1]      0.012490 
_atom_sites.fract_transf_vector[2]      0.539676 
_atom_sites.fract_transf_vector[3]      0.376155 
# 
loop_
_atom_type.symbol 
C  
N  
O  
SE 
# 
loop_
_atom_site.group_PDB 
_atom_site.id 
_atom_site.type_symbol 
_atom_site.label_atom_id 
_atom_site.label_alt_id 
_atom_site.label_comp_id 
_atom_site.label_asym_id 
_atom_site.label_entity_id 
_atom_site.label_seq_id 
_atom_site.pdbx_PDB_ins_code 
_atom_site.Cartn_x 
_atom_site.Cartn_y 
_atom_site.Cartn_z 
_atom_site.occupancy 
_atom_site.B_iso_or_equiv 
_atom_site.pdbx_formal_charge 
_atom_site.auth_seq_id 
_atom_site.auth_comp_id 
_atom_site.auth_asym_id 
_atom_site.auth_atom_id 
_atom_site.pdbx_PDB_model_num 
ATOM   1   N  N   . HIS A 1 11 ? -13.867 -4.047  -12.356 1.00 66.51 ? -1 HIS A N   1 
ATOM   2   C  CA  . HIS A 1 11 ? -12.731 -3.984  -11.394 1.00 65.25 ? -1 HIS A CA  1 
ATOM   3   C  C   . HIS A 1 11 ? -12.001 -5.310  -11.367 1.00 64.17 ? -1 HIS A C   1 
ATOM   4   O  O   . HIS A 1 11 ? -12.591 -6.377  -11.573 1.00 65.49 ? -1 HIS A O   1 
ATOM   5   C  CB  . HIS A 1 11 ? -13.191 -3.622  -9.959  1.00 64.67 ? -1 HIS A CB  1 
ATOM   6   N  N   . HIS A 1 12 ? -10.697 -5.210  -11.148 1.00 62.41 ? 0  HIS A N   1 
ATOM   7   C  CA  . HIS A 1 12 ? -9.908  -6.305  -10.631 1.00 58.92 ? 0  HIS A CA  1 
ATOM   8   C  C   . HIS A 1 12 ? -8.668  -5.728  -9.942  1.00 54.75 ? 0  HIS A C   1 
ATOM   9   O  O   . HIS A 1 12 ? -8.490  -4.517  -9.862  1.00 52.85 ? 0  HIS A O   1 
ATOM   10  C  CB  . HIS A 1 12 ? -9.572  -7.313  -11.733 1.00 59.66 ? 0  HIS A CB  1 
ATOM   11  C  CG  . HIS A 1 12 ? -8.723  -6.767  -12.830 1.00 61.21 ? 0  HIS A CG  1 
ATOM   12  N  ND1 . HIS A 1 12 ? -7.358  -6.629  -12.712 1.00 70.54 ? 0  HIS A ND1 1 
ATOM   13  C  CD2 . HIS A 1 12 ? -9.038  -6.355  -14.080 1.00 68.00 ? 0  HIS A CD2 1 
ATOM   14  C  CE1 . HIS A 1 12 ? -6.869  -6.137  -13.834 1.00 70.95 ? 0  HIS A CE1 1 
ATOM   15  N  NE2 . HIS A 1 12 ? -7.867  -5.964  -14.682 1.00 74.09 ? 0  HIS A NE2 1 
HETATM 16  N  N   . MSE A 1 13 ? -7.839  -6.606  -9.410  1.00 49.56 ? 1  MSE A N   1 
HETATM 17  C  CA  . MSE A 1 13 ? -6.658  -6.197  -8.690  1.00 51.27 ? 1  MSE A CA  1 
HETATM 18  C  C   . MSE A 1 13 ? -5.649  -5.655  -9.675  1.00 43.96 ? 1  MSE A C   1 
HETATM 19  O  O   . MSE A 1 13 ? -5.512  -6.170  -10.771 1.00 41.91 ? 1  MSE A O   1 
HETATM 20  C  CB  . MSE A 1 13 ? -6.088  -7.406  -7.958  1.00 51.79 ? 1  MSE A CB  1 
HETATM 21  C  CG  . MSE A 1 13 ? -4.829  -7.180  -7.147  1.00 58.51 ? 1  MSE A CG  1 
HETATM 22  SE SE  . MSE A 1 13 ? -4.167  -8.942  -6.487  1.00 66.02 ? 1  MSE A SE  1 
HETATM 23  C  CE  . MSE A 1 13 ? -3.694  -9.680  -8.092  1.00 75.53 ? 1  MSE A CE  1 
ATOM   24  N  N   . LEU A 1 14 ? -4.959  -4.599  -9.268  1.00 42.58 ? 2  LEU A N   1 
ATOM   25  C  CA  . LEU A 1 14 ? -3.870  -4.046  -10.042 1.00 42.14 ? 2  LEU A CA  1 
ATOM   26  C  C   . LEU A 1 14 ? -2.568  -4.575  -9.460  1.00 39.74 ? 2  LEU A C   1 
ATOM   27  O  O   . LEU A 1 14 ? -2.381  -4.571  -8.261  1.00 41.49 ? 2  LEU A O   1 
ATOM   28  C  CB  . LEU A 1 14 ? -3.915  -2.515  -9.992  1.00 44.59 ? 2  LEU A CB  1 
ATOM   29  C  CG  . LEU A 1 14 ? -5.145  -1.881  -10.654 1.00 51.20 ? 2  LEU A CG  1 
ATOM   30  N  N   . ILE A 1 15 ? -1.658  -4.980  -10.326 1.00 36.32 ? 3  ILE A N   1 
ATOM   31  C  CA  . ILE A 1 15 ? -0.474  -5.706  -9.931  1.00 38.90 ? 3  ILE A CA  1 
ATOM   32  C  C   . ILE A 1 15 ? 0.677   -4.961  -10.514 1.00 40.09 ? 3  ILE A C   1 
ATOM   33  O  O   . ILE A 1 15 ? 0.727   -4.775  -11.725 1.00 39.37 ? 3  ILE A O   1 
ATOM   34  C  CB  . ILE A 1 15 ? -0.466  -7.130  -10.506 1.00 39.14 ? 3  ILE A CB  1 
ATOM   35  C  CG1 . ILE A 1 15 ? -1.597  -7.934  -9.915  1.00 38.95 ? 3  ILE A CG1 1 
ATOM   36  C  CG2 . ILE A 1 15 ? 0.853   -7.862  -10.184 1.00 44.52 ? 3  ILE A CG2 1 
ATOM   37  C  CD1 . ILE A 1 15 ? -1.627  -9.300  -10.412 1.00 40.63 ? 3  ILE A CD1 1 
ATOM   38  N  N   . LEU A 1 16 ? 1.586   -4.495  -9.666  1.00 43.12 ? 4  LEU A N   1 
ATOM   39  C  CA  . LEU A 1 16 ? 2.765   -3.801  -10.147 1.00 44.80 ? 4  LEU A CA  1 
ATOM   40  C  C   . LEU A 1 16 ? 3.953   -4.117  -9.271  1.00 44.11 ? 4  LEU A C   1 
ATOM   41  O  O   . LEU A 1 16 ? 3.809   -4.598  -8.152  1.00 45.12 ? 4  LEU A O   1 
ATOM   42  C  CB  . LEU A 1 16 ? 2.521   -2.283  -10.165 1.00 45.49 ? 4  LEU A CB  1 
ATOM   43  C  CG  . LEU A 1 16 ? 2.134   -1.620  -8.843  1.00 45.82 ? 4  LEU A CG  1 
ATOM   44  C  CD1 . LEU A 1 16 ? 2.597   -0.200  -8.807  1.00 45.82 ? 4  LEU A CD1 1 
ATOM   45  C  CD2 . LEU A 1 16 ? 0.623   -1.683  -8.576  1.00 52.76 ? 4  LEU A CD2 1 
ATOM   46  N  N   . THR A 1 17 ? 5.124   -3.814  -9.798  1.00 42.83 ? 5  THR A N   1 
ATOM   47  C  CA  . THR A 1 17 ? 6.372   -3.869  -9.067  1.00 43.44 ? 5  THR A CA  1 
ATOM   48  C  C   . THR A 1 17 ? 6.697   -2.500  -8.531  1.00 40.36 ? 5  THR A C   1 
ATOM   49  O  O   . THR A 1 17 ? 6.492   -1.503  -9.205  1.00 42.91 ? 5  THR A O   1 
ATOM   50  C  CB  . THR A 1 17 ? 7.524   -4.322  -9.979  1.00 42.90 ? 5  THR A CB  1 
ATOM   51  O  OG1 . THR A 1 17 ? 7.348   -5.699  -10.266 1.00 48.32 ? 5  THR A OG1 1 
ATOM   52  C  CG2 . THR A 1 17 ? 8.884   -4.140  -9.294  1.00 49.18 ? 5  THR A CG2 1 
ATOM   53  N  N   . ARG A 1 18 ? 7.180   -2.466  -7.299  1.00 40.86 ? 6  ARG A N   1 
ATOM   54  C  CA  . ARG A 1 18 ? 7.727   -1.262  -6.671  1.00 40.47 ? 6  ARG A CA  1 
ATOM   55  C  C   . ARG A 1 18 ? 9.048   -1.692  -6.044  1.00 43.52 ? 6  ARG A C   1 
ATOM   56  O  O   . ARG A 1 18 ? 9.068   -2.567  -5.191  1.00 45.00 ? 6  ARG A O   1 
ATOM   57  C  CB  . ARG A 1 18 ? 6.802   -0.718  -5.590  1.00 43.39 ? 6  ARG A CB  1 
ATOM   58  C  CG  . ARG A 1 18 ? 5.488   -0.131  -6.078  1.00 40.10 ? 6  ARG A CG  1 
ATOM   59  C  CD  . ARG A 1 18 ? 5.657   1.238   -6.702  1.00 37.36 ? 6  ARG A CD  1 
ATOM   60  N  NE  . ARG A 1 18 ? 6.319   1.212   -8.006  1.00 37.96 ? 6  ARG A NE  1 
ATOM   61  C  CZ  . ARG A 1 18 ? 6.588   2.278   -8.743  1.00 42.67 ? 6  ARG A CZ  1 
ATOM   62  N  NH1 . ARG A 1 18 ? 6.245   3.481   -8.318  1.00 47.79 ? 6  ARG A NH1 1 
ATOM   63  N  NH2 . ARG A 1 18 ? 7.207   2.134   -9.915  1.00 42.30 ? 6  ARG A NH2 1 
ATOM   64  N  N   . ARG A 1 19 ? 10.145  -1.109  -6.503  1.00 42.87 ? 7  ARG A N   1 
ATOM   65  C  CA  . ARG A 1 19 ? 11.440  -1.304  -5.862  1.00 43.92 ? 7  ARG A CA  1 
ATOM   66  C  C   . ARG A 1 19 ? 11.629  -0.483  -4.561  1.00 41.70 ? 7  ARG A C   1 
ATOM   67  O  O   . ARG A 1 19 ? 10.850  0.425   -4.233  1.00 41.76 ? 7  ARG A O   1 
ATOM   68  C  CB  . ARG A 1 19 ? 12.548  -0.972  -6.849  1.00 43.30 ? 7  ARG A CB  1 
ATOM   69  C  CG  . ARG A 1 19 ? 12.431  -1.726  -8.138  1.00 50.61 ? 7  ARG A CG  1 
ATOM   70  C  CD  . ARG A 1 19 ? 13.434  -1.229  -9.156  1.00 55.70 ? 7  ARG A CD  1 
ATOM   71  N  NE  . ARG A 1 19 ? 13.446  -2.124  -10.312 1.00 63.18 ? 7  ARG A NE  1 
ATOM   72  C  CZ  . ARG A 1 19 ? 14.378  -3.046  -10.575 1.00 70.10 ? 7  ARG A CZ  1 
ATOM   73  N  NH1 . ARG A 1 19 ? 15.431  -3.227  -9.774  1.00 71.53 ? 7  ARG A NH1 1 
ATOM   74  N  NH2 . ARG A 1 19 ? 14.263  -3.796  -11.664 1.00 65.35 ? 7  ARG A NH2 1 
ATOM   75  N  N   . VAL A 1 20 ? 12.654  -0.833  -3.794  1.00 41.48 ? 8  VAL A N   1 
ATOM   76  C  CA  . VAL A 1 20 ? 12.970  -0.099  -2.584  1.00 42.64 ? 8  VAL A CA  1 
ATOM   77  C  C   . VAL A 1 20 ? 13.096  1.370   -2.985  1.00 43.03 ? 8  VAL A C   1 
ATOM   78  O  O   . VAL A 1 20 ? 13.811  1.706   -3.923  1.00 41.14 ? 8  VAL A O   1 
ATOM   79  C  CB  . VAL A 1 20 ? 14.279  -0.610  -1.912  1.00 40.97 ? 8  VAL A CB  1 
ATOM   80  C  CG1 . VAL A 1 20 ? 14.740  0.327   -0.845  1.00 40.95 ? 8  VAL A CG1 1 
ATOM   81  C  CG2 . VAL A 1 20 ? 14.073  -1.982  -1.331  1.00 43.69 ? 8  VAL A CG2 1 
ATOM   82  N  N   . GLY A 1 21 ? 12.384  2.243   -2.287  1.00 39.96 ? 9  GLY A N   1 
ATOM   83  C  CA  . GLY A 1 21 ? 12.477  3.676   -2.560  1.00 40.52 ? 9  GLY A CA  1 
ATOM   84  C  C   . GLY A 1 21 ? 11.332  4.205   -3.404  1.00 39.00 ? 9  GLY A C   1 
ATOM   85  O  O   . GLY A 1 21 ? 11.112  5.411   -3.442  1.00 37.77 ? 9  GLY A O   1 
ATOM   86  N  N   . GLU A 1 22 ? 10.603  3.300   -4.067  1.00 38.46 ? 10 GLU A N   1 
ATOM   87  C  CA  . GLU A 1 22 ? 9.478   3.658   -4.937  1.00 37.89 ? 10 GLU A CA  1 
ATOM   88  C  C   . GLU A 1 22 ? 8.166   3.673   -4.172  1.00 39.06 ? 10 GLU A C   1 
ATOM   89  O  O   . GLU A 1 22 ? 8.051   2.997   -3.191  1.00 38.01 ? 10 GLU A O   1 
ATOM   90  C  CB  . GLU A 1 22 ? 9.418   2.711   -6.087  1.00 40.48 ? 10 GLU A CB  1 
ATOM   91  C  CG  . GLU A 1 22 ? 10.672  2.765   -6.949  1.00 36.02 ? 10 GLU A CG  1 
ATOM   92  C  CD  . GLU A 1 22 ? 10.468  2.076   -8.259  1.00 46.65 ? 10 GLU A CD  1 
ATOM   93  O  OE1 . GLU A 1 22 ? 9.961   0.928   -8.267  1.00 52.94 ? 10 GLU A OE1 1 
ATOM   94  O  OE2 . GLU A 1 22 ? 10.827  2.679   -9.285  1.00 50.92 ? 10 GLU A OE2 1 
ATOM   95  N  N   . THR A 1 23 ? 7.199   4.437   -4.668  1.00 38.90 ? 11 THR A N   1 
ATOM   96  C  CA  . THR A 1 23 ? 5.970   4.766   -3.966  1.00 41.26 ? 11 THR A CA  1 
ATOM   97  C  C   . THR A 1 23 ? 4.780   4.545   -4.923  1.00 42.92 ? 11 THR A C   1 
ATOM   98  O  O   . THR A 1 23 ? 4.885   4.736   -6.144  1.00 40.97 ? 11 THR A O   1 
ATOM   99  C  CB  . THR A 1 23 ? 6.042   6.227   -3.532  1.00 39.93 ? 11 THR A CB  1 
ATOM   100 O  OG1 . THR A 1 23 ? 7.119   6.376   -2.593  1.00 39.22 ? 11 THR A OG1 1 
ATOM   101 C  CG2 . THR A 1 23 ? 4.758   6.711   -2.874  1.00 38.48 ? 11 THR A CG2 1 
ATOM   102 N  N   . LEU A 1 24 ? 3.672   4.086   -4.380  1.00 43.84 ? 12 LEU A N   1 
ATOM   103 C  CA  . LEU A 1 24 ? 2.442   4.015   -5.145  1.00 45.38 ? 12 LEU A CA  1 
ATOM   104 C  C   . LEU A 1 24 ? 1.471   4.892   -4.422  1.00 43.20 ? 12 LEU A C   1 
ATOM   105 O  O   . LEU A 1 24 ? 1.616   5.100   -3.243  1.00 43.49 ? 12 LEU A O   1 
ATOM   106 C  CB  . LEU A 1 24 ? 1.922   2.572   -5.278  1.00 48.35 ? 12 LEU A CB  1 
ATOM   107 C  CG  . LEU A 1 24 ? 1.213   1.913   -4.094  1.00 50.28 ? 12 LEU A CG  1 
ATOM   108 C  CD1 . LEU A 1 24 ? -0.275  2.058   -4.185  1.00 55.01 ? 12 LEU A CD1 1 
ATOM   109 C  CD2 . LEU A 1 24 ? 1.558   0.424   -4.045  1.00 60.91 ? 12 LEU A CD2 1 
HETATM 110 N  N   . MSE A 1 25 ? 0.500   5.416   -5.149  1.00 43.85 ? 13 MSE A N   1 
HETATM 111 C  CA  . MSE A 1 25 ? -0.471  6.315   -4.607  1.00 47.70 ? 13 MSE A CA  1 
HETATM 112 C  C   . MSE A 1 25 ? -1.843  5.738   -4.766  1.00 44.01 ? 13 MSE A C   1 
HETATM 113 O  O   . MSE A 1 25 ? -2.226  5.286   -5.845  1.00 41.27 ? 13 MSE A O   1 
HETATM 114 C  CB  . MSE A 1 25 ? -0.429  7.612   -5.361  1.00 46.41 ? 13 MSE A CB  1 
HETATM 115 C  CG  . MSE A 1 25 ? 0.931   8.269   -5.350  1.00 58.03 ? 13 MSE A CG  1 
HETATM 116 SE SE  . MSE A 1 25 ? 0.820   9.944   -6.345  1.00 69.09 ? 13 MSE A SE  1 
HETATM 117 C  CE  . MSE A 1 25 ? -0.700  10.847  -5.225  1.00 63.41 ? 13 MSE A CE  1 
ATOM   118 N  N   . VAL A 1 26 ? -2.583  5.729   -3.676  1.00 44.85 ? 14 VAL A N   1 
ATOM   119 C  CA  . VAL A 1 26 ? -3.981  5.375   -3.709  1.00 44.90 ? 14 VAL A CA  1 
ATOM   120 C  C   . VAL A 1 26 ? -4.732  6.687   -3.639  1.00 45.44 ? 14 VAL A C   1 
ATOM   121 O  O   . VAL A 1 26 ? -4.728  7.363   -2.605  1.00 48.89 ? 14 VAL A O   1 
ATOM   122 C  CB  . VAL A 1 26 ? -4.343  4.492   -2.524  1.00 45.12 ? 14 VAL A CB  1 
ATOM   123 C  CG1 . VAL A 1 26 ? -5.819  4.228   -2.501  1.00 44.89 ? 14 VAL A CG1 1 
ATOM   124 C  CG2 . VAL A 1 26 ? -3.530  3.193   -2.592  1.00 47.61 ? 14 VAL A CG2 1 
ATOM   125 N  N   . GLY A 1 27 ? -5.370  7.054   -4.737  1.00 46.01 ? 15 GLY A N   1 
ATOM   126 C  CA  . GLY A 1 27 ? -5.988  8.353   -4.839  1.00 46.12 ? 15 GLY A CA  1 
ATOM   127 C  C   . GLY A 1 27 ? -4.915  9.430   -4.848  1.00 47.82 ? 15 GLY A C   1 
ATOM   128 O  O   . GLY A 1 27 ? -3.736  9.176   -5.177  1.00 47.65 ? 15 GLY A O   1 
ATOM   129 N  N   . ASP A 1 28 ? -5.335  10.636  -4.490  1.00 49.29 ? 16 ASP A N   1 
ATOM   130 C  CA  . ASP A 1 28 ? -4.450  11.794  -4.477  1.00 51.11 ? 16 ASP A CA  1 
ATOM   131 C  C   . ASP A 1 28 ? -3.713  11.958  -3.138  1.00 51.63 ? 16 ASP A C   1 
ATOM   132 O  O   . ASP A 1 28 ? -2.674  12.627  -3.104  1.00 53.69 ? 16 ASP A O   1 
ATOM   133 C  CB  . ASP A 1 28 ? -5.234  13.068  -4.815  1.00 50.67 ? 16 ASP A CB  1 
ATOM   134 C  CG  . ASP A 1 28 ? -5.775  13.063  -6.250  1.00 53.27 ? 16 ASP A CG  1 
ATOM   135 N  N   . ASP A 1 29 ? -4.216  11.318  -2.070  1.00 50.00 ? 17 ASP A N   1 
ATOM   136 C  CA  . ASP A 1 29 ? -3.822  11.659  -0.690  1.00 47.14 ? 17 ASP A CA  1 
ATOM   137 C  C   . ASP A 1 29 ? -3.115  10.562  0.119   1.00 46.13 ? 17 ASP A C   1 
ATOM   138 O  O   . ASP A 1 29 ? -2.660  10.841  1.209   1.00 47.00 ? 17 ASP A O   1 
ATOM   139 C  CB  . ASP A 1 29 ? -5.047  12.170  0.090   1.00 47.67 ? 17 ASP A CB  1 
ATOM   140 N  N   . VAL A 1 30 ? -3.003  9.336   -0.393  1.00 43.52 ? 18 VAL A N   1 
ATOM   141 C  CA  . VAL A 1 30 ? -2.313  8.253   0.329   1.00 41.01 ? 18 VAL A CA  1 
ATOM   142 C  C   . VAL A 1 30 ? -1.099  7.758   -0.461  1.00 42.46 ? 18 VAL A C   1 
ATOM   143 O  O   . VAL A 1 30 ? -1.184  7.601   -1.671  1.00 43.77 ? 18 VAL A O   1 
ATOM   144 C  CB  . VAL A 1 30 ? -3.251  7.053   0.574   1.00 41.89 ? 18 VAL A CB  1 
ATOM   145 C  CG1 . VAL A 1 30 ? -2.480  5.823   1.123   1.00 42.14 ? 18 VAL A CG1 1 
ATOM   146 C  CG2 . VAL A 1 30 ? -4.404  7.425   1.513   1.00 42.66 ? 18 VAL A CG2 1 
ATOM   147 N  N   . THR A 1 31 ? 0.031   7.533   0.206   1.00 41.71 ? 19 THR A N   1 
ATOM   148 C  CA  . THR A 1 31 ? 1.234   7.035   -0.470  1.00 42.57 ? 19 THR A CA  1 
ATOM   149 C  C   . THR A 1 31 ? 1.713   5.857   0.312   1.00 42.89 ? 19 THR A C   1 
ATOM   150 O  O   . THR A 1 31 ? 1.467   5.773   1.499   1.00 46.70 ? 19 THR A O   1 
ATOM   151 C  CB  . THR A 1 31 ? 2.345   8.084   -0.616  1.00 43.27 ? 19 THR A CB  1 
ATOM   152 O  OG1 . THR A 1 31 ? 2.749   8.564   0.664   1.00 49.61 ? 19 THR A OG1 1 
ATOM   153 C  CG2 . THR A 1 31 ? 1.867   9.234   -1.429  1.00 46.60 ? 19 THR A CG2 1 
ATOM   154 N  N   . VAL A 1 32 ? 2.293   4.893   -0.388  1.00 43.13 ? 20 VAL A N   1 
ATOM   155 C  CA  . VAL A 1 32 ? 2.748   3.656   0.179   1.00 40.70 ? 20 VAL A CA  1 
ATOM   156 C  C   . VAL A 1 32 ? 4.134   3.456   -0.468  1.00 41.05 ? 20 VAL A C   1 
ATOM   157 O  O   . VAL A 1 32 ? 4.221   3.312   -1.659  1.00 40.75 ? 20 VAL A O   1 
ATOM   158 C  CB  . VAL A 1 32 ? 1.812   2.462   -0.139  1.00 41.96 ? 20 VAL A CB  1 
ATOM   159 C  CG1 . VAL A 1 32 ? 2.393   1.164   0.443   1.00 45.61 ? 20 VAL A CG1 1 
ATOM   160 C  CG2 . VAL A 1 32 ? 0.383   2.678   0.391   1.00 43.51 ? 20 VAL A CG2 1 
ATOM   161 N  N   . THR A 1 33 ? 5.186   3.505   0.344   1.00 42.30 ? 21 THR A N   1 
ATOM   162 C  CA  . THR A 1 33 ? 6.557   3.459   -0.113  1.00 42.32 ? 21 THR A CA  1 
ATOM   163 C  C   . THR A 1 33 ? 7.232   2.179   0.386   1.00 44.00 ? 21 THR A C   1 
ATOM   164 O  O   . THR A 1 33 ? 7.094   1.814   1.552   1.00 44.01 ? 21 THR A O   1 
ATOM   165 C  CB  . THR A 1 33 ? 7.336   4.740   0.394   1.00 40.84 ? 21 THR A CB  1 
ATOM   166 O  OG1 . THR A 1 33 ? 6.747   5.913   -0.177  1.00 41.08 ? 21 THR A OG1 1 
ATOM   167 C  CG2 . THR A 1 33 ? 8.798   4.705   -0.015  1.00 39.25 ? 21 THR A CG2 1 
ATOM   168 N  N   . VAL A 1 34 ? 7.983   1.520   -0.490  1.00 42.58 ? 22 VAL A N   1 
ATOM   169 C  CA  . VAL A 1 34 ? 8.839   0.418   -0.097  1.00 42.36 ? 22 VAL A CA  1 
ATOM   170 C  C   . VAL A 1 34 ? 10.137  1.017   0.467   1.00 42.36 ? 22 VAL A C   1 
ATOM   171 O  O   . VAL A 1 34 ? 10.897  1.702   -0.250  1.00 39.35 ? 22 VAL A O   1 
ATOM   172 C  CB  . VAL A 1 34 ? 9.164   -0.543  -1.267  1.00 43.86 ? 22 VAL A CB  1 
ATOM   173 C  CG1 . VAL A 1 34 ? 10.066  -1.701  -0.797  1.00 41.79 ? 22 VAL A CG1 1 
ATOM   174 C  CG2 . VAL A 1 34 ? 7.906   -1.071  -1.898  1.00 41.80 ? 22 VAL A CG2 1 
ATOM   175 N  N   . LEU A 1 35 ? 10.349  0.760   1.762   1.00 40.36 ? 23 LEU A N   1 
ATOM   176 C  CA  . LEU A 1 35 ? 11.501  1.243   2.512   1.00 39.58 ? 23 LEU A CA  1 
ATOM   177 C  C   . LEU A 1 35 ? 12.612  0.207   2.585   1.00 38.24 ? 23 LEU A C   1 
ATOM   178 O  O   . LEU A 1 35 ? 13.737  0.587   2.702   1.00 38.98 ? 23 LEU A O   1 
ATOM   179 C  CB  . LEU A 1 35 ? 11.124  1.677   3.923   1.00 39.33 ? 23 LEU A CB  1 
ATOM   180 C  CG  . LEU A 1 35 ? 9.958   2.664   4.020   1.00 39.89 ? 23 LEU A CG  1 
ATOM   181 C  CD1 . LEU A 1 35 ? 9.591   2.864   5.449   1.00 40.14 ? 23 LEU A CD1 1 
ATOM   182 C  CD2 . LEU A 1 35 ? 10.332  3.983   3.361   1.00 41.04 ? 23 LEU A CD2 1 
ATOM   183 N  N   . GLY A 1 36 ? 12.303  -1.084  2.488   1.00 38.62 ? 24 GLY A N   1 
ATOM   184 C  CA  . GLY A 1 36 ? 13.365  -2.116  2.556   1.00 38.34 ? 24 GLY A CA  1 
ATOM   185 C  C   . GLY A 1 36 ? 12.835  -3.540  2.423   1.00 39.24 ? 24 GLY A C   1 
ATOM   186 O  O   . GLY A 1 36 ? 11.651  -3.795  2.592   1.00 40.20 ? 24 GLY A O   1 
ATOM   187 N  N   . VAL A 1 37 ? 13.722  -4.467  2.113   1.00 39.68 ? 25 VAL A N   1 
ATOM   188 C  CA  . VAL A 1 37 ? 13.381  -5.867  1.904   1.00 43.21 ? 25 VAL A CA  1 
ATOM   189 C  C   . VAL A 1 37 ? 14.455  -6.718  2.601   1.00 45.85 ? 25 VAL A C   1 
ATOM   190 O  O   . VAL A 1 37 ? 15.627  -6.546  2.322   1.00 42.79 ? 25 VAL A O   1 
ATOM   191 C  CB  . VAL A 1 37 ? 13.356  -6.201  0.388   1.00 43.96 ? 25 VAL A CB  1 
ATOM   192 C  CG1 . VAL A 1 37 ? 13.178  -7.696  0.153   1.00 50.58 ? 25 VAL A CG1 1 
ATOM   193 C  CG2 . VAL A 1 37 ? 12.269  -5.435  -0.315  1.00 44.03 ? 25 VAL A CG2 1 
ATOM   194 N  N   . LYS A 1 38 ? 14.060  -7.602  3.517   1.00 47.63 ? 26 LYS A N   1 
ATOM   195 C  CA  . LYS A 1 38 ? 14.957  -8.656  4.004   1.00 48.95 ? 26 LYS A CA  1 
ATOM   196 C  C   . LYS A 1 38 ? 14.250  -10.011 3.892   1.00 49.25 ? 26 LYS A C   1 
ATOM   197 O  O   . LYS A 1 38 ? 13.313  -10.308 4.633   1.00 47.87 ? 26 LYS A O   1 
ATOM   198 C  CB  . LYS A 1 38 ? 15.395  -8.397  5.443   1.00 48.93 ? 26 LYS A CB  1 
ATOM   199 C  CG  . LYS A 1 38 ? 16.721  -9.112  5.803   1.00 52.73 ? 26 LYS A CG  1 
ATOM   200 C  CD  . LYS A 1 38 ? 17.060  -9.032  7.296   1.00 51.91 ? 26 LYS A CD  1 
ATOM   201 N  N   . GLY A 1 39 ? 14.697  -10.833 2.952   1.00 50.87 ? 27 GLY A N   1 
ATOM   202 C  CA  . GLY A 1 39 ? 14.092  -12.141 2.734   1.00 51.78 ? 27 GLY A CA  1 
ATOM   203 C  C   . GLY A 1 39 ? 12.671  -11.993 2.235   1.00 52.13 ? 27 GLY A C   1 
ATOM   204 O  O   . GLY A 1 39 ? 12.432  -11.284 1.272   1.00 54.26 ? 27 GLY A O   1 
ATOM   205 N  N   . ASN A 1 40 ? 11.719  -12.646 2.890   1.00 52.25 ? 28 ASN A N   1 
ATOM   206 C  CA  . ASN A 1 40 ? 10.310  -12.501 2.506   1.00 52.29 ? 28 ASN A CA  1 
ATOM   207 C  C   . ASN A 1 40 ? 9.632   -11.315 3.194   1.00 49.02 ? 28 ASN A C   1 
ATOM   208 O  O   . ASN A 1 40 ? 8.409   -11.212 3.182   1.00 48.43 ? 28 ASN A O   1 
ATOM   209 C  CB  . ASN A 1 40 ? 9.511   -13.826 2.689   1.00 53.64 ? 28 ASN A CB  1 
ATOM   210 C  CG  . ASN A 1 40 ? 9.495   -14.361 4.145   1.00 61.83 ? 28 ASN A CG  1 
ATOM   211 O  OD1 . ASN A 1 40 ? 9.710   -13.628 5.124   1.00 68.89 ? 28 ASN A OD1 1 
ATOM   212 N  ND2 . ASN A 1 40 ? 9.215   -15.666 4.276   1.00 68.03 ? 28 ASN A ND2 1 
ATOM   213 N  N   . GLN A 1 41 ? 10.434  -10.406 3.753   1.00 47.18 ? 29 GLN A N   1 
ATOM   214 C  CA  . GLN A 1 41 ? 9.917   -9.261  4.483   1.00 47.13 ? 29 GLN A CA  1 
ATOM   215 C  C   . GLN A 1 41 ? 10.145  -7.917  3.815   1.00 45.41 ? 29 GLN A C   1 
ATOM   216 O  O   . GLN A 1 41 ? 11.246  -7.576  3.409   1.00 42.12 ? 29 GLN A O   1 
ATOM   217 C  CB  . GLN A 1 41 ? 10.451  -9.228  5.896   1.00 47.86 ? 29 GLN A CB  1 
ATOM   218 C  CG  . GLN A 1 41 ? 9.644   -10.114 6.791   1.00 57.83 ? 29 GLN A CG  1 
ATOM   219 C  CD  . GLN A 1 41 ? 9.788   -9.758  8.227   1.00 64.33 ? 29 GLN A CD  1 
ATOM   220 O  OE1 . GLN A 1 41 ? 10.889  -9.443  8.687   1.00 71.48 ? 29 GLN A OE1 1 
ATOM   221 N  NE2 . GLN A 1 41 ? 8.670   -9.796  8.963   1.00 73.31 ? 29 GLN A NE2 1 
ATOM   222 N  N   . VAL A 1 42 ? 9.058   -7.160  3.715   1.00 42.86 ? 30 VAL A N   1 
ATOM   223 C  CA  . VAL A 1 42 ? 9.096   -5.857  3.121   1.00 42.79 ? 30 VAL A CA  1 
ATOM   224 C  C   . VAL A 1 42 ? 8.771   -4.873  4.206   1.00 40.91 ? 30 VAL A C   1 
ATOM   225 O  O   . VAL A 1 42 ? 7.765   -5.037  4.940   1.00 39.79 ? 30 VAL A O   1 
ATOM   226 C  CB  . VAL A 1 42 ? 8.104   -5.739  1.969   1.00 43.27 ? 30 VAL A CB  1 
ATOM   227 C  CG1 . VAL A 1 42 ? 8.298   -4.437  1.241   1.00 47.28 ? 30 VAL A CG1 1 
ATOM   228 C  CG2 . VAL A 1 42 ? 8.276   -6.893  0.995   1.00 46.50 ? 30 VAL A CG2 1 
ATOM   229 N  N   . ARG A 1 43 ? 9.607   -3.842  4.315   1.00 39.31 ? 31 ARG A N   1 
ATOM   230 C  CA  . ARG A 1 43 ? 9.291   -2.721  5.199   1.00 40.80 ? 31 ARG A CA  1 
ATOM   231 C  C   . ARG A 1 43 ? 8.638   -1.616  4.395   1.00 39.96 ? 31 ARG A C   1 
ATOM   232 O  O   . ARG A 1 43 ? 9.139   -1.208  3.343   1.00 39.05 ? 31 ARG A O   1 
ATOM   233 C  CB  . ARG A 1 43 ? 10.500  -2.184  5.951   1.00 42.30 ? 31 ARG A CB  1 
ATOM   234 C  CG  . ARG A 1 43 ? 10.076  -1.267  7.119   1.00 52.23 ? 31 ARG A CG  1 
ATOM   235 C  CD  . ARG A 1 43 ? 11.197  -1.074  8.093   1.00 60.76 ? 31 ARG A CD  1 
ATOM   236 N  NE  . ARG A 1 43 ? 12.416  -0.793  7.347   1.00 68.16 ? 31 ARG A NE  1 
ATOM   237 C  CZ  . ARG A 1 43 ? 12.956  0.411   7.188   1.00 68.33 ? 31 ARG A CZ  1 
ATOM   238 N  NH1 . ARG A 1 43 ? 12.406  1.487   7.762   1.00 62.13 ? 31 ARG A NH1 1 
ATOM   239 N  NH2 . ARG A 1 43 ? 14.075  0.521   6.465   1.00 63.50 ? 31 ARG A NH2 1 
ATOM   240 N  N   . ILE A 1 44 ? 7.510   -1.147  4.907   1.00 40.23 ? 32 ILE A N   1 
ATOM   241 C  CA  . ILE A 1 44 ? 6.608   -0.269  4.173   1.00 43.06 ? 32 ILE A CA  1 
ATOM   242 C  C   . ILE A 1 44 ? 6.294   1.014   4.969   1.00 44.79 ? 32 ILE A C   1 
ATOM   243 O  O   . ILE A 1 44 ? 5.981   0.950   6.172   1.00 46.21 ? 32 ILE A O   1 
ATOM   244 C  CB  . ILE A 1 44 ? 5.281   -1.043  3.872   1.00 45.20 ? 32 ILE A CB  1 
ATOM   245 C  CG1 . ILE A 1 44 ? 5.547   -2.124  2.845   1.00 46.89 ? 32 ILE A CG1 1 
ATOM   246 C  CG2 . ILE A 1 44 ? 4.204   -0.160  3.307   1.00 48.30 ? 32 ILE A CG2 1 
ATOM   247 C  CD1 . ILE A 1 44 ? 4.649   -3.275  2.962   1.00 49.83 ? 32 ILE A CD1 1 
ATOM   248 N  N   . GLY A 1 45 ? 6.340   2.165   4.292   1.00 42.76 ? 33 GLY A N   1 
ATOM   249 C  CA  . GLY A 1 45 ? 5.947   3.450   4.884   1.00 44.05 ? 33 GLY A CA  1 
ATOM   250 C  C   . GLY A 1 45 ? 4.646   3.938   4.280   1.00 42.36 ? 33 GLY A C   1 
ATOM   251 O  O   . GLY A 1 45 ? 4.516   3.999   3.073   1.00 45.63 ? 33 GLY A O   1 
ATOM   252 N  N   . VAL A 1 46 ? 3.687   4.285   5.115   1.00 44.11 ? 34 VAL A N   1 
ATOM   253 C  CA  . VAL A 1 46 ? 2.422   4.854   4.645   1.00 44.94 ? 34 VAL A CA  1 
ATOM   254 C  C   . VAL A 1 46 ? 2.175   6.281   5.152   1.00 43.22 ? 34 VAL A C   1 
ATOM   255 O  O   . VAL A 1 46 ? 2.269   6.539   6.324   1.00 46.36 ? 34 VAL A O   1 
ATOM   256 C  CB  . VAL A 1 46 ? 1.214   3.993   5.054   1.00 45.22 ? 34 VAL A CB  1 
ATOM   257 C  CG1 . VAL A 1 46 ? -0.080  4.535   4.397   1.00 43.49 ? 34 VAL A CG1 1 
ATOM   258 C  CG2 . VAL A 1 46 ? 1.402   2.533   4.625   1.00 46.27 ? 34 VAL A CG2 1 
ATOM   259 N  N   . ASN A 1 47 ? 1.810   7.176   4.244   1.00 41.21 ? 35 ASN A N   1 
ATOM   260 C  CA  . ASN A 1 47 ? 1.338   8.497   4.567   1.00 44.17 ? 35 ASN A CA  1 
ATOM   261 C  C   . ASN A 1 47 ? -0.101  8.638   4.164   1.00 39.75 ? 35 ASN A C   1 
ATOM   262 O  O   . ASN A 1 47 ? -0.446  8.329   3.043   1.00 41.54 ? 35 ASN A O   1 
ATOM   263 C  CB  . ASN A 1 47 ? 2.120   9.500   3.767   1.00 47.29 ? 35 ASN A CB  1 
ATOM   264 C  CG  . ASN A 1 47 ? 2.807   10.466  4.615   1.00 60.03 ? 35 ASN A CG  1 
ATOM   265 O  OD1 . ASN A 1 47 ? 2.168   11.340  5.276   1.00 57.43 ? 35 ASN A OD1 1 
ATOM   266 N  ND2 . ASN A 1 47 ? 4.143   10.344  4.637   1.00 59.68 ? 35 ASN A ND2 1 
ATOM   267 N  N   . ALA A 1 48 ? -0.941  9.142   5.043   1.00 43.73 ? 36 ALA A N   1 
ATOM   268 C  CA  . ALA A 1 48 ? -2.345  9.217   4.757   1.00 41.66 ? 36 ALA A CA  1 
ATOM   269 C  C   . ALA A 1 48 ? -2.997  10.327  5.570   1.00 44.49 ? 36 ALA A C   1 
ATOM   270 O  O   . ALA A 1 48 ? -2.431  10.797  6.538   1.00 45.85 ? 36 ALA A O   1 
ATOM   271 C  CB  . ALA A 1 48 ? -3.007  7.844   5.066   1.00 42.88 ? 36 ALA A CB  1 
ATOM   272 N  N   . PRO A 1 49 ? -4.182  10.785  5.143   1.00 42.85 ? 37 PRO A N   1 
ATOM   273 C  CA  . PRO A 1 49 ? -4.976  11.684  5.963   1.00 42.44 ? 37 PRO A CA  1 
ATOM   274 C  C   . PRO A 1 49 ? -5.291  11.074  7.319   1.00 42.50 ? 37 PRO A C   1 
ATOM   275 O  O   . PRO A 1 49 ? -5.544  9.892   7.381   1.00 41.16 ? 37 PRO A O   1 
ATOM   276 C  CB  . PRO A 1 49 ? -6.255  11.868  5.126   1.00 42.91 ? 37 PRO A CB  1 
ATOM   277 C  CG  . PRO A 1 49 ? -5.807  11.667  3.717   1.00 44.77 ? 37 PRO A CG  1 
ATOM   278 C  CD  . PRO A 1 49 ? -4.783  10.565  3.813   1.00 44.03 ? 37 PRO A CD  1 
ATOM   279 N  N   . LYS A 1 50 ? -5.299  11.866  8.394   1.00 44.16 ? 38 LYS A N   1 
ATOM   280 C  CA  . LYS A 1 50 ? -5.630  11.346  9.744   1.00 45.00 ? 38 LYS A CA  1 
ATOM   281 C  C   . LYS A 1 50 ? -6.901  10.540  9.728   1.00 43.63 ? 38 LYS A C   1 
ATOM   282 O  O   . LYS A 1 50 ? -6.979  9.525   10.373  1.00 47.92 ? 38 LYS A O   1 
ATOM   283 C  CB  . LYS A 1 50 ? -5.730  12.461  10.805  1.00 43.87 ? 38 LYS A CB  1 
ATOM   284 N  N   . GLU A 1 51 ? -7.873  10.960  8.940   1.00 44.20 ? 39 GLU A N   1 
ATOM   285 C  CA  . GLU A 1 51 ? -9.196  10.315  8.915   1.00 45.98 ? 39 GLU A CA  1 
ATOM   286 C  C   . GLU A 1 51 ? -9.224  8.987   8.151   1.00 45.25 ? 39 GLU A C   1 
ATOM   287 O  O   . GLU A 1 51 ? -10.234 8.309   8.114   1.00 46.54 ? 39 GLU A O   1 
ATOM   288 C  CB  . GLU A 1 51 ? -10.263 11.272  8.340   1.00 46.10 ? 39 GLU A CB  1 
ATOM   289 C  CG  . GLU A 1 51 ? -9.928  11.917  6.971   1.00 54.39 ? 39 GLU A CG  1 
ATOM   290 C  CD  . GLU A 1 51 ? -9.149  13.231  7.100   1.00 63.99 ? 39 GLU A CD  1 
ATOM   291 O  OE1 . GLU A 1 51 ? -7.915  13.176  7.311   1.00 65.01 ? 39 GLU A OE1 1 
ATOM   292 O  OE2 . GLU A 1 51 ? -9.770  14.318  6.994   1.00 73.68 ? 39 GLU A OE2 1 
ATOM   293 N  N   . VAL A 1 52 ? -8.108  8.605   7.556   1.00 43.29 ? 40 VAL A N   1 
ATOM   294 C  CA  . VAL A 1 52 ? -8.023  7.411   6.768   1.00 43.69 ? 40 VAL A CA  1 
ATOM   295 C  C   . VAL A 1 52 ? -7.204  6.398   7.549   1.00 45.28 ? 40 VAL A C   1 
ATOM   296 O  O   . VAL A 1 52 ? -5.992  6.550   7.679   1.00 44.15 ? 40 VAL A O   1 
ATOM   297 C  CB  . VAL A 1 52 ? -7.352  7.720   5.408   1.00 42.72 ? 40 VAL A CB  1 
ATOM   298 C  CG1 . VAL A 1 52 ? -7.045  6.459   4.655   1.00 47.60 ? 40 VAL A CG1 1 
ATOM   299 C  CG2 . VAL A 1 52 ? -8.277  8.599   4.591   1.00 41.36 ? 40 VAL A CG2 1 
ATOM   300 N  N   . ALA A 1 53 ? -7.872  5.364   8.063   1.00 46.40 ? 41 ALA A N   1 
ATOM   301 C  CA  . ALA A 1 53 ? -7.216  4.358   8.894   1.00 46.86 ? 41 ALA A CA  1 
ATOM   302 C  C   . ALA A 1 53 ? -6.362  3.397   8.071   1.00 44.68 ? 41 ALA A C   1 
ATOM   303 O  O   . ALA A 1 53 ? -6.735  2.989   6.994   1.00 46.82 ? 41 ALA A O   1 
ATOM   304 C  CB  . ALA A 1 53 ? -8.235  3.598   9.688   1.00 48.30 ? 41 ALA A CB  1 
ATOM   305 N  N   . VAL A 1 54 ? -5.201  3.055   8.590   1.00 44.89 ? 42 VAL A N   1 
ATOM   306 C  CA  . VAL A 1 54 ? -4.309  2.122   7.920   1.00 44.52 ? 42 VAL A CA  1 
ATOM   307 C  C   . VAL A 1 54 ? -3.945  0.982   8.868   1.00 43.93 ? 42 VAL A C   1 
ATOM   308 O  O   . VAL A 1 54 ? -3.377  1.207   9.918   1.00 43.94 ? 42 VAL A O   1 
ATOM   309 C  CB  . VAL A 1 54 ? -3.020  2.798   7.424   1.00 45.98 ? 42 VAL A CB  1 
ATOM   310 C  CG1 . VAL A 1 54 ? -2.115  1.769   6.783   1.00 45.54 ? 42 VAL A CG1 1 
ATOM   311 C  CG2 . VAL A 1 54 ? -3.325  3.921   6.452   1.00 44.91 ? 42 VAL A CG2 1 
ATOM   312 N  N   . HIS A 1 55 ? -4.307  -0.244  8.516   1.00 45.47 ? 43 HIS A N   1 
ATOM   313 C  CA  . HIS A 1 55 ? -4.097  -1.385  9.424   1.00 44.29 ? 43 HIS A CA  1 
ATOM   314 C  C   . HIS A 1 55 ? -3.503  -2.562  8.714   1.00 45.41 ? 43 HIS A C   1 
ATOM   315 O  O   . HIS A 1 55 ? -3.754  -2.765  7.533   1.00 45.62 ? 43 HIS A O   1 
ATOM   316 C  CB  . HIS A 1 55 ? -5.403  -1.816  10.042  1.00 46.39 ? 43 HIS A CB  1 
ATOM   317 C  CG  . HIS A 1 55 ? -5.964  -0.806  10.966  1.00 38.14 ? 43 HIS A CG  1 
ATOM   318 N  ND1 . HIS A 1 55 ? -5.257  -0.323  12.044  1.00 44.37 ? 43 HIS A ND1 1 
ATOM   319 C  CD2 . HIS A 1 55 ? -7.157  -0.173  10.974  1.00 48.55 ? 43 HIS A CD2 1 
ATOM   320 C  CE1 . HIS A 1 55 ? -6.005  0.558   12.689  1.00 48.80 ? 43 HIS A CE1 1 
ATOM   321 N  NE2 . HIS A 1 55 ? -7.163  0.664   12.062  1.00 37.38 ? 43 HIS A NE2 1 
ATOM   322 N  N   . ARG A 1 56 ? -2.703  -3.329  9.448   1.00 43.65 ? 44 ARG A N   1 
ATOM   323 C  CA  . ARG A 1 56 ? -2.410  -4.696  9.054   1.00 43.20 ? 44 ARG A CA  1 
ATOM   324 C  C   . ARG A 1 56 ? -3.714  -5.473  8.983   1.00 43.02 ? 44 ARG A C   1 
ATOM   325 O  O   . ARG A 1 56 ? -4.614  -5.239  9.808   1.00 44.23 ? 44 ARG A O   1 
ATOM   326 C  CB  . ARG A 1 56 ? -1.491  -5.338  10.065  1.00 45.19 ? 44 ARG A CB  1 
ATOM   327 C  CG  . ARG A 1 56 ? -0.106  -4.780  10.076  1.00 44.42 ? 44 ARG A CG  1 
ATOM   328 C  CD  . ARG A 1 56 ? 0.643   -5.276  11.337  1.00 50.78 ? 44 ARG A CD  1 
ATOM   329 N  NE  . ARG A 1 56 ? 0.267   -4.544  12.544  1.00 53.28 ? 44 ARG A NE  1 
ATOM   330 C  CZ  . ARG A 1 56 ? 0.121   -5.068  13.769  1.00 57.89 ? 44 ARG A CZ  1 
ATOM   331 N  NH1 . ARG A 1 56 ? 0.238   -6.370  13.990  1.00 58.46 ? 44 ARG A NH1 1 
ATOM   332 N  NH2 . ARG A 1 56 ? -0.191  -4.279  14.795  1.00 58.64 ? 44 ARG A NH2 1 
ATOM   333 N  N   . GLU A 1 57 ? -3.835  -6.406  8.025   1.00 45.68 ? 45 GLU A N   1 
ATOM   334 C  CA  . GLU A 1 57 ? -5.097  -7.139  7.849   1.00 45.45 ? 45 GLU A CA  1 
ATOM   335 C  C   . GLU A 1 57 ? -5.587  -7.760  9.152   1.00 43.23 ? 45 GLU A C   1 
ATOM   336 O  O   . GLU A 1 57 ? -6.771  -7.658  9.500   1.00 42.06 ? 45 GLU A O   1 
ATOM   337 C  CB  . GLU A 1 57 ? -4.991  -8.212  6.764   1.00 47.29 ? 45 GLU A CB  1 
ATOM   338 C  CG  . GLU A 1 57 ? -4.060  -9.382  7.112   1.00 56.91 ? 45 GLU A CG  1 
ATOM   339 C  CD  . GLU A 1 57 ? -3.662  -10.271 5.911   1.00 57.13 ? 45 GLU A CD  1 
ATOM   340 O  OE1 . GLU A 1 57 ? -4.589  -10.808 5.229   1.00 68.98 ? 45 GLU A OE1 1 
ATOM   341 O  OE2 . GLU A 1 57 ? -2.422  -10.436 5.692   1.00 55.63 ? 45 GLU A OE2 1 
ATOM   342 N  N   . GLU A 1 58 ? -4.661  -8.365  9.896   1.00 42.43 ? 46 GLU A N   1 
ATOM   343 C  CA  . GLU A 1 58 ? -5.025  -9.079  11.128  1.00 43.44 ? 46 GLU A CA  1 
ATOM   344 C  C   . GLU A 1 58 ? -5.648  -8.171  12.169  1.00 42.06 ? 46 GLU A C   1 
ATOM   345 O  O   . GLU A 1 58 ? -6.535  -8.592  12.927  1.00 42.22 ? 46 GLU A O   1 
ATOM   346 C  CB  . GLU A 1 58 ? -3.819  -9.823  11.721  1.00 44.18 ? 46 GLU A CB  1 
ATOM   347 C  CG  . GLU A 1 58 ? -2.598  -8.972  12.059  1.00 46.47 ? 46 GLU A CG  1 
ATOM   348 C  CD  . GLU A 1 58 ? -1.561  -8.895  10.936  1.00 47.18 ? 46 GLU A CD  1 
ATOM   349 O  OE1 . GLU A 1 58 ? -1.912  -9.050  9.747   1.00 44.51 ? 46 GLU A OE1 1 
ATOM   350 O  OE2 . GLU A 1 58 ? -0.379  -8.642  11.256  1.00 48.54 ? 46 GLU A OE2 1 
ATOM   351 N  N   . ILE A 1 59 ? -5.191  -6.919  12.199  1.00 42.45 ? 47 ILE A N   1 
ATOM   352 C  CA  . ILE A 1 59 ? -5.775  -5.910  13.081  1.00 41.78 ? 47 ILE A CA  1 
ATOM   353 C  C   . ILE A 1 59 ? -7.096  -5.418  12.492  1.00 41.73 ? 47 ILE A C   1 
ATOM   354 O  O   . ILE A 1 59 ? -8.094  -5.343  13.203  1.00 40.85 ? 47 ILE A O   1 
ATOM   355 C  CB  . ILE A 1 59 ? -4.813  -4.733  13.306  1.00 40.03 ? 47 ILE A CB  1 
ATOM   356 C  CG1 . ILE A 1 59 ? -3.482  -5.232  13.905  1.00 41.88 ? 47 ILE A CG1 1 
ATOM   357 C  CG2 . ILE A 1 59 ? -5.421  -3.694  14.156  1.00 41.29 ? 47 ILE A CG2 1 
ATOM   358 C  CD1 . ILE A 1 59 ? -3.588  -5.897  15.235  1.00 40.67 ? 47 ILE A CD1 1 
ATOM   359 N  N   . TYR A 1 60 ? -7.108  -5.116  11.194  1.00 42.85 ? 48 TYR A N   1 
ATOM   360 C  CA  . TYR A 1 60 ? -8.353  -4.738  10.535  1.00 44.62 ? 48 TYR A CA  1 
ATOM   361 C  C   . TYR A 1 60 ? -9.490  -5.721  10.771  1.00 43.62 ? 48 TYR A C   1 
ATOM   362 O  O   . TYR A 1 60 ? -10.638 -5.312  11.019  1.00 43.05 ? 48 TYR A O   1 
ATOM   363 C  CB  . TYR A 1 60 ? -8.138  -4.559  9.026   1.00 46.62 ? 48 TYR A CB  1 
ATOM   364 C  CG  . TYR A 1 60 ? -9.394  -4.103  8.297   1.00 47.69 ? 48 TYR A CG  1 
ATOM   365 C  CD1 . TYR A 1 60 ? -9.721  -2.750  8.216   1.00 50.52 ? 48 TYR A CD1 1 
ATOM   366 C  CD2 . TYR A 1 60 ? -10.248 -5.022  7.692   1.00 46.09 ? 48 TYR A CD2 1 
ATOM   367 C  CE1 . TYR A 1 60 ? -10.858 -2.321  7.558   1.00 48.35 ? 48 TYR A CE1 1 
ATOM   368 C  CE2 . TYR A 1 60 ? -11.397 -4.602  7.026   1.00 46.42 ? 48 TYR A CE2 1 
ATOM   369 C  CZ  . TYR A 1 60 ? -11.687 -3.248  6.959   1.00 50.83 ? 48 TYR A CZ  1 
ATOM   370 O  OH  . TYR A 1 60 ? -12.827 -2.824  6.309   1.00 54.96 ? 48 TYR A OH  1 
ATOM   371 N  N   . GLN A 1 61 ? -9.208  -7.017  10.672  1.00 43.68 ? 49 GLN A N   1 
ATOM   372 C  CA  . GLN A 1 61 ? -10.293 -7.985  10.803  1.00 44.33 ? 49 GLN A CA  1 
ATOM   373 C  C   . GLN A 1 61 ? -10.807 -8.089  12.253  1.00 43.47 ? 49 GLN A C   1 
ATOM   374 O  O   . GLN A 1 61 ? -12.013 -8.285  12.474  1.00 41.67 ? 49 GLN A O   1 
ATOM   375 C  CB  . GLN A 1 61 ? -9.914  -9.348  10.208  1.00 45.74 ? 49 GLN A CB  1 
ATOM   376 C  CG  . GLN A 1 61 ? -9.762  -9.366  8.617   1.00 54.18 ? 49 GLN A CG  1 
ATOM   377 C  CD  . GLN A 1 61 ? -10.999 -8.821  7.797   1.00 58.42 ? 49 GLN A CD  1 
ATOM   378 O  OE1 . GLN A 1 61 ? -12.157 -8.870  8.242   1.00 62.53 ? 49 GLN A OE1 1 
ATOM   379 N  NE2 . GLN A 1 61 ? -10.723 -8.318  6.588   1.00 59.97 ? 49 GLN A NE2 1 
ATOM   380 N  N   . ARG A 1 62 ? -9.918  -7.906  13.233  1.00 43.23 ? 50 ARG A N   1 
ATOM   381 C  CA  . ARG A 1 62 ? -10.339 -7.893  14.638  1.00 44.41 ? 50 ARG A CA  1 
ATOM   382 C  C   . ARG A 1 62 ? -11.236 -6.698  14.893  1.00 43.32 ? 50 ARG A C   1 
ATOM   383 O  O   . ARG A 1 62 ? -12.262 -6.829  15.549  1.00 44.13 ? 50 ARG A O   1 
ATOM   384 C  CB  . ARG A 1 62 ? -9.131  -7.887  15.578  1.00 44.25 ? 50 ARG A CB  1 
ATOM   385 C  CG  . ARG A 1 62 ? -8.400  -9.200  15.553  1.00 47.13 ? 50 ARG A CG  1 
ATOM   386 C  CD  . ARG A 1 62 ? -7.229  -9.306  16.522  1.00 46.76 ? 50 ARG A CD  1 
ATOM   387 N  NE  . ARG A 1 62 ? -6.912  -10.721 16.700  1.00 52.13 ? 50 ARG A NE  1 
ATOM   388 C  CZ  . ARG A 1 62 ? -6.063  -11.228 17.587  1.00 50.34 ? 50 ARG A CZ  1 
ATOM   389 N  NH1 . ARG A 1 62 ? -5.384  -10.444 18.417  1.00 50.88 ? 50 ARG A NH1 1 
ATOM   390 N  NH2 . ARG A 1 62 ? -5.895  -12.544 17.634  1.00 53.08 ? 50 ARG A NH2 1 
ATOM   391 N  N   . ILE A 1 63 ? -10.855 -5.542  14.342  1.00 44.33 ? 51 ILE A N   1 
ATOM   392 C  CA  . ILE A 1 63 ? -11.667 -4.325  14.449  1.00 44.97 ? 51 ILE A CA  1 
ATOM   393 C  C   . ILE A 1 63 ? -13.042 -4.515  13.864  1.00 46.00 ? 51 ILE A C   1 
ATOM   394 O  O   . ILE A 1 63 ? -14.033 -4.111  14.469  1.00 47.27 ? 51 ILE A O   1 
ATOM   395 C  CB  . ILE A 1 63 ? -11.020 -3.107  13.746  1.00 45.52 ? 51 ILE A CB  1 
ATOM   396 C  CG1 . ILE A 1 63 ? -9.819  -2.632  14.556  1.00 44.79 ? 51 ILE A CG1 1 
ATOM   397 C  CG2 . ILE A 1 63 ? -12.047 -1.985  13.597  1.00 42.63 ? 51 ILE A CG2 1 
ATOM   398 C  CD1 . ILE A 1 63 ? -9.003  -1.622  13.887  1.00 45.39 ? 51 ILE A CD1 1 
ATOM   399 N  N   . GLN A 1 64 ? -13.100 -5.121  12.686  1.00 48.56 ? 52 GLN A N   1 
ATOM   400 C  CA  . GLN A 1 64 ? -14.376 -5.394  12.033  1.00 49.82 ? 52 GLN A CA  1 
ATOM   401 C  C   . GLN A 1 64 ? -15.265 -6.316  12.842  1.00 49.53 ? 52 GLN A C   1 
ATOM   402 O  O   . GLN A 1 64 ? -16.450 -6.059  12.937  1.00 50.45 ? 52 GLN A O   1 
ATOM   403 C  CB  . GLN A 1 64 ? -14.186 -5.972  10.618  1.00 50.28 ? 52 GLN A CB  1 
ATOM   404 C  CG  . GLN A 1 64 ? -13.478 -5.063  9.632   1.00 52.77 ? 52 GLN A CG  1 
ATOM   405 C  CD  . GLN A 1 64 ? -13.808 -3.591  9.805   1.00 57.95 ? 52 GLN A CD  1 
ATOM   406 O  OE1 . GLN A 1 64 ? -12.919 -2.767  10.025  1.00 66.84 ? 52 GLN A OE1 1 
ATOM   407 N  NE2 . GLN A 1 64 ? -15.083 -3.252  9.705   1.00 58.44 ? 52 GLN A NE2 1 
ATOM   408 N  N   . LYS A 1 65 ? -14.720 -7.376  13.428  1.00 50.50 ? 53 LYS A N   1 
ATOM   409 C  CA  . LYS A 1 65 ? -15.545 -8.259  14.261  1.00 51.30 ? 53 LYS A CA  1 
ATOM   410 C  C   . LYS A 1 65 ? -16.127 -7.526  15.502  1.00 52.17 ? 53 LYS A C   1 
ATOM   411 O  O   . LYS A 1 65 ? -17.223 -7.847  15.959  1.00 50.25 ? 53 LYS A O   1 
ATOM   412 C  CB  . LYS A 1 65 ? -14.788 -9.544  14.650  1.00 51.84 ? 53 LYS A CB  1 
ATOM   413 C  CG  . LYS A 1 65 ? -14.167 -10.305 13.451  1.00 54.84 ? 53 LYS A CG  1 
ATOM   414 C  CD  . LYS A 1 65 ? -14.305 -11.829 13.544  1.00 51.52 ? 53 LYS A CD  1 
ATOM   415 N  N   . GLU A 1 66 ? -15.425 -6.517  16.017  1.00 52.97 ? 54 GLU A N   1 
ATOM   416 C  CA  . GLU A 1 66 ? -15.935 -5.783  17.168  1.00 54.81 ? 54 GLU A CA  1 
ATOM   417 C  C   . GLU A 1 66 ? -16.984 -4.743  16.825  1.00 56.82 ? 54 GLU A C   1 
ATOM   418 O  O   . GLU A 1 66 ? -17.803 -4.415  17.668  1.00 59.34 ? 54 GLU A O   1 
ATOM   419 C  CB  . GLU A 1 66 ? -14.798 -5.134  17.945  1.00 54.91 ? 54 GLU A CB  1 
ATOM   420 C  CG  . GLU A 1 66 ? -13.837 -6.165  18.505  1.00 58.80 ? 54 GLU A CG  1 
ATOM   421 C  CD  . GLU A 1 66 ? -13.231 -5.784  19.839  1.00 62.96 ? 54 GLU A CD  1 
ATOM   422 O  OE1 . GLU A 1 66 ? -13.607 -4.722  20.403  1.00 67.96 ? 54 GLU A OE1 1 
ATOM   423 O  OE2 . GLU A 1 66 ? -12.384 -6.575  20.324  1.00 51.04 ? 54 GLU A OE2 1 
ATOM   424 N  N   . LYS A 1 67 ? -16.960 -4.209  15.608  1.00 59.67 ? 55 LYS A N   1 
ATOM   425 C  CA  . LYS A 1 67 ? -18.000 -3.267  15.147  1.00 60.36 ? 55 LYS A CA  1 
ATOM   426 C  C   . LYS A 1 67 ? -19.335 -3.962  14.771  1.00 59.46 ? 55 LYS A C   1 
ATOM   427 O  O   . LYS A 1 67 ? -19.360 -5.131  14.355  1.00 59.47 ? 55 LYS A O   1 
ATOM   428 C  CB  . LYS A 1 67 ? -17.477 -2.450  13.958  1.00 59.59 ? 55 LYS A CB  1 
ATOM   429 C  CG  . LYS A 1 67 ? -16.339 -1.511  14.282  1.00 59.63 ? 55 LYS A CG  1 
ATOM   430 C  CD  . LYS A 1 67 ? -15.706 -0.974  12.996  1.00 60.06 ? 55 LYS A CD  1 
ATOM   431 C  CE  . LYS A 1 67 ? -14.866 0.267   13.249  1.00 64.67 ? 55 LYS A CE  1 
ATOM   432 N  NZ  . LYS A 1 67 ? -14.321 0.876   11.985  1.00 61.85 ? 55 LYS A NZ  1 
ATOM   433 N  N   . HIS B 1 10 ? -4.280  17.579  7.682   1.00 37.73 ? -2 HIS B N   1 
ATOM   434 C  CA  . HIS B 1 10 ? -3.747  16.705  8.790   1.00 39.43 ? -2 HIS B CA  1 
ATOM   435 C  C   . HIS B 1 10 ? -3.357  15.315  8.299   1.00 42.30 ? -2 HIS B C   1 
ATOM   436 O  O   . HIS B 1 10 ? -4.051  14.716  7.476   1.00 45.87 ? -2 HIS B O   1 
ATOM   437 C  CB  . HIS B 1 10 ? -4.733  16.553  9.950   1.00 39.02 ? -2 HIS B CB  1 
ATOM   438 C  CG  . HIS B 1 10 ? -4.684  17.662  10.948  1.00 40.96 ? -2 HIS B CG  1 
ATOM   439 N  ND1 . HIS B 1 10 ? -4.411  18.967  10.603  1.00 39.84 ? -2 HIS B ND1 1 
ATOM   440 C  CD2 . HIS B 1 10 ? -4.951  17.672  12.280  1.00 40.70 ? -2 HIS B CD2 1 
ATOM   441 C  CE1 . HIS B 1 10 ? -4.483  19.728  11.681  1.00 37.32 ? -2 HIS B CE1 1 
ATOM   442 N  NE2 . HIS B 1 10 ? -4.789  18.964  12.715  1.00 34.00 ? -2 HIS B NE2 1 
ATOM   443 N  N   . HIS B 1 11 ? -2.243  14.801  8.810   1.00 40.63 ? -1 HIS B N   1 
ATOM   444 C  CA  . HIS B 1 11 ? -1.714  13.550  8.342   1.00 38.98 ? -1 HIS B CA  1 
ATOM   445 C  C   . HIS B 1 11 ? -1.134  12.686  9.424   1.00 37.57 ? -1 HIS B C   1 
ATOM   446 O  O   . HIS B 1 11 ? -0.740  13.151  10.462  1.00 37.77 ? -1 HIS B O   1 
ATOM   447 C  CB  . HIS B 1 11 ? -0.633  13.814  7.326   1.00 41.64 ? -1 HIS B CB  1 
ATOM   448 C  CG  . HIS B 1 11 ? -1.153  14.278  6.005   1.00 48.76 ? -1 HIS B CG  1 
ATOM   449 N  ND1 . HIS B 1 11 ? -1.225  15.610  5.663   1.00 43.71 ? -1 HIS B ND1 1 
ATOM   450 C  CD2 . HIS B 1 11 ? -1.613  13.585  4.936   1.00 53.74 ? -1 HIS B CD2 1 
ATOM   451 C  CE1 . HIS B 1 11 ? -1.710  15.715  4.441   1.00 51.22 ? -1 HIS B CE1 1 
ATOM   452 N  NE2 . HIS B 1 11 ? -1.964  14.503  3.982   1.00 52.45 ? -1 HIS B NE2 1 
ATOM   453 N  N   . HIS B 1 12 ? -1.068  11.396  9.153   1.00 36.69 ? 0  HIS B N   1 
ATOM   454 C  CA  . HIS B 1 12 ? -0.414  10.481  10.051  1.00 37.85 ? 0  HIS B CA  1 
ATOM   455 C  C   . HIS B 1 12 ? 0.450   9.633   9.174   1.00 36.19 ? 0  HIS B C   1 
ATOM   456 O  O   . HIS B 1 12 ? 0.220   9.578   7.982   1.00 37.15 ? 0  HIS B O   1 
ATOM   457 C  CB  . HIS B 1 12 ? -1.408  9.690   10.912  1.00 41.71 ? 0  HIS B CB  1 
ATOM   458 C  CG  . HIS B 1 12 ? -2.354  8.815   10.143  1.00 43.99 ? 0  HIS B CG  1 
ATOM   459 N  ND1 . HIS B 1 12 ? -2.861  7.648   10.666  1.00 58.79 ? 0  HIS B ND1 1 
ATOM   460 C  CD2 . HIS B 1 12 ? -2.912  8.946   8.918   1.00 51.66 ? 0  HIS B CD2 1 
ATOM   461 C  CE1 . HIS B 1 12 ? -3.664  7.081   9.783   1.00 61.66 ? 0  HIS B CE1 1 
ATOM   462 N  NE2 . HIS B 1 12 ? -3.712  7.849   8.712   1.00 51.31 ? 0  HIS B NE2 1 
HETATM 463 N  N   . MSE B 1 13 ? 1.466   9.022   9.759   1.00 40.36 ? 1  MSE B N   1 
HETATM 464 C  CA  . MSE B 1 13 ? 2.425   8.207   9.045   1.00 43.62 ? 1  MSE B CA  1 
HETATM 465 C  C   . MSE B 1 13 ? 2.628   6.908   9.799   1.00 40.38 ? 1  MSE B C   1 
HETATM 466 O  O   . MSE B 1 13 ? 2.572   6.867   11.007  1.00 43.57 ? 1  MSE B O   1 
HETATM 467 C  CB  A MSE B 1 13 ? 3.753   8.958   8.921   0.50 42.39 ? 1  MSE B CB  1 
HETATM 468 C  CB  B MSE B 1 13 ? 3.740   8.957   8.933   0.50 42.25 ? 1  MSE B CB  1 
HETATM 469 C  CG  A MSE B 1 13 ? 4.871   8.195   8.196   0.50 46.63 ? 1  MSE B CG  1 
HETATM 470 C  CG  B MSE B 1 13 ? 3.644   10.141  8.020   0.50 45.99 ? 1  MSE B CG  1 
HETATM 471 SE SE  A MSE B 1 13 ? 6.603   9.126   8.290   0.50 54.17 ? 1  MSE B SE  1 
HETATM 472 SE SE  B MSE B 1 13 ? 5.103   11.412  8.181   0.50 52.85 ? 1  MSE B SE  1 
HETATM 473 C  CE  A MSE B 1 13 ? 6.217   10.702  7.185   0.50 41.16 ? 1  MSE B CE  1 
HETATM 474 C  CE  B MSE B 1 13 ? 6.529   10.397  7.479   0.50 33.34 ? 1  MSE B CE  1 
ATOM   475 N  N   . LEU B 1 14 ? 2.924   5.847   9.082   1.00 41.56 ? 2  LEU B N   1 
ATOM   476 C  CA  . LEU B 1 14 ? 2.998   4.524   9.649   1.00 41.96 ? 2  LEU B CA  1 
ATOM   477 C  C   . LEU B 1 14 ? 4.102   3.770   8.925   1.00 39.47 ? 2  LEU B C   1 
ATOM   478 O  O   . LEU B 1 14 ? 4.223   3.870   7.715   1.00 39.67 ? 2  LEU B O   1 
ATOM   479 C  CB  . LEU B 1 14 ? 1.667   3.855   9.361   1.00 46.57 ? 2  LEU B CB  1 
ATOM   480 C  CG  . LEU B 1 14 ? 1.075   2.735   10.207  1.00 56.23 ? 2  LEU B CG  1 
ATOM   481 C  CD1 . LEU B 1 14 ? 1.851   2.416   11.506  1.00 57.99 ? 2  LEU B CD1 1 
ATOM   482 C  CD2 . LEU B 1 14 ? -0.379  3.145   10.489  1.00 60.35 ? 2  LEU B CD2 1 
ATOM   483 N  N   . ILE B 1 15 ? 4.917   3.046   9.665   1.00 37.47 ? 3  ILE B N   1 
ATOM   484 C  CA  . ILE B 1 15 ? 5.924   2.167   9.085   1.00 39.14 ? 3  ILE B CA  1 
ATOM   485 C  C   . ILE B 1 15 ? 5.621   0.784   9.621   1.00 39.95 ? 3  ILE B C   1 
ATOM   486 O  O   . ILE B 1 15 ? 5.526   0.583   10.823  1.00 37.24 ? 3  ILE B O   1 
ATOM   487 C  CB  . ILE B 1 15 ? 7.348   2.565   9.445   1.00 38.16 ? 3  ILE B CB  1 
ATOM   488 C  CG1 . ILE B 1 15 ? 7.663   3.944   8.856   1.00 42.54 ? 3  ILE B CG1 1 
ATOM   489 C  CG2 . ILE B 1 15 ? 8.359   1.511   8.928   1.00 42.20 ? 3  ILE B CG2 1 
ATOM   490 C  CD1 . ILE B 1 15 ? 9.055   4.493   9.210   1.00 40.42 ? 3  ILE B CD1 1 
ATOM   491 N  N   . LEU B 1 16 ? 5.443   -0.164  8.719   1.00 44.52 ? 4  LEU B N   1 
ATOM   492 C  CA  . LEU B 1 16 ? 5.182   -1.541  9.116   1.00 45.39 ? 4  LEU B CA  1 
ATOM   493 C  C   . LEU B 1 16 ? 5.901   -2.515  8.239   1.00 43.87 ? 4  LEU B C   1 
ATOM   494 O  O   . LEU B 1 16 ? 6.520   -2.147  7.254   1.00 45.38 ? 4  LEU B O   1 
ATOM   495 C  CB  . LEU B 1 16 ? 3.688   -1.823  9.151   1.00 47.11 ? 4  LEU B CB  1 
ATOM   496 C  CG  . LEU B 1 16 ? 2.774   -1.302  8.050   1.00 51.01 ? 4  LEU B CG  1 
ATOM   497 C  CD1 . LEU B 1 16 ? 2.438   -2.397  7.085   1.00 51.45 ? 4  LEU B CD1 1 
ATOM   498 C  CD2 . LEU B 1 16 ? 1.478   -0.782  8.723   1.00 53.26 ? 4  LEU B CD2 1 
ATOM   499 N  N   . THR B 1 17 ? 5.860   -3.766  8.657   1.00 43.74 ? 5  THR B N   1 
ATOM   500 C  CA  . THR B 1 17 ? 6.474   -4.857  7.918   1.00 44.25 ? 5  THR B CA  1 
ATOM   501 C  C   . THR B 1 17 ? 5.368   -5.803  7.449   1.00 42.28 ? 5  THR B C   1 
ATOM   502 O  O   . THR B 1 17 ? 4.445   -6.102  8.218   1.00 38.87 ? 5  THR B O   1 
ATOM   503 C  CB  . THR B 1 17 ? 7.507   -5.610  8.828   1.00 44.62 ? 5  THR B CB  1 
ATOM   504 O  OG1 . THR B 1 17 ? 8.605   -4.738  9.100   1.00 47.80 ? 5  THR B OG1 1 
ATOM   505 C  CG2 . THR B 1 17 ? 8.036   -6.841  8.185   1.00 47.85 ? 5  THR B CG2 1 
ATOM   506 N  N   . ARG B 1 18 ? 5.448   -6.229  6.188   1.00 42.10 ? 6  ARG B N   1 
ATOM   507 C  CA  . ARG B 1 18 ? 4.561   -7.269  5.628   1.00 41.21 ? 6  ARG B CA  1 
ATOM   508 C  C   . ARG B 1 18 ? 5.418   -8.318  4.928   1.00 42.09 ? 6  ARG B C   1 
ATOM   509 O  O   . ARG B 1 18 ? 6.284   -7.981  4.123   1.00 39.96 ? 6  ARG B O   1 
ATOM   510 C  CB  . ARG B 1 18 ? 3.576   -6.693  4.623   1.00 42.60 ? 6  ARG B CB  1 
ATOM   511 C  CG  . ARG B 1 18 ? 2.612   -5.603  5.168   1.00 38.46 ? 6  ARG B CG  1 
ATOM   512 C  CD  . ARG B 1 18 ? 1.423   -6.147  5.920   1.00 37.97 ? 6  ARG B CD  1 
ATOM   513 N  NE  . ARG B 1 18 ? 1.786   -6.762  7.186   1.00 41.52 ? 6  ARG B NE  1 
ATOM   514 C  CZ  . ARG B 1 18 ? 0.962   -7.424  7.993   1.00 42.65 ? 6  ARG B CZ  1 
ATOM   515 N  NH1 . ARG B 1 18 ? -0.315  -7.603  7.685   1.00 44.85 ? 6  ARG B NH1 1 
ATOM   516 N  NH2 . ARG B 1 18 ? 1.436   -7.907  9.129   1.00 40.99 ? 6  ARG B NH2 1 
ATOM   517 N  N   . ARG B 1 19 ? 5.170   -9.582  5.238   1.00 44.20 ? 7  ARG B N   1 
ATOM   518 C  CA  . ARG B 1 19 ? 5.775   -10.706 4.496   1.00 44.79 ? 7  ARG B CA  1 
ATOM   519 C  C   . ARG B 1 19 ? 4.959   -10.982 3.250   1.00 41.62 ? 7  ARG B C   1 
ATOM   520 O  O   . ARG B 1 19 ? 3.812   -10.559 3.166   1.00 41.88 ? 7  ARG B O   1 
ATOM   521 C  CB  . ARG B 1 19 ? 5.811   -11.976 5.339   1.00 45.43 ? 7  ARG B CB  1 
ATOM   522 C  CG  . ARG B 1 19 ? 6.548   -11.849 6.630   1.00 50.65 ? 7  ARG B CG  1 
ATOM   523 C  CD  . ARG B 1 19 ? 6.718   -13.182 7.321   1.00 55.54 ? 7  ARG B CD  1 
ATOM   524 N  NE  . ARG B 1 19 ? 7.418   -12.990 8.588   1.00 64.64 ? 7  ARG B NE  1 
ATOM   525 C  CZ  . ARG B 1 19 ? 6.829   -12.650 9.739   1.00 70.69 ? 7  ARG B CZ  1 
ATOM   526 N  NH1 . ARG B 1 19 ? 5.510   -12.466 9.807   1.00 72.29 ? 7  ARG B NH1 1 
ATOM   527 N  NH2 . ARG B 1 19 ? 7.563   -12.490 10.842  1.00 68.81 ? 7  ARG B NH2 1 
ATOM   528 N  N   . VAL B 1 20 ? 5.552   -11.715 2.316   1.00 41.28 ? 8  VAL B N   1 
ATOM   529 C  CA  . VAL B 1 20 ? 4.885   -12.165 1.080   1.00 41.96 ? 8  VAL B CA  1 
ATOM   530 C  C   . VAL B 1 20 ? 3.616   -12.898 1.462   1.00 42.65 ? 8  VAL B C   1 
ATOM   531 O  O   . VAL B 1 20 ? 3.653   -13.789 2.286   1.00 40.75 ? 8  VAL B O   1 
ATOM   532 C  CB  . VAL B 1 20 ? 5.783   -13.072 0.257   1.00 41.07 ? 8  VAL B CB  1 
ATOM   533 C  CG1 . VAL B 1 20 ? 5.016   -13.736 -0.899  1.00 44.73 ? 8  VAL B CG1 1 
ATOM   534 C  CG2 . VAL B 1 20 ? 6.970   -12.293 -0.270  1.00 38.74 ? 8  VAL B CG2 1 
ATOM   535 N  N   . GLY B 1 21 ? 2.481   -12.440 0.928   1.00 43.03 ? 9  GLY B N   1 
ATOM   536 C  CA  . GLY B 1 21 ? 1.196   -13.030 1.241   1.00 41.91 ? 9  GLY B CA  1 
ATOM   537 C  C   . GLY B 1 21 ? 0.381   -12.183 2.161   1.00 40.86 ? 9  GLY B C   1 
ATOM   538 O  O   . GLY B 1 21 ? -0.805  -12.429 2.297   1.00 43.04 ? 9  GLY B O   1 
ATOM   539 N  N   . GLU B 1 22 ? 1.001   -11.175 2.785   1.00 41.55 ? 10 GLU B N   1 
ATOM   540 C  CA  . GLU B 1 22 ? 0.348   -10.375 3.796   1.00 41.59 ? 10 GLU B CA  1 
ATOM   541 C  C   . GLU B 1 22 ? -0.124  -9.043  3.244   1.00 39.05 ? 10 GLU B C   1 
ATOM   542 O  O   . GLU B 1 22 ? 0.374   -8.547  2.243   1.00 39.74 ? 10 GLU B O   1 
ATOM   543 C  CB  . GLU B 1 22 ? 1.259   -10.170 5.005   1.00 43.37 ? 10 GLU B CB  1 
ATOM   544 C  CG  . GLU B 1 22 ? 1.641   -11.447 5.771   1.00 40.17 ? 10 GLU B CG  1 
ATOM   545 C  CD  . GLU B 1 22 ? 2.454   -11.133 7.021   1.00 44.92 ? 10 GLU B CD  1 
ATOM   546 O  OE1 . GLU B 1 22 ? 3.244   -10.167 6.999   1.00 50.36 ? 10 GLU B OE1 1 
ATOM   547 O  OE2 . GLU B 1 22 ? 2.282   -11.825 8.037   1.00 48.94 ? 10 GLU B OE2 1 
ATOM   548 N  N   . THR B 1 23 ? -1.076  -8.468  3.947   1.00 39.43 ? 11 THR B N   1 
ATOM   549 C  CA  . THR B 1 23 ? -1.928  -7.394  3.432   1.00 39.31 ? 11 THR B CA  1 
ATOM   550 C  C   . THR B 1 23 ? -2.083  -6.258  4.436   1.00 42.05 ? 11 THR B C   1 
ATOM   551 O  O   . THR B 1 23 ? -2.162  -6.475  5.650   1.00 43.39 ? 11 THR B O   1 
ATOM   552 C  CB  . THR B 1 23 ? -3.278  -8.000  3.004   1.00 39.42 ? 11 THR B CB  1 
ATOM   553 O  OG1 . THR B 1 23 ? -3.057  -8.802  1.846   1.00 47.04 ? 11 THR B OG1 1 
ATOM   554 C  CG2 . THR B 1 23 ? -4.365  -6.950  2.671   1.00 42.63 ? 11 THR B CG2 1 
ATOM   555 N  N   . LEU B 1 24 ? -2.143  -5.034  3.924   1.00 44.44 ? 12 LEU B N   1 
ATOM   556 C  CA  . LEU B 1 24 ? -2.608  -3.900  4.733   1.00 44.78 ? 12 LEU B CA  1 
ATOM   557 C  C   . LEU B 1 24 ? -3.852  -3.278  4.097   1.00 42.00 ? 12 LEU B C   1 
ATOM   558 O  O   . LEU B 1 24 ? -4.022  -3.303  2.884   1.00 43.22 ? 12 LEU B O   1 
ATOM   559 C  CB  . LEU B 1 24 ? -1.469  -2.875  4.887   1.00 47.81 ? 12 LEU B CB  1 
ATOM   560 C  CG  . LEU B 1 24 ? -0.986  -2.109  3.653   1.00 48.18 ? 12 LEU B CG  1 
ATOM   561 C  CD1 . LEU B 1 24 ? -1.490  -0.678  3.682   1.00 57.00 ? 12 LEU B CD1 1 
ATOM   562 C  CD2 . LEU B 1 24 ? 0.509   -2.052  3.578   1.00 60.15 ? 12 LEU B CD2 1 
HETATM 563 N  N   . MSE B 1 25 ? -4.719  -2.732  4.928   1.00 42.71 ? 13 MSE B N   1 
HETATM 564 C  CA  . MSE B 1 25 ? -5.904  -2.070  4.474   1.00 42.09 ? 13 MSE B CA  1 
HETATM 565 C  C   . MSE B 1 25 ? -5.656  -0.596  4.555   1.00 42.75 ? 13 MSE B C   1 
HETATM 566 O  O   . MSE B 1 25 ? -5.031  -0.131  5.505   1.00 39.28 ? 13 MSE B O   1 
HETATM 567 C  CB  . MSE B 1 25 ? -7.074  -2.354  5.389   1.00 45.45 ? 13 MSE B CB  1 
HETATM 568 C  CG  . MSE B 1 25 ? -6.982  -3.624  6.177   1.00 59.11 ? 13 MSE B CG  1 
HETATM 569 SE SE  . MSE B 1 25 ? -6.712  -5.232  5.122   1.00 73.23 ? 13 MSE B SE  1 
HETATM 570 C  CE  . MSE B 1 25 ? -8.526  -5.077  4.265   1.00 64.37 ? 13 MSE B CE  1 
ATOM   571 N  N   . VAL B 1 26 ? -6.159  0.126   3.551   1.00 43.73 ? 14 VAL B N   1 
ATOM   572 C  CA  . VAL B 1 26 ? -6.200  1.579   3.536   1.00 42.97 ? 14 VAL B CA  1 
ATOM   573 C  C   . VAL B 1 26 ? -7.677  1.960   3.552   1.00 43.40 ? 14 VAL B C   1 
ATOM   574 O  O   . VAL B 1 26 ? -8.405  1.756   2.593   1.00 45.23 ? 14 VAL B O   1 
ATOM   575 C  CB  . VAL B 1 26 ? -5.490  2.154   2.319   1.00 46.74 ? 14 VAL B CB  1 
ATOM   576 C  CG1 . VAL B 1 26 ? -5.563  3.669   2.324   1.00 45.09 ? 14 VAL B CG1 1 
ATOM   577 C  CG2 . VAL B 1 26 ? -4.022  1.706   2.321   1.00 35.22 ? 14 VAL B CG2 1 
ATOM   578 N  N   . GLY B 1 27 ? -8.106  2.457   4.679   1.00 44.22 ? 15 GLY B N   1 
ATOM   579 C  CA  . GLY B 1 27 ? -9.526  2.650   4.933   1.00 43.86 ? 15 GLY B CA  1 
ATOM   580 C  C   . GLY B 1 27 ? -10.244 1.316   4.872   1.00 45.64 ? 15 GLY B C   1 
ATOM   581 O  O   . GLY B 1 27 ? -9.726  0.291   5.309   1.00 45.44 ? 15 GLY B O   1 
ATOM   582 N  N   . ASP B 1 28 ? -11.455 1.344   4.333   1.00 49.40 ? 16 ASP B N   1 
ATOM   583 C  CA  . ASP B 1 28 ? -12.326 0.179   4.305   1.00 49.57 ? 16 ASP B CA  1 
ATOM   584 C  C   . ASP B 1 28 ? -12.470 -0.448  2.926   1.00 48.35 ? 16 ASP B C   1 
ATOM   585 O  O   . ASP B 1 28 ? -13.104 -1.495  2.793   1.00 49.15 ? 16 ASP B O   1 
ATOM   586 C  CB  . ASP B 1 28 ? -13.706 0.559   4.850   1.00 49.05 ? 16 ASP B CB  1 
ATOM   587 C  CG  . ASP B 1 28 ? -13.714 0.714   6.373   1.00 52.68 ? 16 ASP B CG  1 
ATOM   588 O  OD1 . ASP B 1 28 ? -13.484 -0.284  7.079   1.00 57.96 ? 16 ASP B OD1 1 
ATOM   589 O  OD2 . ASP B 1 28 ? -13.969 1.826   6.875   1.00 49.68 ? 16 ASP B OD2 1 
ATOM   590 N  N   . ASP B 1 29 ? -11.894 0.172   1.898   1.00 46.53 ? 17 ASP B N   1 
ATOM   591 C  CA  . ASP B 1 29 ? -12.167 -0.238  0.537   1.00 44.30 ? 17 ASP B CA  1 
ATOM   592 C  C   . ASP B 1 29 ? -10.928 -0.434  -0.281  1.00 43.23 ? 17 ASP B C   1 
ATOM   593 O  O   . ASP B 1 29 ? -11.044 -0.628  -1.470  1.00 43.68 ? 17 ASP B O   1 
ATOM   594 C  CB  . ASP B 1 29 ? -13.037 0.794   -0.171  1.00 44.71 ? 17 ASP B CB  1 
ATOM   595 C  CG  . ASP B 1 29 ? -14.394 0.968   0.491   1.00 50.01 ? 17 ASP B CG  1 
ATOM   596 O  OD1 . ASP B 1 29 ? -15.135 -0.039  0.623   1.00 56.31 ? 17 ASP B OD1 1 
ATOM   597 O  OD2 . ASP B 1 29 ? -14.714 2.116   0.873   1.00 62.35 ? 17 ASP B OD2 1 
ATOM   598 N  N   . VAL B 1 30 ? -9.754  -0.398  0.328   1.00 42.52 ? 18 VAL B N   1 
ATOM   599 C  CA  . VAL B 1 30 ? -8.543  -0.624  -0.413  1.00 39.50 ? 18 VAL B CA  1 
ATOM   600 C  C   . VAL B 1 30 ? -7.679  -1.547  0.400   1.00 42.32 ? 18 VAL B C   1 
ATOM   601 O  O   . VAL B 1 30 ? -7.656  -1.425  1.648   1.00 41.46 ? 18 VAL B O   1 
ATOM   602 C  CB  . VAL B 1 30 ? -7.804  0.708   -0.674  1.00 40.05 ? 18 VAL B CB  1 
ATOM   603 C  CG1 . VAL B 1 30 ? -6.472  0.485   -1.349  1.00 42.74 ? 18 VAL B CG1 1 
ATOM   604 C  CG2 . VAL B 1 30 ? -8.618  1.584   -1.543  1.00 45.52 ? 18 VAL B CG2 1 
ATOM   605 N  N   . THR B 1 31 ? -7.011  -2.480  -0.299  1.00 38.94 ? 19 THR B N   1 
ATOM   606 C  CA  . THR B 1 31 ? -6.008  -3.376  0.276   1.00 41.91 ? 19 THR B CA  1 
ATOM   607 C  C   . THR B 1 31 ? -4.809  -3.365  -0.629  1.00 42.09 ? 19 THR B C   1 
ATOM   608 O  O   . THR B 1 31 ? -4.992  -3.225  -1.806  1.00 42.64 ? 19 THR B O   1 
ATOM   609 C  CB  . THR B 1 31 ? -6.455  -4.889  0.346   1.00 45.99 ? 19 THR B CB  1 
ATOM   610 O  OG1 . THR B 1 31 ? -6.681  -5.449  -0.966  1.00 46.50 ? 19 THR B OG1 1 
ATOM   611 C  CG2 . THR B 1 31 ? -7.700  -5.034  1.150   1.00 41.72 ? 19 THR B CG2 1 
ATOM   612 N  N   . VAL B 1 32 ? -3.619  -3.548  -0.049  1.00 42.45 ? 20 VAL B N   1 
ATOM   613 C  CA  . VAL B 1 32 ? -2.346  -3.678  -0.745  1.00 41.55 ? 20 VAL B CA  1 
ATOM   614 C  C   . VAL B 1 32 ? -1.733  -4.950  -0.171  1.00 42.21 ? 20 VAL B C   1 
ATOM   615 O  O   . VAL B 1 32 ? -1.709  -5.127  1.053   1.00 43.29 ? 20 VAL B O   1 
ATOM   616 C  CB  . VAL B 1 32 ? -1.411  -2.412  -0.460  1.00 39.10 ? 20 VAL B CB  1 
ATOM   617 C  CG1 . VAL B 1 32 ? -0.021  -2.485  -1.176  1.00 45.72 ? 20 VAL B CG1 1 
ATOM   618 C  CG2 . VAL B 1 32 ? -2.089  -1.191  -0.917  1.00 40.98 ? 20 VAL B CG2 1 
ATOM   619 N  N   . THR B 1 33 ? -1.297  -5.855  -1.052  1.00 40.69 ? 21 THR B N   1 
ATOM   620 C  CA  . THR B 1 33 ? -0.831  -7.201  -0.682  1.00 38.28 ? 21 THR B CA  1 
ATOM   621 C  C   . THR B 1 33 ? 0.527   -7.369  -1.286  1.00 40.60 ? 21 THR B C   1 
ATOM   622 O  O   . THR B 1 33 ? 0.685   -6.988  -2.420  1.00 38.22 ? 21 THR B O   1 
ATOM   623 C  CB  . THR B 1 33 ? -1.758  -8.336  -1.241  1.00 38.73 ? 21 THR B CB  1 
ATOM   624 O  OG1 . THR B 1 33 ? -3.088  -8.182  -0.730  1.00 41.44 ? 21 THR B OG1 1 
ATOM   625 C  CG2 . THR B 1 33 ? -1.251  -9.726  -0.843  1.00 37.44 ? 21 THR B CG2 1 
ATOM   626 N  N   . VAL B 1 34 ? 1.490   -7.891  -0.525  1.00 41.13 ? 22 VAL B N   1 
ATOM   627 C  CA  . VAL B 1 34 ? 2.803   -8.288  -1.083  1.00 39.69 ? 22 VAL B CA  1 
ATOM   628 C  C   . VAL B 1 34 ? 2.617   -9.642  -1.737  1.00 40.12 ? 22 VAL B C   1 
ATOM   629 O  O   . VAL B 1 34 ? 2.091   -10.567 -1.101  1.00 39.96 ? 22 VAL B O   1 
ATOM   630 C  CB  . VAL B 1 34 ? 3.858   -8.401  -0.011  1.00 40.23 ? 22 VAL B CB  1 
ATOM   631 C  CG1 . VAL B 1 34 ? 5.213   -8.824  -0.611  1.00 38.49 ? 22 VAL B CG1 1 
ATOM   632 C  CG2 . VAL B 1 34 ? 3.980   -7.077  0.729   1.00 43.30 ? 22 VAL B CG2 1 
ATOM   633 N  N   . LEU B 1 35 ? 2.956   -9.725  -3.029  1.00 35.69 ? 23 LEU B N   1 
ATOM   634 C  CA  . LEU B 1 35 ? 2.705   -10.901 -3.829  1.00 37.83 ? 23 LEU B CA  1 
ATOM   635 C  C   . LEU B 1 35 ? 4.019   -11.621 -4.086  1.00 35.45 ? 23 LEU B C   1 
ATOM   636 O  O   . LEU B 1 35 ? 4.018   -12.764 -4.435  1.00 37.63 ? 23 LEU B O   1 
ATOM   637 C  CB  . LEU B 1 35 ? 2.063   -10.544 -5.171  1.00 38.25 ? 23 LEU B CB  1 
ATOM   638 C  CG  . LEU B 1 35 ? 0.731   -9.797  -5.082  1.00 35.82 ? 23 LEU B CG  1 
ATOM   639 C  CD1 . LEU B 1 35 ? 0.255   -9.448  -6.466  1.00 43.39 ? 23 LEU B CD1 1 
ATOM   640 C  CD2 . LEU B 1 35 ? -0.269  -10.591 -4.331  1.00 35.74 ? 23 LEU B CD2 1 
ATOM   641 N  N   . GLY B 1 36 ? 5.121   -10.947 -3.892  1.00 36.66 ? 24 GLY B N   1 
ATOM   642 C  CA  . GLY B 1 36 ? 6.447   -11.553 -4.241  1.00 38.86 ? 24 GLY B CA  1 
ATOM   643 C  C   . GLY B 1 36 ? 7.553   -10.595 -3.946  1.00 38.80 ? 24 GLY B C   1 
ATOM   644 O  O   . GLY B 1 36 ? 7.315   -9.397  -3.801  1.00 41.86 ? 24 GLY B O   1 
ATOM   645 N  N   . VAL B 1 37 ? 8.764   -11.115 -3.829  1.00 40.67 ? 25 VAL B N   1 
ATOM   646 C  CA  . VAL B 1 37 ? 9.949   -10.312 -3.610  1.00 44.57 ? 25 VAL B CA  1 
ATOM   647 C  C   . VAL B 1 37 ? 11.070  -10.874 -4.480  1.00 45.67 ? 25 VAL B C   1 
ATOM   648 O  O   . VAL B 1 37 ? 11.334  -12.059 -4.417  1.00 46.98 ? 25 VAL B O   1 
ATOM   649 C  CB  . VAL B 1 37 ? 10.415  -10.408 -2.143  1.00 46.37 ? 25 VAL B CB  1 
ATOM   650 C  CG1 . VAL B 1 37 ? 11.904  -10.043 -2.012  1.00 48.88 ? 25 VAL B CG1 1 
ATOM   651 C  CG2 . VAL B 1 37 ? 9.584   -9.537  -1.248  1.00 41.84 ? 25 VAL B CG2 1 
ATOM   652 N  N   . LYS B 1 38 ? 11.704  -10.034 -5.298  1.00 47.63 ? 26 LYS B N   1 
ATOM   653 C  CA  . LYS B 1 38 ? 12.896  -10.443 -6.070  1.00 49.49 ? 26 LYS B CA  1 
ATOM   654 C  C   . LYS B 1 38 ? 13.947  -9.378  -5.859  1.00 50.34 ? 26 LYS B C   1 
ATOM   655 O  O   . LYS B 1 38 ? 13.804  -8.272  -6.360  1.00 50.69 ? 26 LYS B O   1 
ATOM   656 C  CB  . LYS B 1 38 ? 12.586  -10.572 -7.570  1.00 49.94 ? 26 LYS B CB  1 
ATOM   657 N  N   . GLY B 1 39 ? 14.987  -9.698  -5.103  1.00 51.55 ? 27 GLY B N   1 
ATOM   658 C  CA  . GLY B 1 39 ? 16.022  -8.725  -4.775  1.00 52.88 ? 27 GLY B CA  1 
ATOM   659 C  C   . GLY B 1 39 ? 15.419  -7.523  -4.079  1.00 53.35 ? 27 GLY B C   1 
ATOM   660 O  O   . GLY B 1 39 ? 14.842  -7.658  -2.999  1.00 54.53 ? 27 GLY B O   1 
ATOM   661 N  N   . ASN B 1 40 ? 15.538  -6.357  -4.713  1.00 54.23 ? 28 ASN B N   1 
ATOM   662 C  CA  . ASN B 1 40 ? 14.919  -5.111  -4.211  1.00 53.30 ? 28 ASN B CA  1 
ATOM   663 C  C   . ASN B 1 40 ? 13.567  -4.799  -4.821  1.00 51.62 ? 28 ASN B C   1 
ATOM   664 O  O   . ASN B 1 40 ? 13.017  -3.755  -4.534  1.00 51.06 ? 28 ASN B O   1 
ATOM   665 C  CB  . ASN B 1 40 ? 15.851  -3.901  -4.420  1.00 54.92 ? 28 ASN B CB  1 
ATOM   666 C  CG  . ASN B 1 40 ? 16.072  -3.545  -5.902  1.00 61.84 ? 28 ASN B CG  1 
ATOM   667 O  OD1 . ASN B 1 40 ? 15.578  -4.212  -6.813  1.00 70.61 ? 28 ASN B OD1 1 
ATOM   668 N  ND2 . ASN B 1 40 ? 16.843  -2.487  -6.133  1.00 67.63 ? 28 ASN B ND2 1 
ATOM   669 N  N   . GLN B 1 41 ? 13.031  -5.704  -5.647  1.00 50.48 ? 29 GLN B N   1 
ATOM   670 C  CA  . GLN B 1 41 ? 11.739  -5.502  -6.285  1.00 48.76 ? 29 GLN B CA  1 
ATOM   671 C  C   . GLN B 1 41 ? 10.691  -6.222  -5.483  1.00 47.15 ? 29 GLN B C   1 
ATOM   672 O  O   . GLN B 1 41 ? 10.861  -7.368  -5.086  1.00 47.25 ? 29 GLN B O   1 
ATOM   673 C  CB  . GLN B 1 41 ? 11.716  -6.049  -7.696  1.00 48.14 ? 29 GLN B CB  1 
ATOM   674 C  CG  . GLN B 1 41 ? 12.953  -5.695  -8.524  1.00 55.46 ? 29 GLN B CG  1 
ATOM   675 C  CD  . GLN B 1 41 ? 13.033  -6.498  -9.804  1.00 57.52 ? 29 GLN B CD  1 
ATOM   676 O  OE1 . GLN B 1 41 ? 12.031  -6.679  -10.498 1.00 71.56 ? 29 GLN B OE1 1 
ATOM   677 N  NE2 . GLN B 1 41 ? 14.229  -6.979  -10.130 1.00 69.88 ? 29 GLN B NE2 1 
ATOM   678 N  N   . VAL B 1 42 ? 9.590   -5.546  -5.263  1.00 44.09 ? 30 VAL B N   1 
ATOM   679 C  CA  . VAL B 1 42 ? 8.483   -6.101  -4.527  1.00 43.24 ? 30 VAL B CA  1 
ATOM   680 C  C   . VAL B 1 42 ? 7.282   -6.112  -5.472  1.00 41.08 ? 30 VAL B C   1 
ATOM   681 O  O   . VAL B 1 42 ? 6.952   -5.079  -6.029  1.00 39.92 ? 30 VAL B O   1 
ATOM   682 C  CB  . VAL B 1 42 ? 8.163   -5.230  -3.294  1.00 43.76 ? 30 VAL B CB  1 
ATOM   683 C  CG1 . VAL B 1 42 ? 6.941   -5.797  -2.550  1.00 41.72 ? 30 VAL B CG1 1 
ATOM   684 C  CG2 . VAL B 1 42 ? 9.381   -5.142  -2.368  1.00 44.06 ? 30 VAL B CG2 1 
ATOM   685 N  N   . ARG B 1 43 ? 6.648   -7.265  -5.675  1.00 37.47 ? 31 ARG B N   1 
ATOM   686 C  CA  . ARG B 1 43 ? 5.450   -7.320  -6.495  1.00 38.47 ? 31 ARG B CA  1 
ATOM   687 C  C   . ARG B 1 43 ? 4.284   -7.105  -5.550  1.00 37.91 ? 31 ARG B C   1 
ATOM   688 O  O   . ARG B 1 43 ? 4.280   -7.706  -4.509  1.00 38.05 ? 31 ARG B O   1 
ATOM   689 C  CB  A ARG B 1 43 ? 5.317   -8.647  -7.235  0.50 40.80 ? 31 ARG B CB  1 
ATOM   690 C  CB  B ARG B 1 43 ? 5.350   -8.710  -7.135  0.50 39.44 ? 31 ARG B CB  1 
ATOM   691 C  CG  A ARG B 1 43 ? 4.337   -8.576  -8.406  0.50 43.37 ? 31 ARG B CG  1 
ATOM   692 C  CG  B ARG B 1 43 ? 4.452   -8.817  -8.357  0.50 36.18 ? 31 ARG B CG  1 
ATOM   693 C  CD  A ARG B 1 43 ? 4.206   -9.904  -9.082  0.50 55.14 ? 31 ARG B CD  1 
ATOM   694 C  CD  B ARG B 1 43 ? 5.178   -8.312  -9.590  0.50 41.48 ? 31 ARG B CD  1 
ATOM   695 N  NE  A ARG B 1 43 ? 3.460   -9.814  -10.333 0.50 57.43 ? 31 ARG B NE  1 
ATOM   696 N  NE  B ARG B 1 43 ? 4.414   -8.611  -10.794 0.50 43.24 ? 31 ARG B NE  1 
ATOM   697 C  CZ  A ARG B 1 43 ? 3.071   -10.867 -11.040 0.50 58.64 ? 31 ARG B CZ  1 
ATOM   698 C  CZ  B ARG B 1 43 ? 4.370   -7.843  -11.877 0.50 43.20 ? 31 ARG B CZ  1 
ATOM   699 N  NH1 A ARG B 1 43 ? 3.354   -12.098 -10.608 0.50 59.38 ? 31 ARG B NH1 1 
ATOM   700 N  NH1 B ARG B 1 43 ? 5.036   -6.693  -11.925 0.50 33.13 ? 31 ARG B NH1 1 
ATOM   701 N  NH2 A ARG B 1 43 ? 2.392   -10.688 -12.180 0.50 57.23 ? 31 ARG B NH2 1 
ATOM   702 N  NH2 B ARG B 1 43 ? 3.636   -8.220  -12.914 0.50 39.69 ? 31 ARG B NH2 1 
ATOM   703 N  N   . ILE B 1 44 ? 3.349   -6.241  -5.916  1.00 38.12 ? 32 ILE B N   1 
ATOM   704 C  CA  . ILE B 1 44 ? 2.260   -5.790  -5.037  1.00 42.49 ? 32 ILE B CA  1 
ATOM   705 C  C   . ILE B 1 44 ? 0.955   -5.891  -5.787  1.00 44.73 ? 32 ILE B C   1 
ATOM   706 O  O   . ILE B 1 44 ? 0.918   -5.653  -6.980  1.00 46.15 ? 32 ILE B O   1 
ATOM   707 C  CB  . ILE B 1 44 ? 2.478   -4.277  -4.662  1.00 45.64 ? 32 ILE B CB  1 
ATOM   708 C  CG1 . ILE B 1 44 ? 3.663   -4.125  -3.726  1.00 47.07 ? 32 ILE B CG1 1 
ATOM   709 C  CG2 . ILE B 1 44 ? 1.253   -3.647  -4.001  1.00 47.32 ? 32 ILE B CG2 1 
ATOM   710 C  CD1 . ILE B 1 44 ? 4.321   -2.749  -3.819  1.00 50.60 ? 32 ILE B CD1 1 
ATOM   711 N  N   . GLY B 1 45 ? -0.131  -6.191  -5.088  1.00 43.59 ? 33 GLY B N   1 
ATOM   712 C  CA  . GLY B 1 45 ? -1.412  -6.197  -5.712  1.00 43.17 ? 33 GLY B CA  1 
ATOM   713 C  C   . GLY B 1 45 ? -2.219  -5.203  -4.980  1.00 44.16 ? 33 GLY B C   1 
ATOM   714 O  O   . GLY B 1 45 ? -2.215  -5.222  -3.772  1.00 44.93 ? 33 GLY B O   1 
ATOM   715 N  N   . VAL B 1 46 ? -2.966  -4.380  -5.708  1.00 46.82 ? 34 VAL B N   1 
ATOM   716 C  CA  . VAL B 1 46 ? -3.867  -3.397  -5.106  1.00 45.17 ? 34 VAL B CA  1 
ATOM   717 C  C   . VAL B 1 46 ? -5.289  -3.646  -5.528  1.00 42.98 ? 34 VAL B C   1 
ATOM   718 O  O   . VAL B 1 46 ? -5.587  -3.679  -6.693  1.00 43.15 ? 34 VAL B O   1 
ATOM   719 C  CB  . VAL B 1 46 ? -3.469  -1.943  -5.504  1.00 42.94 ? 34 VAL B CB  1 
ATOM   720 C  CG1 . VAL B 1 46 ? -4.388  -0.879  -4.813  1.00 46.33 ? 34 VAL B CG1 1 
ATOM   721 C  CG2 . VAL B 1 46 ? -2.067  -1.716  -5.132  1.00 49.74 ? 34 VAL B CG2 1 
ATOM   722 N  N   . ASN B 1 47 ? -6.176  -3.806  -4.562  1.00 44.18 ? 35 ASN B N   1 
ATOM   723 C  CA  . ASN B 1 47 ? -7.579  -3.831  -4.827  1.00 46.13 ? 35 ASN B CA  1 
ATOM   724 C  C   . ASN B 1 47 ? -8.154  -2.537  -4.367  1.00 47.10 ? 35 ASN B C   1 
ATOM   725 O  O   . ASN B 1 47 ? -7.911  -2.131  -3.249  1.00 48.59 ? 35 ASN B O   1 
ATOM   726 C  CB  . ASN B 1 47 ? -8.267  -4.969  -4.055  1.00 50.73 ? 35 ASN B CB  1 
ATOM   727 C  CG  . ASN B 1 47 ? -7.852  -6.323  -4.561  1.00 58.51 ? 35 ASN B CG  1 
ATOM   728 O  OD1 . ASN B 1 47 ? -8.622  -6.988  -5.236  1.00 62.36 ? 35 ASN B OD1 1 
ATOM   729 N  ND2 . ASN B 1 47 ? -6.597  -6.713  -4.295  1.00 62.81 ? 35 ASN B ND2 1 
ATOM   730 N  N   . ALA B 1 48 ? -8.974  -1.913  -5.205  1.00 49.08 ? 36 ALA B N   1 
ATOM   731 C  CA  . ALA B 1 48 ? -9.540  -0.612  -4.896  1.00 47.33 ? 36 ALA B CA  1 
ATOM   732 C  C   . ALA B 1 48 ? -10.766 -0.421  -5.738  1.00 48.46 ? 36 ALA B C   1 
ATOM   733 O  O   . ALA B 1 48 ? -10.866 -1.008  -6.820  1.00 51.91 ? 36 ALA B O   1 
ATOM   734 C  CB  . ALA B 1 48 ? -8.525  0.483   -5.228  1.00 47.48 ? 36 ALA B CB  1 
ATOM   735 N  N   . PRO B 1 49 ? -11.685 0.442   -5.297  1.00 46.80 ? 37 PRO B N   1 
ATOM   736 C  CA  . PRO B 1 49 ? -12.872 0.730   -6.126  1.00 45.28 ? 37 PRO B CA  1 
ATOM   737 C  C   . PRO B 1 49 ? -12.509 1.349   -7.495  1.00 43.12 ? 37 PRO B C   1 
ATOM   738 O  O   . PRO B 1 49 ? -11.488 2.006   -7.611  1.00 43.89 ? 37 PRO B O   1 
ATOM   739 C  CB  . PRO B 1 49 ? -13.679 1.698   -5.252  1.00 46.18 ? 37 PRO B CB  1 
ATOM   740 C  CG  . PRO B 1 49 ? -13.112 1.528   -3.864  1.00 46.27 ? 37 PRO B CG  1 
ATOM   741 C  CD  . PRO B 1 49 ? -11.674 1.227   -4.057  1.00 47.98 ? 37 PRO B CD  1 
ATOM   742 N  N   . LYS B 1 50 ? -13.326 1.102   -8.515  1.00 43.78 ? 38 LYS B N   1 
ATOM   743 C  CA  . LYS B 1 50 ? -13.127 1.671   -9.857  1.00 45.09 ? 38 LYS B CA  1 
ATOM   744 C  C   . LYS B 1 50 ? -12.847 3.174   -9.771  1.00 45.52 ? 38 LYS B C   1 
ATOM   745 O  O   . LYS B 1 50 ? -11.989 3.690   -10.490 1.00 48.76 ? 38 LYS B O   1 
ATOM   746 C  CB  . LYS B 1 50 ? -14.362 1.425   -10.750 1.00 44.86 ? 38 LYS B CB  1 
ATOM   747 N  N   . GLU B 1 51 ? -13.548 3.854   -8.863  1.00 44.33 ? 39 GLU B N   1 
ATOM   748 C  CA  . GLU B 1 51 ? -13.494 5.306   -8.745  1.00 45.78 ? 39 GLU B CA  1 
ATOM   749 C  C   . GLU B 1 51 ? -12.288 5.860   -7.958  1.00 45.67 ? 39 GLU B C   1 
ATOM   750 O  O   . GLU B 1 51 ? -12.225 7.061   -7.700  1.00 47.50 ? 39 GLU B O   1 
ATOM   751 C  CB  . GLU B 1 51 ? -14.815 5.834   -8.150  1.00 46.68 ? 39 GLU B CB  1 
ATOM   752 C  CG  . GLU B 1 51 ? -15.129 5.377   -6.707  1.00 54.98 ? 39 GLU B CG  1 
ATOM   753 C  CD  . GLU B 1 51 ? -15.934 4.065   -6.615  1.00 63.84 ? 39 GLU B CD  1 
ATOM   754 O  OE1 . GLU B 1 51 ? -16.421 3.532   -7.642  1.00 62.88 ? 39 GLU B OE1 1 
ATOM   755 O  OE2 . GLU B 1 51 ? -16.084 3.567   -5.480  1.00 75.14 ? 39 GLU B OE2 1 
ATOM   756 N  N   . VAL B 1 52 ? -11.347 4.994   -7.576  1.00 44.31 ? 40 VAL B N   1 
ATOM   757 C  CA  . VAL B 1 52 ? -10.176 5.390   -6.814  1.00 44.09 ? 40 VAL B CA  1 
ATOM   758 C  C   . VAL B 1 52 ? -8.961  5.066   -7.670  1.00 45.58 ? 40 VAL B C   1 
ATOM   759 O  O   . VAL B 1 52 ? -8.680  3.896   -7.909  1.00 46.44 ? 40 VAL B O   1 
ATOM   760 C  CB  . VAL B 1 52 ? -10.084 4.617   -5.483  1.00 43.15 ? 40 VAL B CB  1 
ATOM   761 C  CG1 . VAL B 1 52 ? -8.779  4.875   -4.794  1.00 44.31 ? 40 VAL B CG1 1 
ATOM   762 C  CG2 . VAL B 1 52 ? -11.278 4.995   -4.556  1.00 43.21 ? 40 VAL B CG2 1 
ATOM   763 N  N   . ALA B 1 53 ? -8.258  6.099   -8.129  1.00 45.52 ? 41 ALA B N   1 
ATOM   764 C  CA  . ALA B 1 53 ? -7.120  5.903   -9.029  1.00 47.48 ? 41 ALA B CA  1 
ATOM   765 C  C   . ALA B 1 53 ? -5.904  5.453   -8.239  1.00 46.98 ? 41 ALA B C   1 
ATOM   766 O  O   . ALA B 1 53 ? -5.724  5.815   -7.067  1.00 46.43 ? 41 ALA B O   1 
ATOM   767 C  CB  . ALA B 1 53 ? -6.825  7.183   -9.797  1.00 48.77 ? 41 ALA B CB  1 
ATOM   768 N  N   . VAL B 1 54 ? -5.077  4.651   -8.888  1.00 45.93 ? 42 VAL B N   1 
ATOM   769 C  CA  . VAL B 1 54 ? -3.902  4.104   -8.291  1.00 45.46 ? 42 VAL B CA  1 
ATOM   770 C  C   . VAL B 1 54 ? -2.762  4.479   -9.209  1.00 46.56 ? 42 VAL B C   1 
ATOM   771 O  O   . VAL B 1 54 ? -2.829  4.163   -10.381 1.00 46.87 ? 42 VAL B O   1 
ATOM   772 C  CB  . VAL B 1 54 ? -4.004  2.577   -8.219  1.00 46.22 ? 42 VAL B CB  1 
ATOM   773 C  CG1 . VAL B 1 54 ? -2.712  1.999   -7.717  1.00 46.06 ? 42 VAL B CG1 1 
ATOM   774 C  CG2 . VAL B 1 54 ? -5.141  2.158   -7.282  1.00 49.31 ? 42 VAL B CG2 1 
ATOM   775 N  N   . HIS B 1 55 ? -1.727  5.149   -8.704  1.00 46.50 ? 43 HIS B N   1 
ATOM   776 C  CA  . HIS B 1 55 ? -0.662  5.665   -9.578  1.00 44.62 ? 43 HIS B CA  1 
ATOM   777 C  C   . HIS B 1 55 ? 0.676   5.187   -9.130  1.00 42.45 ? 43 HIS B C   1 
ATOM   778 O  O   . HIS B 1 55 ? 0.869   4.942   -7.964  1.00 43.68 ? 43 HIS B O   1 
ATOM   779 C  CB  . HIS B 1 55 ? -0.615  7.170   -9.468  1.00 45.91 ? 43 HIS B CB  1 
ATOM   780 C  CG  . HIS B 1 55 ? -1.949  7.832   -9.578  1.00 42.88 ? 43 HIS B CG  1 
ATOM   781 N  ND1 . HIS B 1 55 ? -2.484  8.217   -10.785 1.00 46.48 ? 43 HIS B ND1 1 
ATOM   782 C  CD2 . HIS B 1 55 ? -2.832  8.218   -8.627  1.00 49.78 ? 43 HIS B CD2 1 
ATOM   783 C  CE1 . HIS B 1 55 ? -3.651  8.806   -10.575 1.00 53.85 ? 43 HIS B CE1 1 
ATOM   784 N  NE2 . HIS B 1 55 ? -3.884  8.822   -9.271  1.00 48.24 ? 43 HIS B NE2 1 
ATOM   785 N  N   . ARG B 1 56 ? 1.630   5.099   -10.030 1.00 41.24 ? 44 ARG B N   1 
ATOM   786 C  CA  . ARG B 1 56 ? 3.004   5.099   -9.593  1.00 42.28 ? 44 ARG B CA  1 
ATOM   787 C  C   . ARG B 1 56 ? 3.268   6.588   -9.371  1.00 41.69 ? 44 ARG B C   1 
ATOM   788 O  O   . ARG B 1 56 ? 2.831   7.414   -10.155 1.00 44.25 ? 44 ARG B O   1 
ATOM   789 C  CB  . ARG B 1 56 ? 3.917   4.532   -10.667 1.00 42.77 ? 44 ARG B CB  1 
ATOM   790 C  CG  . ARG B 1 56 ? 3.617   3.085   -11.108 1.00 44.85 ? 44 ARG B CG  1 
ATOM   791 C  CD  . ARG B 1 56 ? 4.551   2.752   -12.317 1.00 45.01 ? 44 ARG B CD  1 
ATOM   792 N  NE  . ARG B 1 56 ? 4.646   1.335   -12.595 1.00 48.71 ? 44 ARG B NE  1 
ATOM   793 C  CZ  . ARG B 1 56 ? 3.785   0.654   -13.344 1.00 51.98 ? 44 ARG B CZ  1 
ATOM   794 N  NH1 . ARG B 1 56 ? 2.757   1.259   -13.925 1.00 51.94 ? 44 ARG B NH1 1 
ATOM   795 N  NH2 . ARG B 1 56 ? 3.953   -0.643  -13.504 1.00 53.68 ? 44 ARG B NH2 1 
ATOM   796 N  N   . GLU B 1 57 ? 3.931   6.954   -8.287  1.00 43.13 ? 45 GLU B N   1 
ATOM   797 C  CA  . GLU B 1 57 ? 4.143   8.366   -7.976  1.00 43.99 ? 45 GLU B CA  1 
ATOM   798 C  C   . GLU B 1 57 ? 4.980   9.127   -9.047  1.00 41.78 ? 45 GLU B C   1 
ATOM   799 O  O   . GLU B 1 57 ? 4.653   10.243  -9.432  1.00 40.84 ? 45 GLU B O   1 
ATOM   800 C  CB  . GLU B 1 57 ? 4.820   8.459   -6.620  1.00 46.55 ? 45 GLU B CB  1 
ATOM   801 C  CG  . GLU B 1 57 ? 4.957   9.844   -6.075  1.00 52.14 ? 45 GLU B CG  1 
ATOM   802 C  CD  . GLU B 1 57 ? 5.990   9.882   -4.985  1.00 61.00 ? 45 GLU B CD  1 
ATOM   803 O  OE1 . GLU B 1 57 ? 7.168   9.500   -5.259  1.00 71.73 ? 45 GLU B OE1 1 
ATOM   804 O  OE2 . GLU B 1 57 ? 5.619   10.268  -3.864  1.00 59.16 ? 45 GLU B OE2 1 
ATOM   805 N  N   . GLU B 1 58 ? 6.051   8.520   -9.531  1.00 41.70 ? 46 GLU B N   1 
ATOM   806 C  CA  . GLU B 1 58 ? 6.865   9.144   -10.562 1.00 40.40 ? 46 GLU B CA  1 
ATOM   807 C  C   . GLU B 1 58 ? 6.126   9.375   -11.904 1.00 41.19 ? 46 GLU B C   1 
ATOM   808 O  O   . GLU B 1 58 ? 6.502   10.258  -12.693 1.00 42.47 ? 46 GLU B O   1 
ATOM   809 C  CB  . GLU B 1 58 ? 8.148   8.323   -10.794 1.00 42.76 ? 46 GLU B CB  1 
ATOM   810 C  CG  . GLU B 1 58 ? 7.987   7.002   -11.566 1.00 46.62 ? 46 GLU B CG  1 
ATOM   811 C  CD  . GLU B 1 58 ? 7.543   5.811   -10.722 1.00 44.00 ? 46 GLU B CD  1 
ATOM   812 O  OE1 . GLU B 1 58 ? 7.384   5.931   -9.492  1.00 48.36 ? 46 GLU B OE1 1 
ATOM   813 O  OE2 . GLU B 1 58 ? 7.357   4.734   -11.306 1.00 45.53 ? 46 GLU B OE2 1 
ATOM   814 N  N   . ILE B 1 59 ? 5.112   8.560   -12.184 1.00 41.56 ? 47 ILE B N   1 
ATOM   815 C  CA  . ILE B 1 59 ? 4.264   8.751   -13.357 1.00 40.52 ? 47 ILE B CA  1 
ATOM   816 C  C   . ILE B 1 59 ? 3.217   9.823   -13.089 1.00 39.21 ? 47 ILE B C   1 
ATOM   817 O  O   . ILE B 1 59 ? 3.027   10.714  -13.894 1.00 35.98 ? 47 ILE B O   1 
ATOM   818 C  CB  . ILE B 1 59 ? 3.605   7.439   -13.792 1.00 40.37 ? 47 ILE B CB  1 
ATOM   819 C  CG1 . ILE B 1 59 ? 4.681   6.432   -14.211 1.00 38.74 ? 47 ILE B CG1 1 
ATOM   820 C  CG2 . ILE B 1 59 ? 2.592   7.678   -14.923 1.00 42.11 ? 47 ILE B CG2 1 
ATOM   821 C  CD1 . ILE B 1 59 ? 5.652   6.909   -15.347 1.00 39.44 ? 47 ILE B CD1 1 
ATOM   822 N  N   . TYR B 1 60 ? 2.537   9.733   -11.957 1.00 40.63 ? 48 TYR B N   1 
ATOM   823 C  CA  . TYR B 1 60 ? 1.654   10.802  -11.525 1.00 42.12 ? 48 TYR B CA  1 
ATOM   824 C  C   . TYR B 1 60 ? 2.358   12.185  -11.448 1.00 41.55 ? 48 TYR B C   1 
ATOM   825 O  O   . TYR B 1 60 ? 1.786   13.197  -11.834 1.00 40.77 ? 48 TYR B O   1 
ATOM   826 C  CB  . TYR B 1 60 ? 1.090   10.432  -10.174 1.00 44.01 ? 48 TYR B CB  1 
ATOM   827 C  CG  . TYR B 1 60 ? 0.179   11.460  -9.574  1.00 46.84 ? 48 TYR B CG  1 
ATOM   828 C  CD1 . TYR B 1 60 ? 0.683   12.515  -8.818  1.00 52.53 ? 48 TYR B CD1 1 
ATOM   829 C  CD2 . TYR B 1 60 ? -1.190  11.365  -9.714  1.00 52.71 ? 48 TYR B CD2 1 
ATOM   830 C  CE1 . TYR B 1 60 ? -0.164  13.441  -8.227  1.00 53.03 ? 48 TYR B CE1 1 
ATOM   831 C  CE2 . TYR B 1 60 ? -2.046  12.292  -9.139  1.00 48.47 ? 48 TYR B CE2 1 
ATOM   832 C  CZ  . TYR B 1 60 ? -1.531  13.321  -8.392  1.00 52.25 ? 48 TYR B CZ  1 
ATOM   833 O  OH  . TYR B 1 60 ? -2.383  14.243  -7.811  1.00 56.03 ? 48 TYR B OH  1 
ATOM   834 N  N   . GLN B 1 61 ? 3.600   12.240  -10.980 1.00 42.49 ? 49 GLN B N   1 
ATOM   835 C  CA  . GLN B 1 61 ? 4.323   13.518  -10.962 1.00 46.06 ? 49 GLN B CA  1 
ATOM   836 C  C   . GLN B 1 61 ? 4.580   14.080  -12.377 1.00 45.33 ? 49 GLN B C   1 
ATOM   837 O  O   . GLN B 1 61 ? 4.612   15.312  -12.579 1.00 45.94 ? 49 GLN B O   1 
ATOM   838 C  CB  . GLN B 1 61 ? 5.615   13.417  -10.129 1.00 46.75 ? 49 GLN B CB  1 
ATOM   839 C  CG  . GLN B 1 61 ? 5.304   13.411  -8.606  1.00 54.24 ? 49 GLN B CG  1 
ATOM   840 C  CD  . GLN B 1 61 ? 6.514   13.157  -7.697  1.00 56.19 ? 49 GLN B CD  1 
ATOM   841 O  OE1 . GLN B 1 61 ? 7.444   12.408  -8.035  1.00 66.11 ? 49 GLN B OE1 1 
ATOM   842 N  NE2 . GLN B 1 61 ? 6.489   13.774  -6.521  1.00 64.86 ? 49 GLN B NE2 1 
ATOM   843 N  N   . ARG B 1 62 ? 4.705   13.198  -13.360 1.00 43.29 ? 50 ARG B N   1 
ATOM   844 C  CA  . ARG B 1 62 ? 4.872   13.633  -14.748 1.00 43.60 ? 50 ARG B CA  1 
ATOM   845 C  C   . ARG B 1 62 ? 3.582   14.134  -15.370 1.00 43.41 ? 50 ARG B C   1 
ATOM   846 O  O   . ARG B 1 62 ? 3.578   15.150  -16.057 1.00 43.84 ? 50 ARG B O   1 
ATOM   847 C  CB  . ARG B 1 62 ? 5.422   12.493  -15.589 1.00 43.12 ? 50 ARG B CB  1 
ATOM   848 C  CG  . ARG B 1 62 ? 6.884   12.302  -15.343 1.00 47.61 ? 50 ARG B CG  1 
ATOM   849 C  CD  . ARG B 1 62 ? 7.502   11.229  -16.198 1.00 46.97 ? 50 ARG B CD  1 
ATOM   850 N  NE  . ARG B 1 62 ? 8.233   10.327  -15.324 1.00 51.66 ? 50 ARG B NE  1 
ATOM   851 C  CZ  . ARG B 1 62 ? 9.445   9.836   -15.547 1.00 50.45 ? 50 ARG B CZ  1 
ATOM   852 N  NH1 . ARG B 1 62 ? 10.124  10.122  -16.645 1.00 51.60 ? 50 ARG B NH1 1 
ATOM   853 N  NH2 . ARG B 1 62 ? 9.970   9.021   -14.645 1.00 55.82 ? 50 ARG B NH2 1 
ATOM   854 N  N   . ILE B 1 63 ? 2.500   13.390  -15.156 1.00 44.49 ? 51 ILE B N   1 
ATOM   855 C  CA  . ILE B 1 63 ? 1.156   13.795  -15.571 1.00 44.78 ? 51 ILE B CA  1 
ATOM   856 C  C   . ILE B 1 63 ? 0.898   15.214  -15.060 1.00 46.16 ? 51 ILE B C   1 
ATOM   857 O  O   . ILE B 1 63 ? 0.475   16.068  -15.824 1.00 47.75 ? 51 ILE B O   1 
ATOM   858 C  CB  . ILE B 1 63 ? 0.092   12.778  -15.064 1.00 45.96 ? 51 ILE B CB  1 
ATOM   859 C  CG1 . ILE B 1 63 ? 0.062   11.559  -15.987 1.00 46.10 ? 51 ILE B CG1 1 
ATOM   860 C  CG2 . ILE B 1 63 ? -1.319  13.397  -14.957 1.00 45.39 ? 51 ILE B CG2 1 
ATOM   861 C  CD1 . ILE B 1 63 ? -0.498  10.330  -15.330 1.00 47.03 ? 51 ILE B CD1 1 
ATOM   862 N  N   . GLN B 1 64 ? 1.211   15.474  -13.789 1.00 48.42 ? 52 GLN B N   1 
ATOM   863 C  CA  . GLN B 1 64 ? 1.034   16.811  -13.193 1.00 50.71 ? 52 GLN B CA  1 
ATOM   864 C  C   . GLN B 1 64 ? 1.735   17.980  -13.927 1.00 51.95 ? 52 GLN B C   1 
ATOM   865 O  O   . GLN B 1 64 ? 1.335   19.132  -13.772 1.00 54.04 ? 52 GLN B O   1 
ATOM   866 C  CB  . GLN B 1 64 ? 1.411   16.790  -11.703 1.00 52.03 ? 52 GLN B CB  1 
ATOM   867 C  CG  . GLN B 1 64 ? 0.409   16.028  -10.837 1.00 53.90 ? 52 GLN B CG  1 
ATOM   868 C  CD  . GLN B 1 64 ? -1.039  16.382  -11.168 1.00 59.71 ? 52 GLN B CD  1 
ATOM   869 O  OE1 . GLN B 1 64 ? -1.445  17.536  -11.025 1.00 66.96 ? 52 GLN B OE1 1 
ATOM   870 N  NE2 . GLN B 1 64 ? -1.819  15.393  -11.625 1.00 62.21 ? 52 GLN B NE2 1 
ATOM   871 N  N   . LYS B 1 65 ? 2.758   17.691  -14.727 1.00 52.85 ? 53 LYS B N   1 
ATOM   872 C  CA  . LYS B 1 65 ? 3.286   18.663  -15.689 1.00 52.32 ? 53 LYS B CA  1 
ATOM   873 C  C   . LYS B 1 65 ? 2.760   18.351  -17.095 1.00 51.54 ? 53 LYS B C   1 
ATOM   874 O  O   . LYS B 1 65 ? 1.740   18.887  -17.525 1.00 51.03 ? 53 LYS B O   1 
ATOM   875 C  CB  . LYS B 1 65 ? 4.808   18.619  -15.691 1.00 52.91 ? 53 LYS B CB  1 
ATOM   876 C  CG  . LYS B 1 65 ? 5.438   18.358  -14.312 1.00 53.76 ? 53 LYS B CG  1 
ATOM   877 C  CD  . LYS B 1 65 ? 6.824   19.010  -14.202 1.00 53.52 ? 53 LYS B CD  1 
ATOM   878 C  CE  . LYS B 1 65 ? 7.791   18.560  -15.309 1.00 52.06 ? 53 LYS B CE  1 
ATOM   879 N  NZ  . LYS B 1 65 ? 8.901   19.542  -15.509 1.00 53.93 ? 53 LYS B NZ  1 
HETATM 880 O  O   . HOH C 2 .  ? -10.668 4.776   7.553   1.00 41.49 ? 62 HOH A O   1 
HETATM 881 O  O   . HOH C 2 .  ? 9.743   -0.611  -11.081 1.00 50.89 ? 63 HOH A O   1 
HETATM 882 O  O   . HOH C 2 .  ? 4.966   6.607   1.380   1.00 32.41 ? 64 HOH A O   1 
HETATM 883 O  O   . HOH C 2 .  ? -3.476  -11.518 2.971   1.00 52.38 ? 65 HOH A O   1 
HETATM 884 O  O   . HOH C 2 .  ? -8.110  -2.712  -8.015  1.00 46.59 ? 66 HOH A O   1 
HETATM 885 O  O   . HOH C 2 .  ? -3.357  -6.081  -13.173 1.00 56.00 ? 67 HOH A O   1 
HETATM 886 O  O   . HOH C 2 .  ? 6.772   -0.423  -11.479 1.00 48.51 ? 68 HOH A O   1 
HETATM 887 O  O   . HOH C 2 .  ? 9.410   7.163   -3.806  1.00 39.93 ? 69 HOH A O   1 
HETATM 888 O  O   . HOH C 2 .  ? -8.729  2.568   13.289  1.00 53.82 ? 70 HOH A O   1 
HETATM 889 O  O   . HOH C 2 .  ? -4.531  4.128   11.363  1.00 46.77 ? 71 HOH A O   1 
HETATM 890 O  O   . HOH C 2 .  ? -8.133  7.145   11.634  1.00 52.65 ? 72 HOH A O   1 
HETATM 891 O  O   . HOH D 2 .  ? 6.106   10.212  -1.020  1.00 54.54 ? 62 HOH B O   1 
HETATM 892 O  O   . HOH D 2 .  ? 8.134   6.197   -7.006  1.00 32.13 ? 63 HOH B O   1 
HETATM 893 O  O   . HOH D 2 .  ? -4.671  -6.415  -2.104  1.00 36.12 ? 64 HOH B O   1 
HETATM 894 O  O   . HOH D 2 .  ? -0.923  12.906  13.067  1.00 48.26 ? 65 HOH B O   1 
HETATM 895 O  O   . HOH D 2 .  ? 1.099   8.836   12.908  1.00 45.03 ? 66 HOH B O   1 
HETATM 896 O  O   . HOH D 2 .  ? 3.355   5.568   13.265  1.00 48.07 ? 67 HOH B O   1 
HETATM 897 O  O   . HOH D 2 .  ? 4.703   -9.349  9.445   1.00 45.65 ? 68 HOH B O   1 
HETATM 898 O  O   . HOH D 2 .  ? -8.140  0.356   7.599   1.00 42.25 ? 69 HOH B O   1 
HETATM 899 O  O   . HOH D 2 .  ? -8.776  8.679   -7.017  1.00 53.29 ? 70 HOH B O   1 
HETATM 900 O  O   . HOH D 2 .  ? 7.916   4.665   -13.815 1.00 42.19 ? 71 HOH B O   1 
HETATM 901 O  O   . HOH D 2 .  ? -12.644 3.559   3.515   1.00 49.98 ? 72 HOH B O   1 
HETATM 902 O  O   . HOH D 2 .  ? -9.688  -1.979  3.647   1.00 47.71 ? 73 HOH B O   1 
# 
